data_5LP5
#
_entry.id   5LP5
#
_cell.length_a   338.656
_cell.length_b   48.340
_cell.length_c   151.513
_cell.angle_alpha   90.00
_cell.angle_beta   113.02
_cell.angle_gamma   90.00
#
_symmetry.space_group_name_H-M   'C 1 2 1'
#
loop_
_entity.id
_entity.type
_entity.pdbx_description
1 polymer 'Penicillin-binding protein 2 (Pbp2)'
2 polymer 'Rod shape-determining protein (MreC)'
3 water water
#
loop_
_entity_poly.entity_id
_entity_poly.type
_entity_poly.pdbx_seq_one_letter_code
_entity_poly.pdbx_strand_id
1 'polypeptide(L)'
;MKNLRYKLLLFVFIGFWGLLALNLFILSVKNQEYYEKLAERNMTKKEFLVPTRGNITDRNDEFLATNELVFGVFLPSGLK
QKDLLEKIEIIQKFFPNFSKETLLNNYQKENSLYNHNLIKVVGFIPYATMQPLYAKLIQTQGIFALPLDKRYYPNNALAS
HVLGYVGVASLQDLKDDEENQYSQIVGKTGIEKEYNKLLQGKVGYKIMRVNALNQELATLEVVLPSTNNHLQLSLDKRLQ
KEADKLFENKRGAILVMDAENGELLVAGSYPEYNLNDFVGGISQDKWQKLQDDIYNPLLNRFANALYPPGSVVKMGVGLS
FLENLHITENTTIPTPPFIEVGKHKFRDWKKTGHGNSNLYKAIRESVDVYFYKFGLEISIEKLSKTLREVGFGEKTGVDL
PNEFVGIVPDNLWKLKRFNQDWRVGDTLITAIGQGSFLATPLQVLAYTGLIATGKLATPHFAINNKQPLKDPLNSFQKKK
LQALRVGMYEVCNHKDGTAYHSTRGSKITLACKTGTAQVVEIAQNIVNRMKEKDMEYFHRSHAWITAFLPYEKPKYAITI
LVEHGEGGSKLGGLLVKMSNKLYELGYLHHHHHH
;
A,B
2 'polypeptide(L)'
;MRFYFKFLWLLGIFLIFYFLDFKGSSSYISDRIKNALMNAKNSLLDNVQAYFFQAQNIKEFQKERLILEALKLENADLKE
RLNSIYPLENPKMTYTPTFMTSFISLEDTHSVSLNPIVNLEENKIYGLVSHNQAIGIAVLEKGRLNGFLNAHKRCAYSVM
IGQNQVLGFIGTNFKQELVVDFIVPSAEINIGDQVLTSGLDGIFGAGVFVGEVSSIEDHYTYKSAVLKNAFLSGAKLLRH
VFLSDVKN
;
C,D,E,F
#
# COMPACT_ATOMS: atom_id res chain seq x y z
N ARG A 41 29.61 14.73 61.57
CA ARG A 41 28.81 14.70 60.30
C ARG A 41 28.92 13.33 59.60
N ASN A 42 30.16 12.92 59.26
CA ASN A 42 30.47 11.65 58.55
C ASN A 42 30.02 11.66 57.09
N MET A 43 29.30 10.60 56.70
CA MET A 43 28.73 10.48 55.36
C MET A 43 27.68 9.37 55.31
N THR A 44 26.83 9.41 54.28
CA THR A 44 25.69 8.49 54.14
C THR A 44 25.85 7.56 52.94
N LYS A 45 24.86 6.67 52.77
CA LYS A 45 24.95 5.60 51.77
C LYS A 45 23.55 5.15 51.33
N LYS A 46 23.35 4.98 50.02
CA LYS A 46 22.04 4.64 49.43
C LYS A 46 21.99 3.20 48.92
N GLU A 47 20.80 2.65 48.93
CA GLU A 47 20.61 1.27 48.53
C GLU A 47 19.22 1.11 47.99
N PHE A 48 19.11 0.73 46.72
CA PHE A 48 17.79 0.60 46.10
C PHE A 48 17.15 -0.74 46.49
N LEU A 49 15.83 -0.73 46.58
CA LEU A 49 15.06 -1.91 46.93
C LEU A 49 14.21 -2.21 45.72
N VAL A 50 14.61 -3.24 44.98
CA VAL A 50 14.09 -3.50 43.64
C VAL A 50 13.12 -4.68 43.67
N PRO A 51 11.84 -4.45 43.42
CA PRO A 51 10.87 -5.53 43.58
C PRO A 51 10.96 -6.58 42.50
N THR A 52 10.57 -7.81 42.83
CA THR A 52 10.65 -8.94 41.91
C THR A 52 9.56 -8.76 40.87
N ARG A 53 9.87 -9.05 39.62
CA ARG A 53 8.87 -8.83 38.54
C ARG A 53 7.64 -9.66 38.74
N GLY A 54 6.48 -9.03 38.59
CA GLY A 54 5.19 -9.64 38.92
C GLY A 54 4.84 -10.91 38.14
N ASN A 55 4.08 -11.79 38.78
CA ASN A 55 3.64 -13.04 38.15
C ASN A 55 2.47 -12.79 37.22
N ILE A 56 2.40 -13.58 36.16
CA ILE A 56 1.24 -13.56 35.27
C ILE A 56 0.41 -14.83 35.49
N THR A 57 -0.88 -14.61 35.78
CA THR A 57 -1.77 -15.71 36.12
C THR A 57 -2.98 -15.82 35.17
N ASP A 58 -3.19 -17.06 34.74
CA ASP A 58 -4.46 -17.61 34.26
C ASP A 58 -5.74 -17.19 35.03
N ARG A 59 -6.86 -17.34 34.36
CA ARG A 59 -8.19 -17.08 34.95
C ARG A 59 -8.37 -17.69 36.33
N ASN A 60 -7.84 -18.89 36.50
CA ASN A 60 -8.02 -19.70 37.70
C ASN A 60 -6.74 -19.80 38.51
N ASP A 61 -5.87 -18.80 38.35
CA ASP A 61 -4.67 -18.71 39.19
C ASP A 61 -3.60 -19.79 38.88
N GLU A 62 -3.63 -20.38 37.69
CA GLU A 62 -2.49 -21.15 37.22
C GLU A 62 -1.35 -20.18 36.81
N PHE A 63 -0.10 -20.62 36.94
CA PHE A 63 1.06 -19.84 36.50
C PHE A 63 1.28 -19.91 34.99
N LEU A 64 1.33 -18.74 34.37
CA LEU A 64 1.71 -18.61 32.97
C LEU A 64 3.13 -18.06 32.85
N ALA A 65 3.44 -17.10 33.72
CA ALA A 65 4.75 -16.43 33.77
C ALA A 65 5.17 -16.17 35.20
N THR A 66 6.42 -16.52 35.49
CA THR A 66 6.95 -16.41 36.82
C THR A 66 8.46 -16.19 36.83
N ASN A 67 9.06 -16.21 38.02
CA ASN A 67 10.51 -16.00 38.18
C ASN A 67 11.20 -17.20 38.87
N GLU A 68 12.43 -17.51 38.48
CA GLU A 68 13.21 -18.60 39.09
C GLU A 68 14.47 -18.07 39.74
N LEU A 69 14.65 -18.44 41.00
CA LEU A 69 15.79 -17.99 41.77
C LEU A 69 17.04 -18.75 41.35
N VAL A 70 18.00 -18.02 40.83
CA VAL A 70 19.24 -18.62 40.32
C VAL A 70 20.40 -17.78 40.86
N PHE A 71 21.62 -18.15 40.48
CA PHE A 71 22.81 -17.53 41.03
C PHE A 71 23.69 -16.87 39.98
N GLY A 72 24.77 -16.27 40.46
CA GLY A 72 25.66 -15.46 39.64
C GLY A 72 26.93 -15.29 40.42
N VAL A 73 28.08 -15.52 39.78
CA VAL A 73 29.36 -15.33 40.44
C VAL A 73 29.93 -13.99 40.02
N PHE A 74 30.27 -13.16 41.00
CA PHE A 74 30.70 -11.78 40.76
C PHE A 74 32.12 -11.53 41.26
N LEU A 75 32.85 -10.69 40.52
CA LEU A 75 34.15 -10.15 40.97
C LEU A 75 34.06 -8.63 41.09
N PRO A 76 34.87 -8.02 41.99
CA PRO A 76 34.79 -6.57 42.14
C PRO A 76 35.44 -5.83 40.95
N SER A 77 34.89 -4.67 40.59
CA SER A 77 35.40 -3.91 39.44
C SER A 77 36.68 -3.17 39.79
N GLY A 78 37.54 -3.00 38.80
CA GLY A 78 38.78 -2.23 38.97
C GLY A 78 39.87 -3.04 39.64
N LEU A 79 40.13 -4.22 39.07
CA LEU A 79 41.08 -5.17 39.64
C LEU A 79 42.32 -5.30 38.75
N LYS A 80 43.48 -5.59 39.35
CA LYS A 80 44.72 -5.79 38.60
C LYS A 80 44.61 -6.95 37.62
N GLN A 81 45.22 -6.83 36.45
CA GLN A 81 45.24 -7.88 35.40
C GLN A 81 45.87 -9.21 35.91
N LYS A 82 46.88 -9.12 36.76
CA LYS A 82 47.56 -10.30 37.30
C LYS A 82 46.64 -11.08 38.24
N ASP A 83 45.96 -10.34 39.11
CA ASP A 83 45.04 -10.92 40.08
C ASP A 83 43.78 -11.48 39.41
N LEU A 84 43.20 -10.68 38.52
CA LEU A 84 42.03 -11.07 37.74
C LEU A 84 42.20 -12.45 37.10
N LEU A 85 43.38 -12.69 36.50
CA LEU A 85 43.69 -13.98 35.88
C LEU A 85 43.65 -15.13 36.91
N GLU A 86 44.27 -14.90 38.06
CA GLU A 86 44.35 -15.92 39.09
C GLU A 86 42.97 -16.26 39.68
N LYS A 87 42.08 -15.27 39.71
CA LYS A 87 40.71 -15.48 40.17
C LYS A 87 39.86 -16.19 39.14
N ILE A 88 40.11 -15.93 37.87
CA ILE A 88 39.39 -16.63 36.80
C ILE A 88 39.81 -18.11 36.74
N GLU A 89 41.07 -18.40 37.08
CA GLU A 89 41.54 -19.78 37.20
C GLU A 89 40.76 -20.49 38.30
N ILE A 90 40.55 -19.79 39.41
CA ILE A 90 39.75 -20.30 40.53
C ILE A 90 38.31 -20.57 40.08
N ILE A 91 37.73 -19.64 39.32
CA ILE A 91 36.37 -19.79 38.84
C ILE A 91 36.26 -20.84 37.73
N GLN A 92 37.36 -21.08 37.02
CA GLN A 92 37.44 -22.19 36.06
C GLN A 92 37.25 -23.54 36.76
N LYS A 93 37.91 -23.73 37.89
CA LYS A 93 37.77 -24.97 38.66
C LYS A 93 36.29 -25.25 38.95
N PHE A 94 35.55 -24.25 39.42
CA PHE A 94 34.15 -24.45 39.84
C PHE A 94 33.20 -24.64 38.67
N PHE A 95 33.59 -24.20 37.48
CA PHE A 95 32.78 -24.37 36.27
C PHE A 95 33.68 -24.85 35.15
N PRO A 96 34.02 -26.15 35.15
CA PRO A 96 34.99 -26.65 34.17
C PRO A 96 34.37 -26.71 32.78
N ASN A 97 33.07 -26.44 32.71
CA ASN A 97 32.32 -26.47 31.47
C ASN A 97 32.38 -25.14 30.70
N PHE A 98 33.24 -24.20 31.13
CA PHE A 98 33.43 -22.88 30.50
C PHE A 98 34.93 -22.75 30.29
N SER A 99 35.35 -21.94 29.33
CA SER A 99 36.76 -21.85 28.96
C SER A 99 37.44 -20.62 29.60
N LYS A 100 38.68 -20.80 30.04
CA LYS A 100 39.46 -19.78 30.77
C LYS A 100 39.33 -18.41 30.13
N GLU A 101 39.22 -18.40 28.80
CA GLU A 101 39.13 -17.17 28.04
C GLU A 101 37.70 -16.68 27.81
N THR A 102 36.72 -17.58 27.63
CA THR A 102 35.31 -17.12 27.52
C THR A 102 34.92 -16.32 28.77
N LEU A 103 35.67 -16.52 29.85
CA LEU A 103 35.47 -15.80 31.11
C LEU A 103 36.19 -14.45 31.16
N LEU A 104 37.33 -14.29 30.48
CA LEU A 104 37.88 -12.94 30.24
C LEU A 104 36.78 -12.08 29.62
N ASN A 105 36.23 -12.61 28.52
CA ASN A 105 35.36 -11.85 27.64
C ASN A 105 34.16 -11.35 28.43
N ASN A 106 33.62 -12.22 29.28
CA ASN A 106 32.51 -11.89 30.16
C ASN A 106 32.86 -10.76 31.10
N TYR A 107 34.12 -10.68 31.55
CA TYR A 107 34.50 -9.64 32.49
C TYR A 107 34.19 -8.23 31.94
N GLN A 108 34.95 -7.76 30.94
CA GLN A 108 34.60 -6.49 30.28
C GLN A 108 33.61 -6.82 29.18
N LYS A 109 32.36 -6.45 29.40
CA LYS A 109 31.27 -6.76 28.47
C LYS A 109 30.15 -5.74 28.72
N GLU A 110 29.06 -5.82 27.93
CA GLU A 110 27.85 -4.99 28.14
C GLU A 110 26.80 -5.64 29.07
N ASN A 111 27.27 -6.26 30.17
CA ASN A 111 26.39 -6.85 31.19
C ASN A 111 26.43 -5.96 32.45
N SER A 112 26.98 -6.47 33.56
CA SER A 112 27.13 -5.72 34.83
C SER A 112 25.96 -5.93 35.83
N LEU A 113 25.84 -4.99 36.77
CA LEU A 113 24.84 -5.04 37.84
C LEU A 113 24.20 -3.65 38.03
N TYR A 114 23.30 -3.55 39.01
CA TYR A 114 22.69 -2.28 39.47
C TYR A 114 23.54 -1.52 40.51
N ASN A 115 24.67 -2.12 40.89
CA ASN A 115 25.49 -1.70 42.04
C ASN A 115 26.73 -0.87 41.64
N HIS A 116 27.25 -0.10 42.61
CA HIS A 116 28.40 0.82 42.43
C HIS A 116 29.77 0.09 42.35
N ASN A 117 29.74 -1.24 42.22
CA ASN A 117 30.92 -2.09 42.46
C ASN A 117 31.07 -3.27 41.47
N LEU A 118 30.08 -4.18 41.48
CA LEU A 118 30.34 -5.61 41.18
C LEU A 118 30.00 -6.06 39.76
N ILE A 119 30.87 -6.89 39.19
CA ILE A 119 30.74 -7.38 37.80
C ILE A 119 30.43 -8.88 37.71
N LYS A 120 29.40 -9.24 36.95
CA LYS A 120 28.93 -10.64 36.86
C LYS A 120 29.78 -11.52 35.93
N VAL A 121 30.58 -12.41 36.49
CA VAL A 121 31.42 -13.28 35.64
C VAL A 121 30.70 -14.51 35.08
N VAL A 122 30.09 -15.31 35.94
CA VAL A 122 29.18 -16.37 35.49
C VAL A 122 27.78 -16.00 35.93
N GLY A 123 26.84 -16.16 35.03
CA GLY A 123 25.44 -15.84 35.32
C GLY A 123 24.58 -17.05 35.04
N PHE A 124 23.32 -16.96 35.43
CA PHE A 124 22.36 -18.05 35.25
C PHE A 124 22.96 -19.36 35.71
N ILE A 125 23.07 -19.53 37.02
CA ILE A 125 23.51 -20.78 37.60
C ILE A 125 22.31 -21.40 38.33
N PRO A 126 21.96 -22.65 38.00
CA PRO A 126 20.83 -23.24 38.70
C PRO A 126 21.11 -23.47 40.17
N TYR A 127 20.06 -23.41 40.96
CA TYR A 127 20.18 -23.51 42.40
C TYR A 127 20.91 -24.81 42.73
N ALA A 128 20.55 -25.87 42.03
CA ALA A 128 21.06 -27.21 42.33
C ALA A 128 22.53 -27.30 42.00
N THR A 129 22.94 -26.60 40.97
CA THR A 129 24.35 -26.55 40.61
C THR A 129 25.19 -25.86 41.70
N MET A 130 24.58 -24.89 42.37
CA MET A 130 25.25 -24.07 43.38
C MET A 130 25.39 -24.86 44.70
N GLN A 131 24.62 -25.92 44.79
CA GLN A 131 24.47 -26.64 46.03
C GLN A 131 25.83 -27.11 46.61
N PRO A 132 26.70 -27.75 45.82
CA PRO A 132 28.05 -28.08 46.31
C PRO A 132 29.07 -26.93 46.22
N LEU A 133 28.76 -25.89 45.46
CA LEU A 133 29.69 -24.78 45.24
C LEU A 133 29.60 -23.65 46.25
N TYR A 134 28.41 -23.35 46.77
CA TYR A 134 28.27 -22.14 47.59
C TYR A 134 29.34 -22.07 48.68
N ALA A 135 29.51 -23.13 49.44
CA ALA A 135 30.51 -23.11 50.54
C ALA A 135 31.96 -22.91 50.08
N LYS A 136 32.30 -23.47 48.93
CA LYS A 136 33.65 -23.36 48.42
C LYS A 136 33.93 -21.95 47.92
N LEU A 137 32.93 -21.32 47.31
CA LEU A 137 33.05 -19.92 46.91
C LEU A 137 33.22 -18.98 48.11
N ILE A 138 32.60 -19.31 49.21
CA ILE A 138 32.67 -18.51 50.42
C ILE A 138 34.05 -18.53 51.07
N GLN A 139 34.86 -19.53 50.76
CA GLN A 139 36.18 -19.68 51.38
C GLN A 139 37.19 -18.72 50.78
N THR A 140 36.93 -18.21 49.58
CA THR A 140 37.86 -17.31 48.89
C THR A 140 37.41 -15.86 49.08
N GLN A 141 38.30 -15.02 49.64
CA GLN A 141 37.92 -13.71 50.22
C GLN A 141 37.30 -12.74 49.21
N GLY A 142 37.88 -12.61 48.03
CA GLY A 142 37.38 -11.66 47.05
C GLY A 142 36.42 -12.20 46.00
N ILE A 143 35.66 -13.25 46.32
CA ILE A 143 34.72 -13.84 45.36
C ILE A 143 33.31 -13.96 45.95
N PHE A 144 32.34 -13.43 45.20
CA PHE A 144 30.97 -13.25 45.68
C PHE A 144 30.00 -14.08 44.81
N ALA A 145 28.96 -14.62 45.44
CA ALA A 145 27.95 -15.41 44.74
C ALA A 145 26.56 -14.94 45.19
N LEU A 146 25.76 -14.46 44.24
CA LEU A 146 24.62 -13.64 44.56
C LEU A 146 23.40 -14.15 43.87
N PRO A 147 22.24 -14.02 44.53
CA PRO A 147 20.94 -14.43 44.00
C PRO A 147 20.41 -13.46 42.93
N LEU A 148 19.97 -14.03 41.82
CA LEU A 148 19.40 -13.28 40.69
C LEU A 148 18.06 -13.91 40.28
N ASP A 149 17.24 -13.13 39.58
CA ASP A 149 16.01 -13.61 38.99
C ASP A 149 16.16 -13.89 37.50
N LYS A 150 15.57 -14.98 37.05
CA LYS A 150 15.46 -15.30 35.64
C LYS A 150 14.01 -15.58 35.35
N ARG A 151 13.43 -14.95 34.34
CA ARG A 151 12.03 -15.14 34.01
C ARG A 151 11.84 -16.59 33.58
N TYR A 152 10.64 -17.11 33.83
CA TYR A 152 10.32 -18.50 33.53
C TYR A 152 8.86 -18.68 33.12
N TYR A 153 8.65 -19.32 31.98
CA TYR A 153 7.32 -19.58 31.43
C TYR A 153 7.11 -21.09 31.53
N PRO A 154 6.36 -21.51 32.56
CA PRO A 154 6.18 -22.93 32.84
C PRO A 154 5.65 -23.71 31.66
N ASN A 155 4.70 -23.14 30.94
CA ASN A 155 4.09 -23.88 29.84
C ASN A 155 4.79 -23.74 28.50
N ASN A 156 5.95 -23.12 28.50
CA ASN A 156 6.75 -22.95 27.29
C ASN A 156 6.11 -22.15 26.16
N ALA A 157 5.51 -22.84 25.19
CA ALA A 157 4.97 -22.18 24.00
C ALA A 157 3.46 -21.99 24.07
N LEU A 158 2.89 -22.27 25.24
CA LEU A 158 1.48 -22.02 25.43
C LEU A 158 1.24 -20.53 25.44
N ALA A 159 0.37 -20.07 24.54
CA ALA A 159 -0.08 -18.67 24.50
C ALA A 159 1.09 -17.73 24.32
N SER A 160 2.15 -18.23 23.70
CA SER A 160 3.35 -17.45 23.50
C SER A 160 3.07 -16.09 22.86
N HIS A 161 2.03 -16.02 22.02
CA HIS A 161 1.73 -14.77 21.32
C HIS A 161 0.85 -13.84 22.15
N VAL A 162 0.35 -14.33 23.28
CA VAL A 162 -0.33 -13.46 24.24
C VAL A 162 0.63 -12.94 25.28
N LEU A 163 1.35 -13.85 25.91
CA LEU A 163 2.20 -13.51 27.03
C LEU A 163 3.37 -12.61 26.61
N GLY A 164 4.07 -12.99 25.55
CA GLY A 164 5.27 -12.32 25.12
C GLY A 164 6.39 -12.62 26.10
N TYR A 165 7.53 -11.96 25.90
CA TYR A 165 8.72 -12.25 26.69
C TYR A 165 9.51 -11.01 27.07
N VAL A 166 10.30 -11.15 28.11
CA VAL A 166 11.15 -10.09 28.61
C VAL A 166 12.59 -10.30 28.13
N GLY A 167 13.32 -9.19 28.02
CA GLY A 167 14.71 -9.24 27.59
C GLY A 167 15.55 -8.17 28.24
N VAL A 168 16.81 -8.10 27.83
CA VAL A 168 17.73 -7.09 28.36
C VAL A 168 17.31 -5.73 27.85
N ALA A 169 17.24 -4.76 28.76
CA ALA A 169 16.93 -3.37 28.41
C ALA A 169 17.85 -2.93 27.29
N SER A 170 17.26 -2.55 26.15
CA SER A 170 18.03 -1.92 25.09
C SER A 170 18.37 -0.50 25.54
N LEU A 171 19.43 0.06 24.96
CA LEU A 171 19.84 1.43 25.31
C LEU A 171 18.71 2.42 24.98
N GLN A 172 17.85 2.05 24.03
CA GLN A 172 16.66 2.85 23.71
C GLN A 172 15.52 2.64 24.70
N ASP A 173 15.44 1.44 25.28
CA ASP A 173 14.47 1.14 26.35
C ASP A 173 14.73 1.99 27.62
N LEU A 174 16.00 2.13 28.01
CA LEU A 174 16.37 2.93 29.20
C LEU A 174 15.93 4.37 29.03
N LYS A 175 16.01 4.84 27.78
CA LYS A 175 15.55 6.17 27.37
C LYS A 175 14.03 6.29 27.49
N ASP A 176 13.30 5.29 26.99
CA ASP A 176 11.83 5.27 26.98
C ASP A 176 11.22 5.45 28.36
N ASP A 177 11.69 4.66 29.31
CA ASP A 177 11.23 4.73 30.69
C ASP A 177 12.46 4.67 31.56
N GLU A 178 12.87 5.82 32.09
CA GLU A 178 14.10 5.91 32.89
C GLU A 178 14.17 4.82 33.98
N GLU A 179 13.02 4.40 34.52
CA GLU A 179 12.99 3.40 35.59
C GLU A 179 13.21 1.94 35.13
N ASN A 180 13.47 1.72 33.85
CA ASN A 180 13.85 0.37 33.40
C ASN A 180 15.26 -0.01 33.87
N GLN A 181 16.00 0.94 34.43
CA GLN A 181 17.43 0.76 34.71
C GLN A 181 17.75 -0.10 35.93
N TYR A 182 16.85 -0.12 36.91
CA TYR A 182 17.15 -0.75 38.20
C TYR A 182 17.08 -2.27 38.11
N SER A 183 16.33 -2.78 37.14
CA SER A 183 16.24 -4.22 36.91
C SER A 183 17.00 -4.69 35.67
N GLN A 184 17.06 -3.85 34.64
CA GLN A 184 17.55 -4.26 33.31
C GLN A 184 16.75 -5.45 32.74
N ILE A 185 15.46 -5.50 33.09
CA ILE A 185 14.54 -6.51 32.60
C ILE A 185 13.25 -5.80 32.16
N VAL A 186 12.98 -5.86 30.87
CA VAL A 186 11.80 -5.20 30.28
C VAL A 186 11.04 -6.10 29.30
N GLY A 187 9.74 -5.86 29.20
CA GLY A 187 8.90 -6.65 28.32
C GLY A 187 9.22 -6.24 26.91
N LYS A 188 9.33 -7.22 26.02
CA LYS A 188 9.62 -6.96 24.60
C LYS A 188 8.36 -7.10 23.76
N THR A 189 7.63 -8.21 23.93
CA THR A 189 6.40 -8.45 23.16
C THR A 189 5.20 -8.73 24.02
N GLY A 190 4.04 -8.54 23.43
CA GLY A 190 2.78 -8.91 24.08
C GLY A 190 2.54 -8.32 25.46
N ILE A 191 1.92 -9.12 26.32
CA ILE A 191 1.50 -8.68 27.65
C ILE A 191 2.68 -8.21 28.51
N GLU A 192 3.81 -8.91 28.41
CA GLU A 192 4.99 -8.49 29.16
C GLU A 192 5.34 -7.06 28.81
N LYS A 193 5.12 -6.70 27.56
CA LYS A 193 5.38 -5.35 27.11
C LYS A 193 4.20 -4.43 27.44
N GLU A 194 2.99 -4.83 27.08
CA GLU A 194 1.84 -3.95 27.27
C GLU A 194 1.71 -3.55 28.76
N TYR A 195 1.95 -4.49 29.66
CA TYR A 195 1.76 -4.22 31.08
C TYR A 195 3.09 -4.17 31.82
N ASN A 196 4.12 -3.64 31.14
CA ASN A 196 5.47 -3.63 31.72
C ASN A 196 5.54 -2.84 33.01
N LYS A 197 5.02 -1.61 32.97
CA LYS A 197 5.02 -0.75 34.14
C LYS A 197 4.41 -1.43 35.35
N LEU A 198 3.25 -2.04 35.16
CA LEU A 198 2.60 -2.79 36.24
C LEU A 198 3.49 -3.92 36.75
N LEU A 199 3.88 -4.81 35.85
CA LEU A 199 4.61 -6.04 36.21
C LEU A 199 5.94 -5.75 36.89
N GLN A 200 6.58 -4.69 36.45
CA GLN A 200 7.88 -4.31 36.96
C GLN A 200 7.78 -3.71 38.35
N GLY A 201 6.73 -2.95 38.58
CA GLY A 201 6.57 -2.26 39.86
C GLY A 201 7.46 -1.04 40.02
N LYS A 202 7.44 -0.45 41.21
CA LYS A 202 8.18 0.78 41.50
C LYS A 202 9.34 0.47 42.45
N VAL A 203 10.51 1.04 42.21
CA VAL A 203 11.62 0.90 43.15
C VAL A 203 11.35 1.70 44.40
N GLY A 204 11.98 1.25 45.48
CA GLY A 204 12.07 2.03 46.68
C GLY A 204 13.54 2.22 46.90
N TYR A 205 13.88 2.89 47.99
CA TYR A 205 15.26 3.08 48.33
C TYR A 205 15.43 3.18 49.84
N LYS A 206 16.66 3.02 50.30
CA LYS A 206 16.93 3.09 51.71
C LYS A 206 18.26 3.77 51.94
N ILE A 207 18.24 4.93 52.60
CA ILE A 207 19.44 5.72 52.85
C ILE A 207 19.87 5.54 54.30
N MET A 208 21.17 5.30 54.50
CA MET A 208 21.69 4.86 55.79
C MET A 208 22.96 5.60 56.19
N ARG A 209 23.11 5.84 57.49
CA ARG A 209 24.35 6.35 58.06
C ARG A 209 25.39 5.21 58.11
N VAL A 210 26.64 5.53 57.76
CA VAL A 210 27.72 4.56 57.75
C VAL A 210 28.98 5.14 58.39
N ASN A 211 29.86 4.25 58.85
CA ASN A 211 31.17 4.64 59.39
C ASN A 211 32.24 4.44 58.32
N ALA A 212 33.51 4.66 58.68
CA ALA A 212 34.61 4.46 57.73
C ALA A 212 34.69 3.01 57.20
N LEU A 213 34.45 2.04 58.08
CA LEU A 213 34.42 0.61 57.71
C LEU A 213 33.28 0.30 56.73
N ASN A 214 32.54 1.35 56.35
CA ASN A 214 31.37 1.27 55.45
C ASN A 214 30.33 0.25 55.91
N GLN A 215 30.10 0.22 57.22
CA GLN A 215 29.06 -0.60 57.79
C GLN A 215 27.83 0.26 58.09
N GLU A 216 26.70 -0.41 58.30
CA GLU A 216 25.42 0.29 58.44
C GLU A 216 25.19 0.68 59.89
N LEU A 217 24.70 1.90 60.08
CA LEU A 217 24.27 2.39 61.39
C LEU A 217 22.76 2.65 61.32
N ALA A 218 22.32 3.85 61.69
CA ALA A 218 20.90 4.18 61.60
C ALA A 218 20.40 4.22 60.16
N THR A 219 19.18 3.77 59.94
CA THR A 219 18.45 4.07 58.72
C THR A 219 17.97 5.51 58.85
N LEU A 220 18.28 6.33 57.86
CA LEU A 220 17.90 7.75 57.89
C LEU A 220 16.61 8.04 57.13
N GLU A 221 16.37 7.23 56.10
CA GLU A 221 15.19 7.35 55.25
C GLU A 221 14.86 5.95 54.69
N VAL A 222 13.58 5.65 54.57
CA VAL A 222 13.12 4.48 53.84
C VAL A 222 11.96 4.93 52.98
N VAL A 223 11.97 4.49 51.73
CA VAL A 223 10.80 4.51 50.88
C VAL A 223 10.62 3.08 50.42
N LEU A 224 9.47 2.49 50.67
CA LEU A 224 9.25 1.08 50.29
C LEU A 224 8.90 0.87 48.81
N PRO A 225 9.25 -0.31 48.27
CA PRO A 225 8.90 -0.61 46.90
C PRO A 225 7.48 -1.09 46.81
N SER A 226 6.88 -1.00 45.63
CA SER A 226 5.54 -1.55 45.41
C SER A 226 5.59 -3.06 45.61
N THR A 227 4.44 -3.66 45.85
CA THR A 227 4.39 -5.07 46.18
C THR A 227 3.41 -5.86 45.30
N ASN A 228 2.13 -5.48 45.27
CA ASN A 228 1.17 -6.19 44.41
C ASN A 228 1.41 -5.83 42.95
N ASN A 229 2.37 -6.54 42.34
CA ASN A 229 2.76 -6.34 40.96
C ASN A 229 2.23 -7.44 40.04
N HIS A 230 1.51 -8.41 40.61
CA HIS A 230 0.97 -9.56 39.84
C HIS A 230 -0.13 -9.14 38.88
N LEU A 231 -0.40 -9.99 37.91
CA LEU A 231 -1.40 -9.71 36.87
C LEU A 231 -2.18 -10.96 36.49
N GLN A 232 -3.50 -10.84 36.54
CA GLN A 232 -4.37 -11.96 36.19
C GLN A 232 -5.02 -11.77 34.82
N LEU A 233 -4.89 -12.80 33.97
CA LEU A 233 -5.47 -12.82 32.62
C LEU A 233 -6.69 -13.72 32.57
N SER A 234 -7.55 -13.44 31.60
CA SER A 234 -8.81 -14.16 31.43
C SER A 234 -8.67 -15.50 30.75
N LEU A 235 -7.52 -15.80 30.17
CA LEU A 235 -7.32 -17.11 29.56
C LEU A 235 -7.68 -18.25 30.51
N ASP A 236 -8.13 -19.38 29.95
CA ASP A 236 -8.21 -20.62 30.70
C ASP A 236 -7.20 -21.59 30.13
N LYS A 237 -6.27 -22.00 30.95
CA LYS A 237 -5.15 -22.87 30.54
C LYS A 237 -5.61 -24.17 29.88
N ARG A 238 -6.74 -24.72 30.31
CA ARG A 238 -7.24 -25.95 29.73
C ARG A 238 -7.74 -25.70 28.32
N LEU A 239 -8.55 -24.65 28.18
CA LEU A 239 -9.09 -24.27 26.87
C LEU A 239 -8.01 -23.97 25.84
N GLN A 240 -6.89 -23.35 26.27
CA GLN A 240 -5.77 -23.08 25.35
C GLN A 240 -5.04 -24.35 24.96
N LYS A 241 -4.92 -25.29 25.88
CA LYS A 241 -4.29 -26.55 25.52
C LYS A 241 -5.12 -27.29 24.49
N GLU A 242 -6.45 -27.17 24.61
CA GLU A 242 -7.36 -27.72 23.61
C GLU A 242 -7.09 -27.05 22.28
N ALA A 243 -7.04 -25.72 22.31
CA ALA A 243 -6.77 -24.92 21.12
C ALA A 243 -5.48 -25.35 20.45
N ASP A 244 -4.42 -25.55 21.22
CA ASP A 244 -3.16 -26.01 20.65
C ASP A 244 -3.37 -27.36 19.97
N LYS A 245 -4.01 -28.29 20.66
CA LYS A 245 -4.27 -29.64 20.12
C LYS A 245 -4.99 -29.58 18.77
N LEU A 246 -5.97 -28.69 18.65
CA LEU A 246 -6.77 -28.60 17.43
C LEU A 246 -5.95 -28.13 16.25
N PHE A 247 -4.98 -27.24 16.50
CA PHE A 247 -4.09 -26.68 15.45
C PHE A 247 -2.75 -27.39 15.40
N GLU A 248 -2.77 -28.70 15.63
CA GLU A 248 -1.54 -29.44 15.89
C GLU A 248 -0.67 -29.55 14.65
N ASN A 249 -1.30 -29.72 13.49
CA ASN A 249 -0.59 -29.75 12.21
C ASN A 249 -1.03 -28.60 11.30
N LYS A 250 -1.49 -27.52 11.89
CA LYS A 250 -2.16 -26.45 11.15
C LYS A 250 -1.56 -25.09 11.49
N ARG A 251 -1.58 -24.16 10.53
CA ARG A 251 -1.27 -22.76 10.83
C ARG A 251 -2.56 -21.96 10.79
N GLY A 252 -2.62 -20.91 11.59
CA GLY A 252 -3.81 -20.07 11.63
C GLY A 252 -3.96 -19.45 13.00
N ALA A 253 -5.22 -19.31 13.44
CA ALA A 253 -5.51 -18.64 14.71
C ALA A 253 -6.90 -18.98 15.21
N ILE A 254 -7.04 -18.98 16.54
CA ILE A 254 -8.31 -19.31 17.18
C ILE A 254 -8.62 -18.47 18.43
N LEU A 255 -9.88 -18.10 18.59
CA LEU A 255 -10.29 -17.13 19.60
C LEU A 255 -11.59 -17.52 20.21
N VAL A 256 -11.63 -17.52 21.54
CA VAL A 256 -12.88 -17.68 22.27
C VAL A 256 -13.07 -16.42 23.09
N MET A 257 -14.30 -15.91 23.12
CA MET A 257 -14.56 -14.67 23.85
C MET A 257 -15.90 -14.59 24.53
N ASP A 258 -15.87 -14.23 25.81
CA ASP A 258 -17.09 -13.86 26.55
C ASP A 258 -17.69 -12.62 25.89
N ALA A 259 -18.80 -12.80 25.17
CA ALA A 259 -19.39 -11.75 24.35
C ALA A 259 -20.14 -10.65 25.13
N GLU A 260 -20.20 -10.80 26.46
CA GLU A 260 -20.87 -9.82 27.33
C GLU A 260 -19.92 -8.79 27.94
N ASN A 261 -18.63 -9.11 28.04
CA ASN A 261 -17.61 -8.19 28.58
C ASN A 261 -16.28 -8.12 27.83
N GLY A 262 -16.03 -9.07 26.94
CA GLY A 262 -14.85 -9.01 26.07
C GLY A 262 -13.64 -9.81 26.52
N GLU A 263 -13.83 -10.67 27.52
CA GLU A 263 -12.73 -11.47 28.02
C GLU A 263 -12.35 -12.54 26.99
N LEU A 264 -11.06 -12.66 26.71
CA LEU A 264 -10.55 -13.70 25.85
C LEU A 264 -10.13 -14.93 26.68
N LEU A 265 -10.81 -16.04 26.44
CA LEU A 265 -10.50 -17.28 27.10
C LEU A 265 -9.47 -18.06 26.29
N VAL A 266 -9.49 -17.91 24.97
CA VAL A 266 -8.46 -18.46 24.10
C VAL A 266 -7.97 -17.40 23.14
N ALA A 267 -6.70 -17.51 22.76
CA ALA A 267 -6.06 -16.71 21.71
C ALA A 267 -4.82 -17.48 21.23
N GLY A 268 -5.03 -18.34 20.24
CA GLY A 268 -3.94 -19.10 19.68
C GLY A 268 -3.48 -18.53 18.37
N SER A 269 -2.17 -18.54 18.16
CA SER A 269 -1.59 -18.21 16.85
C SER A 269 -0.57 -19.26 16.49
N TYR A 270 -0.70 -19.85 15.31
CA TYR A 270 0.02 -21.10 15.01
C TYR A 270 0.82 -21.04 13.73
N PRO A 271 2.14 -21.29 13.85
CA PRO A 271 2.84 -21.76 15.03
C PRO A 271 3.02 -20.77 16.17
N GLU A 272 2.88 -21.25 17.41
CA GLU A 272 3.40 -20.57 18.59
C GLU A 272 4.92 -20.84 18.67
N TYR A 273 5.62 -20.18 19.61
CA TYR A 273 7.05 -20.44 19.85
C TYR A 273 7.35 -20.46 21.35
N ASN A 274 8.49 -21.03 21.74
CA ASN A 274 8.79 -21.29 23.15
C ASN A 274 9.47 -20.11 23.81
N LEU A 275 8.70 -19.41 24.63
CA LEU A 275 9.13 -18.18 25.26
C LEU A 275 10.42 -18.32 26.08
N ASN A 276 10.70 -19.52 26.58
CA ASN A 276 11.90 -19.71 27.41
C ASN A 276 13.20 -19.54 26.63
N ASP A 277 13.16 -19.74 25.32
CA ASP A 277 14.40 -19.66 24.51
C ASP A 277 14.92 -18.22 24.37
N PHE A 278 14.09 -17.24 24.70
CA PHE A 278 14.50 -15.85 24.66
C PHE A 278 15.11 -15.36 25.98
N VAL A 279 14.83 -16.04 27.08
CA VAL A 279 15.06 -15.43 28.40
C VAL A 279 16.50 -14.93 28.68
N GLY A 280 17.52 -15.72 28.32
CA GLY A 280 18.89 -15.30 28.56
C GLY A 280 19.57 -14.71 27.34
N GLY A 281 18.83 -13.97 26.52
CA GLY A 281 19.24 -13.68 25.13
C GLY A 281 18.95 -14.90 24.27
N ILE A 282 18.60 -14.70 23.01
CA ILE A 282 18.32 -15.84 22.11
C ILE A 282 19.62 -16.31 21.46
N SER A 283 19.77 -17.62 21.29
CA SER A 283 20.96 -18.17 20.63
C SER A 283 20.92 -18.00 19.11
N GLN A 284 22.09 -17.84 18.50
CA GLN A 284 22.21 -17.69 17.04
C GLN A 284 21.50 -18.86 16.36
N ASP A 285 21.64 -20.04 16.95
CA ASP A 285 20.98 -21.24 16.43
C ASP A 285 19.45 -21.20 16.46
N LYS A 286 18.86 -20.73 17.55
CA LYS A 286 17.40 -20.71 17.67
C LYS A 286 16.75 -19.56 16.94
N TRP A 287 17.47 -18.45 16.80
CA TRP A 287 16.97 -17.31 16.06
C TRP A 287 16.84 -17.65 14.57
N GLN A 288 17.82 -18.37 14.05
CA GLN A 288 17.78 -18.87 12.68
C GLN A 288 16.59 -19.81 12.50
N LYS A 289 16.38 -20.68 13.49
CA LYS A 289 15.31 -21.67 13.39
C LYS A 289 13.95 -21.03 13.31
N LEU A 290 13.79 -19.90 13.99
CA LEU A 290 12.49 -19.21 14.03
C LEU A 290 12.30 -18.32 12.81
N GLN A 291 13.35 -17.59 12.45
CA GLN A 291 13.30 -16.65 11.32
C GLN A 291 13.11 -17.39 10.01
N ASP A 292 13.86 -18.49 9.84
CA ASP A 292 13.86 -19.28 8.59
C ASP A 292 12.84 -20.42 8.54
N ASP A 293 12.10 -20.62 9.62
CA ASP A 293 10.87 -21.42 9.54
C ASP A 293 9.94 -20.64 8.60
N ILE A 294 9.58 -21.29 7.49
CA ILE A 294 8.75 -20.65 6.49
C ILE A 294 7.35 -20.33 7.02
N TYR A 295 6.87 -21.08 8.03
CA TYR A 295 5.51 -20.85 8.53
C TYR A 295 5.46 -19.65 9.46
N ASN A 296 6.60 -19.02 9.70
CA ASN A 296 6.63 -17.70 10.34
C ASN A 296 6.06 -17.73 11.78
N PRO A 297 6.84 -18.29 12.73
CA PRO A 297 6.40 -18.45 14.11
C PRO A 297 6.26 -17.15 14.87
N LEU A 298 7.03 -16.13 14.49
CA LEU A 298 7.01 -14.88 15.21
C LEU A 298 5.76 -14.07 14.91
N LEU A 299 4.97 -14.52 13.95
CA LEU A 299 3.78 -13.80 13.55
C LEU A 299 2.63 -14.07 14.51
N ASN A 300 2.10 -12.96 15.06
CA ASN A 300 0.86 -12.96 15.77
C ASN A 300 -0.26 -12.88 14.73
N ARG A 301 -0.99 -13.97 14.58
CA ARG A 301 -1.98 -14.07 13.54
C ARG A 301 -3.40 -13.62 13.95
N PHE A 302 -3.69 -13.44 15.24
CA PHE A 302 -5.01 -12.94 15.63
C PHE A 302 -5.10 -11.40 15.68
N ALA A 303 -3.95 -10.73 15.83
CA ALA A 303 -3.86 -9.26 15.95
C ALA A 303 -2.93 -8.57 14.95
N ASN A 304 -1.96 -9.27 14.39
CA ASN A 304 -0.95 -8.66 13.51
C ASN A 304 -0.80 -9.41 12.18
N ALA A 305 -1.93 -9.77 11.61
CA ALA A 305 -1.99 -10.49 10.33
C ALA A 305 -3.33 -10.21 9.70
N LEU A 306 -3.30 -9.99 8.40
CA LEU A 306 -4.48 -9.59 7.63
C LEU A 306 -4.87 -10.67 6.60
N TYR A 307 -6.16 -10.96 6.53
CA TYR A 307 -6.68 -11.95 5.59
C TYR A 307 -8.00 -11.41 5.00
N PRO A 308 -8.34 -11.82 3.76
CA PRO A 308 -9.68 -11.48 3.24
C PRO A 308 -10.74 -12.21 4.05
N PRO A 309 -11.76 -11.49 4.53
CA PRO A 309 -12.73 -12.17 5.39
C PRO A 309 -13.56 -13.25 4.69
N GLY A 310 -13.79 -13.07 3.39
CA GLY A 310 -14.67 -13.95 2.63
C GLY A 310 -16.13 -13.78 3.05
N SER A 311 -16.89 -14.86 2.93
CA SER A 311 -18.34 -14.83 3.14
C SER A 311 -18.78 -14.38 4.55
N VAL A 312 -17.88 -14.40 5.54
CA VAL A 312 -18.24 -14.06 6.94
C VAL A 312 -18.86 -12.66 7.10
N VAL A 313 -18.55 -11.79 6.14
CA VAL A 313 -19.06 -10.43 6.15
C VAL A 313 -20.54 -10.34 5.77
N LYS A 314 -21.09 -11.43 5.23
CA LYS A 314 -22.38 -11.39 4.53
C LYS A 314 -23.54 -10.88 5.36
N MET A 315 -23.57 -11.20 6.65
CA MET A 315 -24.64 -10.68 7.51
C MET A 315 -24.45 -9.18 7.80
N GLY A 316 -23.21 -8.70 7.74
CA GLY A 316 -22.95 -7.26 7.82
C GLY A 316 -23.39 -6.54 6.55
N VAL A 317 -23.14 -7.17 5.42
CA VAL A 317 -23.54 -6.66 4.09
C VAL A 317 -25.08 -6.64 3.97
N GLY A 318 -25.69 -7.77 4.28
CA GLY A 318 -27.14 -7.89 4.31
C GLY A 318 -27.75 -6.80 5.18
N LEU A 319 -27.16 -6.58 6.36
CA LEU A 319 -27.68 -5.56 7.26
C LEU A 319 -27.70 -4.18 6.61
N SER A 320 -26.71 -3.91 5.77
CA SER A 320 -26.66 -2.65 5.03
C SER A 320 -27.76 -2.58 3.97
N PHE A 321 -28.02 -3.68 3.27
CA PHE A 321 -29.08 -3.73 2.27
C PHE A 321 -30.40 -3.32 2.88
N LEU A 322 -30.76 -4.03 3.94
CA LEU A 322 -32.04 -3.84 4.62
C LEU A 322 -32.19 -2.42 5.12
N GLU A 323 -31.06 -1.81 5.45
CA GLU A 323 -31.05 -0.48 6.04
C GLU A 323 -31.20 0.61 4.97
N ASN A 324 -30.58 0.41 3.82
CA ASN A 324 -30.43 1.46 2.81
C ASN A 324 -31.37 1.33 1.63
N LEU A 325 -31.83 0.11 1.35
CA LEU A 325 -32.71 -0.15 0.22
C LEU A 325 -34.17 -0.21 0.70
N HIS A 326 -35.09 -0.46 -0.24
CA HIS A 326 -36.50 -0.71 0.08
C HIS A 326 -36.83 -2.19 -0.05
N ILE A 327 -36.31 -2.99 0.89
CA ILE A 327 -36.43 -4.45 0.85
C ILE A 327 -36.48 -5.05 2.26
N THR A 328 -36.67 -6.36 2.35
CA THR A 328 -36.71 -7.06 3.64
C THR A 328 -35.99 -8.42 3.60
N GLU A 329 -35.87 -9.00 4.78
CA GLU A 329 -35.26 -10.31 4.95
C GLU A 329 -35.93 -11.37 4.09
N ASN A 330 -37.21 -11.16 3.76
CA ASN A 330 -37.99 -12.12 2.98
C ASN A 330 -38.01 -11.85 1.49
N THR A 331 -37.49 -10.71 1.07
CA THR A 331 -37.36 -10.42 -0.34
C THR A 331 -36.61 -11.56 -1.02
N THR A 332 -37.33 -12.26 -1.87
CA THR A 332 -36.79 -13.44 -2.54
C THR A 332 -36.51 -13.05 -3.99
N ILE A 333 -35.36 -13.47 -4.51
CA ILE A 333 -35.01 -13.23 -5.91
C ILE A 333 -34.35 -14.46 -6.52
N PRO A 334 -34.40 -14.60 -7.85
CA PRO A 334 -33.77 -15.75 -8.52
C PRO A 334 -32.23 -15.76 -8.47
N THR A 335 -31.66 -16.92 -8.15
CA THR A 335 -30.23 -17.05 -7.91
C THR A 335 -29.60 -18.12 -8.82
N PRO A 336 -29.24 -17.72 -10.04
CA PRO A 336 -28.58 -18.61 -10.99
C PRO A 336 -27.10 -18.83 -10.66
N PRO A 337 -26.43 -19.72 -11.42
CA PRO A 337 -25.00 -20.00 -11.24
C PRO A 337 -24.10 -18.77 -11.37
N PHE A 338 -24.54 -17.75 -12.08
CA PHE A 338 -23.76 -16.53 -12.27
C PHE A 338 -24.67 -15.39 -12.69
N ILE A 339 -24.10 -14.19 -12.83
CA ILE A 339 -24.78 -13.09 -13.51
C ILE A 339 -23.81 -12.40 -14.47
N GLU A 340 -24.36 -11.67 -15.44
CA GLU A 340 -23.55 -10.79 -16.30
C GLU A 340 -23.98 -9.37 -16.05
N VAL A 341 -23.01 -8.45 -16.07
CA VAL A 341 -23.32 -7.03 -15.87
C VAL A 341 -22.90 -6.17 -17.07
N GLY A 342 -21.65 -6.30 -17.51
CA GLY A 342 -21.23 -5.64 -18.73
C GLY A 342 -20.32 -6.56 -19.51
N LYS A 343 -19.03 -6.28 -19.41
CA LYS A 343 -18.02 -7.06 -20.09
C LYS A 343 -17.75 -8.38 -19.34
N HIS A 344 -18.12 -8.47 -18.07
CA HIS A 344 -17.75 -9.63 -17.27
C HIS A 344 -18.88 -10.29 -16.48
N LYS A 345 -18.62 -11.54 -16.10
CA LYS A 345 -19.57 -12.40 -15.37
C LYS A 345 -19.08 -12.71 -13.95
N PHE A 346 -19.95 -12.44 -12.98
CA PHE A 346 -19.63 -12.64 -11.57
C PHE A 346 -20.20 -13.96 -11.04
N ARG A 347 -19.31 -14.90 -10.78
CA ARG A 347 -19.69 -16.28 -10.60
C ARG A 347 -19.96 -16.65 -9.13
N ASP A 348 -20.95 -17.53 -8.94
CA ASP A 348 -21.30 -18.09 -7.64
C ASP A 348 -20.39 -19.29 -7.37
N TRP A 349 -20.14 -19.57 -6.09
CA TRP A 349 -19.08 -20.52 -5.72
C TRP A 349 -19.34 -21.95 -6.25
N LYS A 350 -20.60 -22.36 -6.38
CA LYS A 350 -20.87 -23.66 -7.00
C LYS A 350 -21.68 -23.54 -8.27
N LYS A 351 -21.12 -24.17 -9.31
CA LYS A 351 -21.68 -24.37 -10.64
C LYS A 351 -23.22 -24.34 -10.72
N THR A 352 -23.84 -25.20 -9.90
CA THR A 352 -25.27 -25.49 -9.99
C THR A 352 -26.16 -24.26 -9.79
N GLY A 353 -25.76 -23.33 -8.94
CA GLY A 353 -26.60 -22.16 -8.64
C GLY A 353 -27.56 -22.53 -7.53
N HIS A 354 -28.40 -21.59 -7.10
CA HIS A 354 -29.18 -21.77 -5.87
C HIS A 354 -30.65 -21.32 -5.95
N GLY A 355 -31.28 -21.59 -7.09
CA GLY A 355 -32.73 -21.35 -7.26
C GLY A 355 -33.25 -19.97 -6.86
N ASN A 356 -34.42 -19.94 -6.22
CA ASN A 356 -34.92 -18.73 -5.56
C ASN A 356 -34.34 -18.68 -4.15
N SER A 357 -33.98 -17.49 -3.68
CA SER A 357 -33.43 -17.34 -2.33
C SER A 357 -33.59 -15.92 -1.73
N ASN A 358 -33.85 -15.90 -0.42
CA ASN A 358 -34.03 -14.66 0.33
C ASN A 358 -32.74 -14.40 1.14
N LEU A 359 -32.80 -13.45 2.08
CA LEU A 359 -31.67 -13.19 2.98
C LEU A 359 -31.30 -14.41 3.84
N TYR A 360 -32.28 -14.96 4.56
CA TYR A 360 -32.08 -16.16 5.40
C TYR A 360 -31.33 -17.26 4.64
N LYS A 361 -31.75 -17.51 3.40
CA LYS A 361 -31.21 -18.61 2.60
C LYS A 361 -29.83 -18.27 2.02
N ALA A 362 -29.63 -17.00 1.69
CA ALA A 362 -28.35 -16.54 1.16
C ALA A 362 -27.22 -16.65 2.19
N ILE A 363 -27.58 -16.36 3.44
CA ILE A 363 -26.69 -16.57 4.57
C ILE A 363 -26.44 -18.06 4.74
N ARG A 364 -27.55 -18.80 4.87
CA ARG A 364 -27.51 -20.24 5.11
C ARG A 364 -26.53 -20.94 4.16
N GLU A 365 -26.72 -20.68 2.86
CA GLU A 365 -26.03 -21.45 1.84
C GLU A 365 -24.79 -20.73 1.29
N SER A 366 -24.36 -19.66 1.96
CA SER A 366 -23.18 -18.88 1.55
C SER A 366 -23.34 -18.55 0.07
N VAL A 367 -24.52 -18.03 -0.29
CA VAL A 367 -24.85 -17.71 -1.70
C VAL A 367 -24.26 -16.37 -2.10
N ASP A 368 -23.70 -16.32 -3.31
CA ASP A 368 -22.97 -15.15 -3.77
C ASP A 368 -23.87 -14.18 -4.54
N VAL A 369 -24.77 -14.70 -5.37
CA VAL A 369 -25.52 -13.84 -6.31
C VAL A 369 -26.51 -12.88 -5.65
N TYR A 370 -27.14 -13.31 -4.54
CA TYR A 370 -28.04 -12.42 -3.81
C TYR A 370 -27.34 -11.09 -3.52
N PHE A 371 -26.07 -11.19 -3.13
CA PHE A 371 -25.25 -10.03 -2.75
C PHE A 371 -24.71 -9.33 -3.98
N TYR A 372 -24.39 -10.09 -5.02
CA TYR A 372 -24.05 -9.47 -6.30
C TYR A 372 -25.17 -8.55 -6.79
N LYS A 373 -26.41 -9.04 -6.76
CA LYS A 373 -27.55 -8.32 -7.31
C LYS A 373 -27.87 -7.04 -6.56
N PHE A 374 -28.04 -7.14 -5.24
CA PHE A 374 -28.36 -5.94 -4.45
C PHE A 374 -27.14 -5.00 -4.35
N GLY A 375 -25.96 -5.57 -4.57
CA GLY A 375 -24.71 -4.80 -4.60
C GLY A 375 -24.69 -3.81 -5.75
N LEU A 376 -25.36 -4.17 -6.84
CA LEU A 376 -25.56 -3.26 -7.98
C LEU A 376 -26.31 -1.99 -7.57
N GLU A 377 -27.25 -2.15 -6.64
CA GLU A 377 -28.17 -1.08 -6.24
C GLU A 377 -27.71 -0.27 -5.00
N ILE A 378 -26.63 -0.72 -4.33
CA ILE A 378 -26.11 -0.02 -3.14
C ILE A 378 -24.84 0.76 -3.46
N SER A 379 -24.75 1.97 -2.91
CA SER A 379 -23.54 2.77 -3.08
C SER A 379 -22.47 2.26 -2.13
N ILE A 380 -21.22 2.21 -2.61
CA ILE A 380 -20.12 1.73 -1.79
C ILE A 380 -19.94 2.60 -0.56
N GLU A 381 -20.33 3.87 -0.65
CA GLU A 381 -20.23 4.74 0.51
C GLU A 381 -21.09 4.27 1.69
N LYS A 382 -22.30 3.81 1.39
CA LYS A 382 -23.23 3.33 2.43
C LYS A 382 -22.95 1.89 2.95
N LEU A 383 -22.64 0.98 2.03
CA LEU A 383 -22.19 -0.35 2.38
C LEU A 383 -21.00 -0.27 3.34
N SER A 384 -19.97 0.48 2.95
CA SER A 384 -18.74 0.55 3.73
C SER A 384 -18.99 1.16 5.10
N LYS A 385 -19.94 2.08 5.19
CA LYS A 385 -20.33 2.62 6.48
C LYS A 385 -20.85 1.53 7.41
N THR A 386 -21.77 0.72 6.92
CA THR A 386 -22.32 -0.38 7.72
C THR A 386 -21.22 -1.37 8.13
N LEU A 387 -20.40 -1.81 7.18
CA LEU A 387 -19.28 -2.73 7.50
C LEU A 387 -18.33 -2.15 8.56
N ARG A 388 -18.02 -0.87 8.45
CA ARG A 388 -17.12 -0.17 9.39
C ARG A 388 -17.80 0.07 10.73
N GLU A 389 -19.13 0.17 10.73
CA GLU A 389 -19.88 0.29 11.96
C GLU A 389 -19.88 -1.01 12.75
N VAL A 390 -19.88 -2.15 12.06
CA VAL A 390 -19.83 -3.47 12.72
C VAL A 390 -18.41 -3.94 13.03
N GLY A 391 -17.42 -3.04 12.88
CA GLY A 391 -16.08 -3.20 13.44
C GLY A 391 -14.95 -3.69 12.53
N PHE A 392 -15.05 -3.46 11.22
CA PHE A 392 -14.04 -3.96 10.26
C PHE A 392 -12.95 -2.95 9.84
N GLY A 393 -13.23 -1.67 10.10
CA GLY A 393 -12.29 -0.62 9.70
C GLY A 393 -11.16 -0.41 10.69
N GLU A 394 -11.47 -0.60 11.97
CA GLU A 394 -10.66 -0.10 13.05
C GLU A 394 -10.19 -1.21 13.96
N LYS A 395 -9.38 -0.83 14.94
CA LYS A 395 -8.91 -1.75 15.96
C LYS A 395 -10.06 -2.13 16.88
N THR A 396 -10.10 -3.40 17.29
CA THR A 396 -11.00 -3.86 18.33
C THR A 396 -10.66 -3.23 19.70
N GLY A 397 -9.40 -2.84 19.88
CA GLY A 397 -8.94 -2.24 21.16
C GLY A 397 -8.32 -3.23 22.15
N VAL A 398 -7.68 -4.26 21.62
CA VAL A 398 -7.18 -5.35 22.45
C VAL A 398 -6.00 -4.82 23.22
N ASP A 399 -5.78 -5.34 24.43
CA ASP A 399 -4.67 -4.90 25.27
C ASP A 399 -3.34 -5.63 24.94
N LEU A 400 -2.92 -5.47 23.70
CA LEU A 400 -1.59 -5.85 23.23
C LEU A 400 -1.02 -4.67 22.49
N PRO A 401 0.29 -4.70 22.20
CA PRO A 401 0.84 -3.65 21.33
C PRO A 401 0.51 -3.86 19.83
N ASN A 402 0.37 -2.74 19.13
CA ASN A 402 0.26 -2.70 17.67
C ASN A 402 -0.83 -3.58 17.10
N GLU A 403 -2.08 -3.39 17.50
CA GLU A 403 -3.17 -4.08 16.80
C GLU A 403 -3.37 -3.48 15.40
N PHE A 404 -3.52 -4.33 14.40
CA PHE A 404 -3.75 -3.89 13.02
C PHE A 404 -5.19 -3.48 12.80
N VAL A 405 -5.38 -2.33 12.16
CA VAL A 405 -6.67 -2.00 11.53
C VAL A 405 -6.70 -2.65 10.19
N GLY A 406 -7.90 -2.89 9.71
CA GLY A 406 -8.04 -3.52 8.42
C GLY A 406 -8.01 -2.54 7.27
N ILE A 407 -8.68 -2.95 6.21
CA ILE A 407 -9.02 -2.10 5.12
C ILE A 407 -10.42 -2.49 4.72
N VAL A 408 -11.36 -1.57 4.92
CA VAL A 408 -12.68 -1.70 4.32
C VAL A 408 -12.66 -0.87 3.03
N PRO A 409 -12.47 -1.54 1.89
CA PRO A 409 -12.24 -0.78 0.68
C PRO A 409 -13.45 0.05 0.29
N ASP A 410 -13.20 1.32 -0.05
CA ASP A 410 -14.23 2.19 -0.59
C ASP A 410 -13.71 3.01 -1.78
N ASN A 411 -14.54 3.94 -2.23
CA ASN A 411 -14.25 4.84 -3.31
C ASN A 411 -12.96 5.63 -3.06
N LEU A 412 -12.97 6.37 -1.97
CA LEU A 412 -11.89 7.29 -1.64
C LEU A 412 -10.60 6.56 -1.33
N TRP A 413 -10.71 5.32 -0.88
CA TRP A 413 -9.53 4.56 -0.53
C TRP A 413 -8.78 4.06 -1.76
N LYS A 414 -9.53 3.51 -2.72
CA LYS A 414 -8.94 3.01 -3.96
C LYS A 414 -8.25 4.16 -4.69
N LEU A 415 -8.86 5.35 -4.60
CA LEU A 415 -8.24 6.51 -5.22
C LEU A 415 -6.91 6.88 -4.58
N LYS A 416 -6.83 6.85 -3.26
CA LYS A 416 -5.59 7.20 -2.57
C LYS A 416 -4.48 6.17 -2.73
N ARG A 417 -4.82 4.89 -2.90
CA ARG A 417 -3.76 3.89 -2.99
C ARG A 417 -3.37 3.57 -4.41
N PHE A 418 -4.35 3.39 -5.29
CA PHE A 418 -4.11 2.99 -6.69
C PHE A 418 -4.30 4.14 -7.71
N ASN A 419 -4.97 5.21 -7.31
CA ASN A 419 -5.42 6.27 -8.22
C ASN A 419 -6.32 5.81 -9.35
N GLN A 420 -7.07 4.74 -9.11
CA GLN A 420 -8.01 4.23 -10.10
C GLN A 420 -9.44 4.37 -9.66
N ASP A 421 -10.37 4.44 -10.62
CA ASP A 421 -11.79 4.66 -10.31
C ASP A 421 -12.44 3.47 -9.63
N TRP A 422 -13.59 3.71 -8.99
CA TRP A 422 -14.34 2.66 -8.30
C TRP A 422 -15.42 2.07 -9.19
N ARG A 423 -15.04 1.05 -9.96
CA ARG A 423 -15.98 0.39 -10.85
C ARG A 423 -16.98 -0.41 -10.00
N VAL A 424 -18.18 -0.57 -10.52
CA VAL A 424 -19.22 -1.45 -9.96
C VAL A 424 -18.69 -2.84 -9.53
N GLY A 425 -17.73 -3.39 -10.30
CA GLY A 425 -17.16 -4.71 -9.99
C GLY A 425 -16.52 -4.75 -8.60
N ASP A 426 -15.98 -3.61 -8.17
CA ASP A 426 -15.34 -3.47 -6.85
C ASP A 426 -16.37 -3.56 -5.72
N THR A 427 -17.50 -2.87 -5.89
CA THR A 427 -18.62 -2.97 -4.96
C THR A 427 -19.07 -4.41 -4.81
N LEU A 428 -19.08 -5.14 -5.91
CA LEU A 428 -19.61 -6.49 -5.94
C LEU A 428 -18.68 -7.50 -5.31
N ILE A 429 -17.40 -7.45 -5.66
CA ILE A 429 -16.44 -8.38 -5.05
C ILE A 429 -16.25 -8.10 -3.55
N THR A 430 -16.41 -6.83 -3.18
CA THR A 430 -16.33 -6.42 -1.77
C THR A 430 -17.55 -6.92 -1.00
N ALA A 431 -18.71 -6.94 -1.64
CA ALA A 431 -19.94 -7.40 -0.97
C ALA A 431 -19.92 -8.89 -0.61
N ILE A 432 -18.91 -9.62 -1.09
CA ILE A 432 -18.67 -11.00 -0.65
C ILE A 432 -17.33 -11.16 0.07
N GLY A 433 -16.78 -10.05 0.56
CA GLY A 433 -15.58 -10.07 1.38
C GLY A 433 -14.29 -10.46 0.70
N GLN A 434 -14.06 -9.95 -0.51
CA GLN A 434 -12.83 -10.23 -1.22
C GLN A 434 -12.32 -9.02 -1.99
N GLY A 435 -11.29 -9.21 -2.83
CA GLY A 435 -10.60 -8.07 -3.44
C GLY A 435 -9.75 -7.34 -2.43
N SER A 436 -9.92 -6.03 -2.32
CA SER A 436 -9.09 -5.23 -1.44
C SER A 436 -9.57 -5.20 0.05
N PHE A 437 -10.36 -6.20 0.45
CA PHE A 437 -10.91 -6.27 1.83
C PHE A 437 -10.02 -7.15 2.70
N LEU A 438 -9.54 -6.59 3.81
CA LEU A 438 -8.73 -7.32 4.80
C LEU A 438 -9.14 -7.09 6.26
N ALA A 439 -9.14 -8.18 7.03
CA ALA A 439 -9.49 -8.11 8.44
C ALA A 439 -8.58 -9.00 9.25
N THR A 440 -8.59 -8.77 10.56
CA THR A 440 -7.88 -9.60 11.55
C THR A 440 -8.88 -10.55 12.18
N PRO A 441 -8.42 -11.76 12.56
CA PRO A 441 -9.28 -12.64 13.34
C PRO A 441 -9.95 -11.98 14.53
N LEU A 442 -9.28 -11.01 15.15
CA LEU A 442 -9.92 -10.22 16.21
C LEU A 442 -11.16 -9.45 15.70
N GLN A 443 -11.04 -8.81 14.55
CA GLN A 443 -12.15 -8.04 13.98
C GLN A 443 -13.37 -8.91 13.76
N VAL A 444 -13.14 -10.11 13.19
CA VAL A 444 -14.22 -11.06 12.89
C VAL A 444 -14.93 -11.51 14.17
N LEU A 445 -14.13 -11.79 15.20
CA LEU A 445 -14.62 -12.17 16.53
C LEU A 445 -15.49 -11.11 17.18
N ALA A 446 -15.00 -9.87 17.23
CA ALA A 446 -15.78 -8.78 17.82
C ALA A 446 -17.09 -8.62 17.07
N TYR A 447 -16.96 -8.64 15.75
CA TYR A 447 -18.09 -8.56 14.83
C TYR A 447 -19.11 -9.65 15.11
N THR A 448 -18.66 -10.90 15.22
CA THR A 448 -19.56 -12.02 15.52
C THR A 448 -20.33 -11.86 16.87
N GLY A 449 -19.65 -11.31 17.89
CA GLY A 449 -20.29 -11.07 19.17
C GLY A 449 -21.20 -9.84 19.21
N LEU A 450 -21.04 -8.94 18.24
CA LEU A 450 -21.99 -7.86 18.04
C LEU A 450 -23.32 -8.39 17.48
N ILE A 451 -23.23 -9.26 16.48
CA ILE A 451 -24.42 -9.88 15.89
C ILE A 451 -25.19 -10.58 17.00
N ALA A 452 -24.52 -11.48 17.70
CA ALA A 452 -25.20 -12.33 18.66
C ALA A 452 -25.74 -11.54 19.84
N THR A 453 -24.98 -10.56 20.31
CA THR A 453 -25.35 -9.82 21.51
C THR A 453 -26.18 -8.57 21.24
N GLY A 454 -25.91 -7.87 20.15
CA GLY A 454 -26.52 -6.56 19.90
C GLY A 454 -25.65 -5.41 20.40
N LYS A 455 -24.57 -5.79 21.09
CA LYS A 455 -23.57 -4.82 21.54
C LYS A 455 -22.17 -5.37 21.33
N LEU A 456 -21.22 -4.44 21.26
CA LEU A 456 -19.84 -4.70 20.80
C LEU A 456 -18.81 -4.81 21.92
N ALA A 457 -18.21 -5.98 22.04
CA ALA A 457 -17.25 -6.22 23.09
C ALA A 457 -15.87 -5.77 22.67
N THR A 458 -15.16 -5.12 23.57
CA THR A 458 -13.73 -4.89 23.39
C THR A 458 -12.97 -6.10 23.93
N PRO A 459 -12.36 -6.93 23.03
CA PRO A 459 -11.61 -8.10 23.51
C PRO A 459 -10.44 -7.66 24.34
N HIS A 460 -10.14 -8.38 25.41
CA HIS A 460 -9.02 -8.03 26.27
C HIS A 460 -8.58 -9.26 27.00
N PHE A 461 -7.38 -9.20 27.57
CA PHE A 461 -6.78 -10.31 28.29
C PHE A 461 -6.73 -10.04 29.80
N ALA A 462 -6.51 -8.80 30.20
CA ALA A 462 -6.38 -8.47 31.60
C ALA A 462 -7.75 -8.40 32.30
N ILE A 463 -8.01 -9.34 33.21
CA ILE A 463 -9.32 -9.40 33.86
C ILE A 463 -9.67 -8.10 34.54
N ASN A 464 -8.69 -7.43 35.13
CA ASN A 464 -8.90 -6.14 35.80
C ASN A 464 -8.94 -4.96 34.81
N ASN A 465 -9.17 -5.25 33.53
CA ASN A 465 -9.41 -4.22 32.50
C ASN A 465 -10.91 -4.09 32.19
N LYS A 466 -11.65 -3.40 33.05
CA LYS A 466 -13.10 -3.17 32.87
C LYS A 466 -13.37 -2.41 31.58
N GLN A 467 -13.68 -3.15 30.54
CA GLN A 467 -13.94 -2.57 29.23
C GLN A 467 -15.44 -2.51 28.99
N PRO A 468 -16.06 -1.32 29.13
CA PRO A 468 -17.49 -1.25 28.89
C PRO A 468 -17.85 -1.64 27.46
N LEU A 469 -19.03 -2.23 27.30
CA LEU A 469 -19.53 -2.57 25.99
C LEU A 469 -19.82 -1.29 25.22
N LYS A 470 -19.80 -1.40 23.90
CA LYS A 470 -20.10 -0.28 23.02
C LYS A 470 -21.37 -0.54 22.23
N ASP A 471 -22.12 0.53 21.96
CA ASP A 471 -23.42 0.44 21.29
C ASP A 471 -23.45 1.24 19.99
N PRO A 472 -22.79 0.71 18.94
CA PRO A 472 -22.69 1.42 17.67
C PRO A 472 -23.88 1.20 16.73
N LEU A 473 -24.98 0.64 17.24
CA LEU A 473 -26.15 0.38 16.41
C LEU A 473 -27.38 1.20 16.81
N ASN A 474 -28.18 1.50 15.79
CA ASN A 474 -29.46 2.20 15.96
C ASN A 474 -30.56 1.18 16.25
N SER A 475 -31.77 1.69 16.48
CA SER A 475 -32.95 0.86 16.71
C SER A 475 -33.17 -0.16 15.59
N PHE A 476 -33.30 0.37 14.37
CA PHE A 476 -33.66 -0.46 13.22
C PHE A 476 -32.70 -1.63 13.06
N GLN A 477 -31.40 -1.34 13.16
CA GLN A 477 -30.37 -2.35 12.95
C GLN A 477 -30.45 -3.49 13.96
N LYS A 478 -30.67 -3.14 15.24
CA LYS A 478 -30.77 -4.15 16.29
C LYS A 478 -31.91 -5.16 16.03
N LYS A 479 -33.08 -4.66 15.63
CA LYS A 479 -34.20 -5.53 15.30
C LYS A 479 -33.85 -6.53 14.21
N LYS A 480 -33.19 -6.05 13.17
CA LYS A 480 -32.81 -6.91 12.04
C LYS A 480 -31.77 -7.96 12.42
N LEU A 481 -31.07 -7.77 13.53
CA LEU A 481 -30.08 -8.74 14.00
C LEU A 481 -30.65 -10.15 14.13
N GLN A 482 -31.87 -10.28 14.65
CA GLN A 482 -32.40 -11.62 14.88
C GLN A 482 -32.46 -12.39 13.57
N ALA A 483 -32.97 -11.71 12.54
CA ALA A 483 -32.99 -12.28 11.21
C ALA A 483 -31.64 -12.88 10.87
N LEU A 484 -30.61 -12.08 11.09
CA LEU A 484 -29.23 -12.50 10.80
C LEU A 484 -28.83 -13.71 11.63
N ARG A 485 -29.20 -13.72 12.90
CA ARG A 485 -28.89 -14.83 13.80
C ARG A 485 -29.55 -16.12 13.33
N VAL A 486 -30.81 -15.98 12.89
CA VAL A 486 -31.57 -17.13 12.39
C VAL A 486 -30.85 -17.73 11.19
N GLY A 487 -30.34 -16.86 10.33
CA GLY A 487 -29.53 -17.32 9.21
C GLY A 487 -28.34 -18.12 9.69
N MET A 488 -27.55 -17.54 10.61
CA MET A 488 -26.37 -18.21 11.17
C MET A 488 -26.80 -19.52 11.82
N TYR A 489 -27.93 -19.49 12.53
CA TYR A 489 -28.54 -20.70 13.09
C TYR A 489 -28.72 -21.78 12.01
N GLU A 490 -29.24 -21.35 10.87
CA GLU A 490 -29.52 -22.25 9.74
C GLU A 490 -28.25 -22.81 9.09
N VAL A 491 -27.15 -22.07 9.15
CA VAL A 491 -25.90 -22.55 8.54
C VAL A 491 -25.44 -23.85 9.18
N CYS A 492 -25.66 -23.93 10.49
CA CYS A 492 -25.16 -25.01 11.33
C CYS A 492 -26.23 -26.07 11.55
N ASN A 493 -27.51 -25.69 11.44
CA ASN A 493 -28.63 -26.54 11.88
C ASN A 493 -29.63 -26.98 10.79
N HIS A 494 -29.82 -26.17 9.76
CA HIS A 494 -30.66 -26.54 8.61
C HIS A 494 -29.85 -27.47 7.69
N LYS A 495 -30.51 -28.44 7.06
CA LYS A 495 -29.81 -29.50 6.32
C LYS A 495 -29.14 -28.97 5.05
N ASP A 496 -29.69 -27.87 4.52
CA ASP A 496 -29.11 -27.16 3.38
C ASP A 496 -27.88 -26.36 3.74
N GLY A 497 -27.81 -25.95 5.00
CA GLY A 497 -26.69 -25.16 5.51
C GLY A 497 -25.35 -25.67 5.08
N THR A 498 -24.45 -24.75 4.73
CA THR A 498 -23.11 -25.12 4.31
C THR A 498 -22.39 -25.95 5.38
N ALA A 499 -22.63 -25.62 6.64
CA ALA A 499 -21.92 -26.23 7.76
C ALA A 499 -22.78 -27.23 8.53
N TYR A 500 -23.51 -28.08 7.82
CA TYR A 500 -24.38 -29.06 8.50
C TYR A 500 -23.71 -30.42 8.68
N HIS A 501 -23.12 -30.93 7.60
CA HIS A 501 -22.48 -32.25 7.61
C HIS A 501 -21.25 -32.27 8.54
N SER A 502 -20.72 -31.09 8.84
CA SER A 502 -19.48 -30.98 9.62
C SER A 502 -19.68 -30.64 11.11
N THR A 503 -20.72 -29.88 11.45
CA THR A 503 -20.90 -29.43 12.85
C THR A 503 -21.88 -30.26 13.65
N ARG A 504 -21.96 -31.53 13.36
CA ARG A 504 -22.82 -32.38 14.13
C ARG A 504 -21.93 -33.10 15.12
N GLY A 505 -22.54 -33.58 16.20
CA GLY A 505 -21.80 -34.09 17.36
C GLY A 505 -21.50 -33.00 18.37
N SER A 506 -22.38 -31.99 18.46
CA SER A 506 -22.22 -30.85 19.36
C SER A 506 -23.23 -30.93 20.49
N LYS A 507 -22.74 -30.81 21.72
CA LYS A 507 -23.61 -30.93 22.91
C LYS A 507 -24.53 -29.71 23.15
N ILE A 508 -24.28 -28.63 22.42
CA ILE A 508 -25.06 -27.42 22.54
C ILE A 508 -25.50 -26.98 21.15
N THR A 509 -26.48 -26.09 21.10
CA THR A 509 -26.91 -25.48 19.83
C THR A 509 -25.99 -24.36 19.41
N LEU A 510 -25.54 -24.46 18.15
CA LEU A 510 -24.58 -23.56 17.55
C LEU A 510 -25.22 -22.69 16.47
N ALA A 511 -24.61 -21.53 16.25
CA ALA A 511 -24.96 -20.62 15.15
C ALA A 511 -23.65 -20.09 14.55
N CYS A 512 -23.47 -20.23 13.24
CA CYS A 512 -22.18 -19.97 12.58
C CYS A 512 -22.31 -19.23 11.25
N LYS A 513 -21.16 -18.90 10.68
CA LYS A 513 -21.04 -18.49 9.28
C LYS A 513 -19.65 -18.93 8.81
N THR A 514 -19.60 -19.60 7.67
CA THR A 514 -18.31 -20.01 7.10
C THR A 514 -17.79 -18.92 6.17
N GLY A 515 -16.53 -19.07 5.77
CA GLY A 515 -15.91 -18.24 4.74
C GLY A 515 -14.75 -18.95 4.05
N THR A 516 -14.41 -18.48 2.85
CA THR A 516 -13.19 -18.91 2.17
C THR A 516 -12.55 -17.70 1.53
N ALA A 517 -11.23 -17.67 1.56
CA ALA A 517 -10.47 -16.55 1.04
C ALA A 517 -9.40 -17.02 0.04
N GLN A 518 -9.41 -16.45 -1.16
CA GLN A 518 -8.39 -16.78 -2.17
C GLN A 518 -7.10 -16.04 -1.90
N VAL A 519 -5.99 -16.60 -2.38
CA VAL A 519 -4.64 -16.10 -2.02
C VAL A 519 -4.14 -14.96 -2.92
N LYS A 533 -8.43 -30.52 -3.94
CA LYS A 533 -7.76 -31.81 -3.70
C LYS A 533 -6.51 -32.00 -4.57
N ASP A 534 -6.53 -31.52 -5.81
CA ASP A 534 -5.32 -31.52 -6.65
C ASP A 534 -4.38 -30.35 -6.32
N MET A 535 -4.79 -29.50 -5.39
CA MET A 535 -4.16 -28.19 -5.20
C MET A 535 -2.98 -28.28 -4.22
N GLU A 536 -1.80 -27.80 -4.63
CA GLU A 536 -0.61 -27.84 -3.78
C GLU A 536 -0.75 -26.85 -2.61
N TYR A 537 -0.17 -27.21 -1.47
CA TYR A 537 -0.52 -26.60 -0.17
C TYR A 537 -0.62 -25.06 -0.15
N PHE A 538 0.38 -24.35 -0.68
CA PHE A 538 0.43 -22.88 -0.56
C PHE A 538 -0.52 -22.12 -1.49
N HIS A 539 -1.05 -22.81 -2.49
CA HIS A 539 -1.99 -22.20 -3.43
C HIS A 539 -3.42 -22.22 -2.89
N ARG A 540 -3.63 -23.02 -1.85
CA ARG A 540 -4.95 -23.28 -1.32
C ARG A 540 -5.55 -22.04 -0.68
N SER A 541 -6.86 -21.91 -0.86
CA SER A 541 -7.66 -20.87 -0.21
C SER A 541 -7.60 -21.03 1.34
N HIS A 542 -7.61 -19.90 2.06
CA HIS A 542 -7.71 -19.94 3.52
C HIS A 542 -9.16 -20.20 3.94
N ALA A 543 -9.33 -20.65 5.19
CA ALA A 543 -10.64 -21.10 5.67
C ALA A 543 -11.07 -20.36 6.92
N TRP A 544 -12.30 -19.83 6.91
CA TRP A 544 -12.86 -19.16 8.06
C TRP A 544 -14.07 -19.93 8.59
N ILE A 545 -14.34 -19.73 9.88
CA ILE A 545 -15.61 -20.07 10.50
C ILE A 545 -15.70 -19.28 11.80
N THR A 546 -16.79 -18.55 11.96
CA THR A 546 -17.04 -17.82 13.19
C THR A 546 -18.41 -18.24 13.65
N ALA A 547 -18.71 -18.05 14.92
CA ALA A 547 -19.90 -18.65 15.52
C ALA A 547 -20.17 -18.13 16.93
N PHE A 548 -21.46 -18.08 17.31
CA PHE A 548 -21.85 -17.79 18.70
C PHE A 548 -22.65 -18.92 19.35
N LEU A 549 -22.57 -18.98 20.67
CA LEU A 549 -23.18 -20.06 21.40
C LEU A 549 -23.48 -19.67 22.84
N PRO A 550 -24.50 -20.28 23.42
CA PRO A 550 -25.48 -21.15 22.77
C PRO A 550 -26.52 -20.32 21.99
N TYR A 551 -27.12 -20.91 20.96
CA TYR A 551 -28.02 -20.12 20.11
C TYR A 551 -29.16 -19.47 20.90
N GLU A 552 -29.72 -20.22 21.83
CA GLU A 552 -30.95 -19.82 22.53
C GLU A 552 -30.75 -18.60 23.42
N LYS A 553 -29.52 -18.41 23.90
CA LYS A 553 -29.15 -17.21 24.65
C LYS A 553 -27.63 -17.06 24.52
N PRO A 554 -27.19 -16.29 23.52
CA PRO A 554 -25.78 -16.17 23.22
C PRO A 554 -24.95 -15.65 24.38
N LYS A 555 -23.82 -16.28 24.67
CA LYS A 555 -22.86 -15.75 25.66
C LYS A 555 -21.46 -15.69 25.09
N TYR A 556 -21.01 -16.77 24.46
CA TYR A 556 -19.65 -16.81 23.89
C TYR A 556 -19.61 -16.70 22.35
N ALA A 557 -18.47 -16.27 21.85
CA ALA A 557 -18.19 -16.25 20.43
C ALA A 557 -16.89 -17.00 20.22
N ILE A 558 -16.77 -17.68 19.09
CA ILE A 558 -15.56 -18.39 18.72
C ILE A 558 -15.25 -18.04 17.29
N THR A 559 -13.98 -17.87 16.95
CA THR A 559 -13.59 -17.49 15.61
C THR A 559 -12.31 -18.26 15.26
N ILE A 560 -12.36 -18.97 14.13
CA ILE A 560 -11.28 -19.89 13.75
C ILE A 560 -10.85 -19.61 12.34
N LEU A 561 -9.53 -19.63 12.12
CA LEU A 561 -8.96 -19.39 10.81
C LEU A 561 -7.79 -20.33 10.54
N VAL A 562 -7.92 -21.22 9.55
CA VAL A 562 -6.82 -22.13 9.19
C VAL A 562 -6.19 -21.73 7.86
N GLU A 563 -4.92 -21.34 7.91
CA GLU A 563 -4.23 -20.95 6.71
C GLU A 563 -4.21 -22.12 5.73
N HIS A 564 -4.65 -21.84 4.50
CA HIS A 564 -4.70 -22.84 3.44
C HIS A 564 -5.65 -23.97 3.80
N GLY A 565 -6.63 -23.65 4.65
CA GLY A 565 -7.65 -24.60 5.12
C GLY A 565 -8.63 -25.00 4.05
N GLU A 566 -8.47 -24.40 2.87
CA GLU A 566 -9.07 -24.91 1.65
C GLU A 566 -10.58 -25.02 1.76
N GLY A 567 -11.21 -24.14 2.53
CA GLY A 567 -12.68 -24.16 2.62
C GLY A 567 -13.26 -24.13 4.02
N GLY A 568 -14.20 -23.22 4.21
CA GLY A 568 -14.71 -22.84 5.53
C GLY A 568 -15.50 -23.90 6.26
N SER A 569 -16.25 -24.68 5.50
CA SER A 569 -17.05 -25.77 6.04
C SER A 569 -16.19 -26.87 6.64
N LYS A 570 -15.00 -27.06 6.08
CA LYS A 570 -14.01 -28.05 6.55
C LYS A 570 -13.55 -27.81 8.00
N LEU A 571 -13.96 -26.69 8.59
CA LEU A 571 -13.54 -26.32 9.94
C LEU A 571 -14.61 -26.53 11.00
N GLY A 572 -15.75 -27.12 10.63
CA GLY A 572 -16.80 -27.42 11.58
C GLY A 572 -16.38 -28.44 12.62
N GLY A 573 -15.47 -29.34 12.27
CA GLY A 573 -15.01 -30.39 13.19
C GLY A 573 -14.18 -29.83 14.33
N LEU A 574 -13.59 -28.65 14.09
CA LEU A 574 -12.76 -27.96 15.08
C LEU A 574 -13.63 -27.09 15.98
N LEU A 575 -14.62 -26.42 15.41
CA LEU A 575 -15.59 -25.64 16.18
C LEU A 575 -16.32 -26.46 17.26
N VAL A 576 -16.83 -27.63 16.89
CA VAL A 576 -17.53 -28.49 17.84
C VAL A 576 -16.63 -28.86 19.00
N LYS A 577 -15.41 -29.23 18.67
CA LYS A 577 -14.50 -29.73 19.69
C LYS A 577 -14.22 -28.70 20.77
N MET A 578 -14.11 -27.42 20.36
CA MET A 578 -13.94 -26.32 21.30
C MET A 578 -15.24 -26.05 22.08
N SER A 579 -16.38 -26.01 21.39
CA SER A 579 -17.68 -25.75 22.04
C SER A 579 -18.07 -26.86 23.06
N ASN A 580 -17.62 -28.09 22.78
CA ASN A 580 -17.78 -29.23 23.68
C ASN A 580 -16.88 -29.14 24.92
N LYS A 581 -15.65 -28.69 24.71
CA LYS A 581 -14.71 -28.46 25.82
C LYS A 581 -15.25 -27.41 26.82
N LEU A 582 -15.95 -26.39 26.32
CA LEU A 582 -16.60 -25.40 27.19
C LEU A 582 -17.79 -26.00 27.96
N TYR A 583 -18.42 -27.01 27.35
CA TYR A 583 -19.52 -27.75 27.94
C TYR A 583 -18.97 -28.66 29.00
N GLU A 584 -18.01 -29.48 28.60
CA GLU A 584 -17.27 -30.35 29.49
C GLU A 584 -16.82 -29.62 30.77
N LEU A 585 -16.42 -28.36 30.64
CA LEU A 585 -15.85 -27.62 31.78
C LEU A 585 -16.84 -26.67 32.44
N GLY A 586 -18.10 -26.72 32.01
CA GLY A 586 -19.18 -26.05 32.75
C GLY A 586 -19.42 -24.58 32.45
N TYR A 587 -18.79 -24.07 31.38
CA TYR A 587 -19.02 -22.66 31.00
C TYR A 587 -20.47 -22.44 30.51
N LEU A 588 -21.10 -23.54 30.08
CA LEU A 588 -22.42 -23.51 29.46
C LEU A 588 -23.52 -23.95 30.41
N MET B 43 -41.95 19.18 -55.71
CA MET B 43 -41.46 18.54 -54.45
C MET B 43 -39.93 18.69 -54.31
N THR B 44 -39.47 18.64 -53.07
CA THR B 44 -38.11 19.00 -52.71
C THR B 44 -37.37 17.85 -52.03
N LYS B 45 -36.12 18.14 -51.65
CA LYS B 45 -35.23 17.25 -50.92
C LYS B 45 -34.22 18.07 -50.10
N LYS B 46 -33.97 17.62 -48.86
CA LYS B 46 -33.10 18.31 -47.90
C LYS B 46 -31.76 17.62 -47.68
N GLU B 47 -30.75 18.42 -47.40
CA GLU B 47 -29.40 17.91 -47.30
C GLU B 47 -28.64 18.79 -46.31
N PHE B 48 -28.14 18.19 -45.26
CA PHE B 48 -27.42 18.93 -44.23
C PHE B 48 -26.00 19.26 -44.65
N LEU B 49 -25.52 20.42 -44.23
CA LEU B 49 -24.16 20.87 -44.48
C LEU B 49 -23.41 20.87 -43.16
N VAL B 50 -22.53 19.89 -43.00
CA VAL B 50 -21.81 19.59 -41.77
C VAL B 50 -20.40 20.17 -41.76
N PRO B 51 -20.13 21.14 -40.88
CA PRO B 51 -18.86 21.84 -40.99
C PRO B 51 -17.68 21.01 -40.51
N THR B 52 -16.48 21.36 -40.97
CA THR B 52 -15.27 20.69 -40.50
C THR B 52 -14.98 21.10 -39.06
N ARG B 53 -14.64 20.13 -38.22
CA ARG B 53 -14.48 20.35 -36.79
C ARG B 53 -13.34 21.29 -36.57
N GLY B 54 -13.53 22.24 -35.64
CA GLY B 54 -12.60 23.36 -35.46
C GLY B 54 -11.20 22.98 -35.03
N ASN B 55 -10.22 23.77 -35.46
CA ASN B 55 -8.82 23.55 -35.09
C ASN B 55 -8.54 24.00 -33.66
N ILE B 56 -7.60 23.32 -33.00
CA ILE B 56 -7.14 23.76 -31.69
C ILE B 56 -5.73 24.34 -31.81
N THR B 57 -5.57 25.59 -31.32
CA THR B 57 -4.33 26.32 -31.44
C THR B 57 -3.70 26.75 -30.12
N ASP B 58 -2.40 26.48 -30.06
CA ASP B 58 -1.40 27.08 -29.16
C ASP B 58 -1.51 28.61 -28.95
N ARG B 59 -0.88 29.07 -27.88
CA ARG B 59 -0.81 30.49 -27.57
C ARG B 59 -0.41 31.36 -28.76
N ASN B 60 0.47 30.84 -29.59
CA ASN B 60 1.05 31.56 -30.72
C ASN B 60 0.49 31.08 -32.06
N ASP B 61 -0.67 30.43 -32.00
CA ASP B 61 -1.34 29.94 -33.19
C ASP B 61 -0.62 28.77 -33.88
N GLU B 62 0.21 28.03 -33.14
CA GLU B 62 0.73 26.74 -33.64
C GLU B 62 -0.39 25.68 -33.59
N PHE B 63 -0.36 24.71 -34.51
CA PHE B 63 -1.43 23.67 -34.56
C PHE B 63 -1.20 22.53 -33.60
N LEU B 64 -2.18 22.30 -32.73
CA LEU B 64 -2.15 21.20 -31.76
C LEU B 64 -3.10 20.08 -32.18
N ALA B 65 -4.28 20.51 -32.65
CA ALA B 65 -5.31 19.61 -33.16
C ALA B 65 -5.89 20.14 -34.46
N THR B 66 -5.97 19.24 -35.44
CA THR B 66 -6.45 19.58 -36.76
C THR B 66 -7.11 18.40 -37.48
N ASN B 67 -7.48 18.59 -38.75
CA ASN B 67 -8.19 17.58 -39.54
C ASN B 67 -7.51 17.25 -40.88
N GLU B 68 -7.61 15.99 -41.32
CA GLU B 68 -6.99 15.51 -42.56
C GLU B 68 -8.04 14.87 -43.45
N LEU B 69 -8.05 15.22 -44.72
CA LEU B 69 -9.00 14.63 -45.66
C LEU B 69 -8.58 13.23 -46.05
N VAL B 70 -9.40 12.25 -45.73
CA VAL B 70 -9.11 10.86 -46.03
C VAL B 70 -10.36 10.23 -46.63
N PHE B 71 -10.31 8.93 -46.92
CA PHE B 71 -11.40 8.26 -47.60
C PHE B 71 -11.98 7.09 -46.81
N GLY B 72 -13.19 6.67 -47.18
CA GLY B 72 -13.80 5.45 -46.62
C GLY B 72 -14.52 4.65 -47.69
N VAL B 73 -14.50 3.34 -47.59
CA VAL B 73 -15.23 2.51 -48.54
C VAL B 73 -16.56 2.06 -47.91
N PHE B 74 -17.66 2.33 -48.62
CA PHE B 74 -19.01 2.14 -48.10
C PHE B 74 -19.82 1.16 -48.93
N LEU B 75 -20.73 0.43 -48.27
CA LEU B 75 -21.78 -0.36 -48.93
C LEU B 75 -23.16 0.17 -48.53
N PRO B 76 -24.20 -0.03 -49.37
CA PRO B 76 -25.53 0.42 -48.98
C PRO B 76 -26.13 -0.50 -47.89
N SER B 77 -26.94 0.08 -47.01
CA SER B 77 -27.62 -0.70 -45.96
C SER B 77 -28.79 -1.50 -46.53
N GLY B 78 -29.03 -2.66 -45.95
CA GLY B 78 -30.16 -3.50 -46.37
C GLY B 78 -29.85 -4.31 -47.61
N LEU B 79 -28.72 -5.01 -47.57
CA LEU B 79 -28.26 -5.80 -48.70
C LEU B 79 -28.34 -7.29 -48.39
N LYS B 80 -28.66 -8.09 -49.40
CA LYS B 80 -28.77 -9.55 -49.20
C LYS B 80 -27.41 -10.14 -48.82
N GLN B 81 -27.43 -11.16 -47.96
CA GLN B 81 -26.21 -11.83 -47.46
C GLN B 81 -25.33 -12.44 -48.56
N LYS B 82 -25.95 -12.96 -49.62
CA LYS B 82 -25.19 -13.55 -50.74
C LYS B 82 -24.40 -12.49 -51.51
N ASP B 83 -25.07 -11.37 -51.80
CA ASP B 83 -24.47 -10.24 -52.51
C ASP B 83 -23.41 -9.52 -51.68
N LEU B 84 -23.77 -9.24 -50.43
CA LEU B 84 -22.87 -8.60 -49.47
C LEU B 84 -21.51 -9.29 -49.43
N LEU B 85 -21.51 -10.62 -49.44
CA LEU B 85 -20.27 -11.41 -49.39
C LEU B 85 -19.46 -11.18 -50.65
N GLU B 86 -20.11 -11.18 -51.80
CA GLU B 86 -19.44 -11.00 -53.08
C GLU B 86 -18.79 -9.63 -53.19
N LYS B 87 -19.44 -8.63 -52.59
CA LYS B 87 -18.90 -7.27 -52.60
C LYS B 87 -17.75 -7.10 -51.61
N ILE B 88 -17.80 -7.79 -50.47
CA ILE B 88 -16.69 -7.76 -49.52
C ILE B 88 -15.46 -8.48 -50.08
N GLU B 89 -15.67 -9.50 -50.90
CA GLU B 89 -14.57 -10.15 -51.62
C GLU B 89 -13.89 -9.15 -52.53
N ILE B 90 -14.69 -8.34 -53.22
CA ILE B 90 -14.17 -7.28 -54.09
C ILE B 90 -13.35 -6.27 -53.28
N ILE B 91 -13.89 -5.87 -52.13
CA ILE B 91 -13.23 -4.90 -51.28
C ILE B 91 -12.01 -5.50 -50.56
N GLN B 92 -12.01 -6.82 -50.38
CA GLN B 92 -10.86 -7.57 -49.85
C GLN B 92 -9.66 -7.41 -50.79
N LYS B 93 -9.89 -7.55 -52.09
CA LYS B 93 -8.81 -7.40 -53.07
C LYS B 93 -8.07 -6.08 -52.85
N PHE B 94 -8.81 -4.98 -52.76
CA PHE B 94 -8.23 -3.63 -52.69
C PHE B 94 -7.57 -3.33 -51.35
N PHE B 95 -7.98 -4.04 -50.31
CA PHE B 95 -7.39 -3.88 -48.97
C PHE B 95 -7.11 -5.27 -48.37
N PRO B 96 -6.00 -5.89 -48.79
CA PRO B 96 -5.72 -7.25 -48.33
C PRO B 96 -5.27 -7.27 -46.87
N ASN B 97 -5.01 -6.09 -46.30
CA ASN B 97 -4.65 -5.96 -44.89
C ASN B 97 -5.91 -5.93 -43.98
N PHE B 98 -6.92 -6.69 -44.40
CA PHE B 98 -8.14 -6.88 -43.61
C PHE B 98 -8.59 -8.28 -43.98
N SER B 99 -9.23 -8.98 -43.04
CA SER B 99 -9.82 -10.30 -43.34
C SER B 99 -11.31 -10.17 -43.60
N LYS B 100 -11.80 -10.88 -44.62
CA LYS B 100 -13.19 -10.78 -45.06
C LYS B 100 -14.19 -10.84 -43.90
N GLU B 101 -13.82 -11.56 -42.86
CA GLU B 101 -14.68 -11.70 -41.70
C GLU B 101 -14.72 -10.45 -40.79
N THR B 102 -13.60 -9.77 -40.61
CA THR B 102 -13.59 -8.56 -39.78
C THR B 102 -14.28 -7.42 -40.53
N LEU B 103 -14.31 -7.50 -41.86
CA LEU B 103 -15.01 -6.51 -42.70
C LEU B 103 -16.53 -6.71 -42.74
N LEU B 104 -16.93 -7.97 -42.90
CA LEU B 104 -18.33 -8.34 -42.77
C LEU B 104 -18.89 -7.80 -41.45
N ASN B 105 -18.15 -8.04 -40.39
CA ASN B 105 -18.52 -7.62 -39.04
C ASN B 105 -18.85 -6.14 -39.00
N ASN B 106 -18.05 -5.32 -39.68
CA ASN B 106 -18.30 -3.87 -39.76
C ASN B 106 -19.66 -3.59 -40.39
N TYR B 107 -20.08 -4.40 -41.35
CA TYR B 107 -21.36 -4.17 -42.03
C TYR B 107 -22.53 -4.12 -41.03
N GLN B 108 -22.93 -5.27 -40.44
CA GLN B 108 -23.93 -5.24 -39.38
C GLN B 108 -23.17 -5.01 -38.08
N LYS B 109 -23.33 -3.80 -37.54
CA LYS B 109 -22.36 -3.27 -36.59
C LYS B 109 -23.00 -3.04 -35.21
N GLU B 110 -22.19 -3.25 -34.15
CA GLU B 110 -22.68 -3.23 -32.75
C GLU B 110 -22.44 -1.88 -32.04
N ASN B 111 -21.23 -1.34 -32.14
CA ASN B 111 -20.88 -0.06 -31.50
C ASN B 111 -20.82 1.06 -32.57
N SER B 112 -21.96 1.30 -33.20
CA SER B 112 -22.09 2.31 -34.28
C SER B 112 -23.37 2.15 -35.09
N LEU B 113 -23.90 3.29 -35.53
CA LEU B 113 -25.04 3.36 -36.45
C LEU B 113 -24.76 4.59 -37.34
N TYR B 114 -24.15 4.34 -38.50
CA TYR B 114 -23.63 5.42 -39.36
C TYR B 114 -24.62 5.82 -40.48
N ASN B 115 -25.05 7.09 -40.48
CA ASN B 115 -25.60 7.79 -41.67
C ASN B 115 -27.12 7.70 -41.93
N HIS B 116 -27.75 6.60 -41.50
CA HIS B 116 -29.17 6.30 -41.77
C HIS B 116 -29.40 5.65 -43.13
N ASN B 117 -28.36 5.61 -43.99
CA ASN B 117 -28.39 4.83 -45.24
C ASN B 117 -27.12 4.07 -45.60
N LEU B 118 -25.96 4.74 -45.66
CA LEU B 118 -24.69 4.09 -46.08
C LEU B 118 -23.81 3.59 -44.94
N ILE B 119 -23.22 2.40 -45.11
CA ILE B 119 -22.45 1.73 -44.04
C ILE B 119 -20.94 1.62 -44.35
N LYS B 120 -20.10 2.09 -43.43
CA LYS B 120 -18.64 2.17 -43.66
C LYS B 120 -17.92 0.83 -43.48
N VAL B 121 -17.46 0.22 -44.57
CA VAL B 121 -16.72 -1.06 -44.49
C VAL B 121 -15.23 -0.91 -44.13
N VAL B 122 -14.49 -0.13 -44.91
CA VAL B 122 -13.12 0.26 -44.56
C VAL B 122 -13.11 1.73 -44.28
N GLY B 123 -12.45 2.09 -43.19
CA GLY B 123 -12.40 3.46 -42.74
C GLY B 123 -10.99 3.97 -42.85
N PHE B 124 -10.88 5.28 -42.91
CA PHE B 124 -9.61 5.97 -42.75
C PHE B 124 -8.55 5.38 -43.67
N ILE B 125 -8.67 5.77 -44.92
CA ILE B 125 -7.73 5.42 -45.97
C ILE B 125 -7.03 6.70 -46.41
N PRO B 126 -5.69 6.70 -46.42
CA PRO B 126 -5.01 7.93 -46.81
C PRO B 126 -5.26 8.31 -48.25
N TYR B 127 -5.24 9.61 -48.51
CA TYR B 127 -5.48 10.12 -49.84
C TYR B 127 -4.56 9.44 -50.83
N ALA B 128 -3.30 9.30 -50.45
CA ALA B 128 -2.30 8.80 -51.36
C ALA B 128 -2.55 7.34 -51.69
N THR B 129 -3.04 6.61 -50.71
CA THR B 129 -3.38 5.22 -50.91
C THR B 129 -4.51 5.04 -51.90
N MET B 130 -5.42 6.00 -51.93
CA MET B 130 -6.62 5.96 -52.74
C MET B 130 -6.26 6.30 -54.19
N GLN B 131 -5.09 6.88 -54.38
CA GLN B 131 -4.73 7.43 -55.66
C GLN B 131 -4.84 6.44 -56.83
N PRO B 132 -4.29 5.21 -56.68
CA PRO B 132 -4.49 4.19 -57.72
C PRO B 132 -5.79 3.40 -57.59
N LEU B 133 -6.47 3.51 -56.46
CA LEU B 133 -7.67 2.73 -56.19
C LEU B 133 -8.97 3.40 -56.60
N TYR B 134 -9.05 4.74 -56.51
CA TYR B 134 -10.36 5.40 -56.66
C TYR B 134 -11.12 4.93 -57.87
N ALA B 135 -10.48 4.99 -59.03
CA ALA B 135 -11.14 4.60 -60.28
C ALA B 135 -11.59 3.12 -60.33
N LYS B 136 -10.81 2.24 -59.72
CA LYS B 136 -11.11 0.84 -59.74
C LYS B 136 -12.31 0.52 -58.87
N LEU B 137 -12.41 1.20 -57.73
CA LEU B 137 -13.56 1.01 -56.84
C LEU B 137 -14.85 1.51 -57.50
N ILE B 138 -14.72 2.55 -58.32
CA ILE B 138 -15.86 3.17 -58.97
C ILE B 138 -16.47 2.31 -60.05
N GLN B 139 -15.72 1.30 -60.52
CA GLN B 139 -16.21 0.41 -61.58
C GLN B 139 -17.27 -0.55 -61.14
N THR B 140 -17.32 -0.83 -59.83
CA THR B 140 -18.26 -1.80 -59.29
C THR B 140 -19.50 -1.07 -58.72
N GLN B 141 -20.68 -1.48 -59.17
CA GLN B 141 -21.94 -0.72 -58.99
C GLN B 141 -22.31 -0.32 -57.58
N GLY B 142 -22.30 -1.27 -56.66
CA GLY B 142 -22.74 -0.99 -55.30
C GLY B 142 -21.63 -0.67 -54.31
N ILE B 143 -20.56 -0.03 -54.77
CA ILE B 143 -19.43 0.30 -53.91
C ILE B 143 -19.08 1.77 -54.05
N PHE B 144 -19.01 2.42 -52.89
CA PHE B 144 -18.88 3.86 -52.77
C PHE B 144 -17.58 4.21 -52.05
N ALA B 145 -16.97 5.32 -52.44
CA ALA B 145 -15.72 5.77 -51.85
C ALA B 145 -15.89 7.25 -51.53
N LEU B 146 -15.88 7.56 -50.24
CA LEU B 146 -16.38 8.83 -49.78
C LEU B 146 -15.38 9.48 -48.90
N PRO B 147 -15.33 10.82 -48.96
CA PRO B 147 -14.46 11.65 -48.15
C PRO B 147 -14.91 11.73 -46.70
N LEU B 148 -13.95 11.51 -45.81
CA LEU B 148 -14.13 11.64 -44.38
C LEU B 148 -13.08 12.58 -43.81
N ASP B 149 -13.43 13.24 -42.72
CA ASP B 149 -12.43 13.92 -41.92
C ASP B 149 -11.91 12.99 -40.84
N LYS B 150 -10.60 12.97 -40.70
CA LYS B 150 -9.96 12.23 -39.66
C LYS B 150 -9.23 13.25 -38.81
N ARG B 151 -9.54 13.24 -37.52
CA ARG B 151 -8.89 14.14 -36.59
C ARG B 151 -7.41 13.78 -36.54
N TYR B 152 -6.58 14.79 -36.31
CA TYR B 152 -5.14 14.62 -36.36
C TYR B 152 -4.40 15.52 -35.39
N TYR B 153 -3.56 14.89 -34.57
CA TYR B 153 -2.80 15.58 -33.53
C TYR B 153 -1.34 15.50 -33.97
N PRO B 154 -0.83 16.59 -34.55
CA PRO B 154 0.48 16.58 -35.19
C PRO B 154 1.56 16.18 -34.22
N ASN B 155 1.43 16.61 -32.97
CA ASN B 155 2.47 16.42 -31.97
C ASN B 155 2.34 15.08 -31.23
N ASN B 156 1.40 14.22 -31.66
CA ASN B 156 1.18 12.92 -31.03
C ASN B 156 0.79 12.95 -29.55
N ALA B 157 1.77 12.78 -28.66
CA ALA B 157 1.51 12.66 -27.23
C ALA B 157 1.80 13.96 -26.47
N LEU B 158 2.06 15.03 -27.20
CA LEU B 158 2.25 16.31 -26.57
C LEU B 158 0.94 16.79 -25.99
N ALA B 159 0.91 17.07 -24.69
CA ALA B 159 -0.26 17.64 -24.01
C ALA B 159 -1.47 16.75 -24.16
N SER B 160 -1.22 15.45 -24.33
CA SER B 160 -2.30 14.50 -24.58
C SER B 160 -3.40 14.60 -23.52
N HIS B 161 -3.04 14.91 -22.28
CA HIS B 161 -4.02 14.95 -21.21
C HIS B 161 -4.72 16.32 -21.13
N VAL B 162 -4.23 17.29 -21.89
CA VAL B 162 -4.97 18.56 -22.04
C VAL B 162 -5.93 18.53 -23.22
N LEU B 163 -5.40 18.16 -24.37
CA LEU B 163 -6.17 18.21 -25.61
C LEU B 163 -7.30 17.20 -25.59
N GLY B 164 -6.99 15.96 -25.23
CA GLY B 164 -7.95 14.87 -25.28
C GLY B 164 -8.19 14.46 -26.71
N TYR B 165 -9.14 13.55 -26.94
CA TYR B 165 -9.35 13.01 -28.26
C TYR B 165 -10.83 12.83 -28.61
N VAL B 166 -11.11 12.73 -29.90
CA VAL B 166 -12.47 12.56 -30.39
C VAL B 166 -12.71 11.13 -30.76
N GLY B 167 -13.97 10.70 -30.73
CA GLY B 167 -14.33 9.33 -31.11
C GLY B 167 -15.71 9.27 -31.74
N VAL B 168 -16.14 8.06 -32.07
CA VAL B 168 -17.47 7.87 -32.65
C VAL B 168 -18.51 8.12 -31.56
N ALA B 169 -19.54 8.89 -31.92
CA ALA B 169 -20.65 9.15 -31.01
C ALA B 169 -21.18 7.86 -30.39
N SER B 170 -21.09 7.76 -29.06
CA SER B 170 -21.70 6.64 -28.35
C SER B 170 -23.21 6.88 -28.32
N LEU B 171 -23.97 5.81 -28.18
CA LEU B 171 -25.44 5.92 -28.15
C LEU B 171 -25.89 6.84 -27.02
N GLN B 172 -25.07 6.94 -25.97
CA GLN B 172 -25.35 7.85 -24.86
C GLN B 172 -24.97 9.29 -25.17
N ASP B 173 -23.92 9.46 -25.98
CA ASP B 173 -23.53 10.79 -26.48
C ASP B 173 -24.61 11.46 -27.36
N LEU B 174 -25.23 10.68 -28.24
CA LEU B 174 -26.30 11.18 -29.12
C LEU B 174 -27.44 11.71 -28.30
N LYS B 175 -27.70 11.03 -27.18
CA LYS B 175 -28.71 11.43 -26.22
C LYS B 175 -28.33 12.74 -25.50
N ASP B 176 -27.08 12.83 -25.07
CA ASP B 176 -26.57 13.99 -24.32
C ASP B 176 -26.76 15.33 -25.04
N ASP B 177 -26.39 15.36 -26.31
CA ASP B 177 -26.60 16.54 -27.15
C ASP B 177 -27.12 16.03 -28.48
N GLU B 178 -28.41 16.18 -28.70
CA GLU B 178 -29.04 15.67 -29.92
C GLU B 178 -28.28 16.07 -31.19
N GLU B 179 -27.63 17.25 -31.20
CA GLU B 179 -26.90 17.71 -32.39
C GLU B 179 -25.53 17.05 -32.63
N ASN B 180 -25.16 16.08 -31.81
CA ASN B 180 -23.94 15.30 -32.10
C ASN B 180 -24.12 14.37 -33.31
N GLN B 181 -25.35 14.25 -33.79
CA GLN B 181 -25.72 13.20 -34.76
C GLN B 181 -25.23 13.44 -36.17
N TYR B 182 -25.11 14.71 -36.56
CA TYR B 182 -24.87 15.05 -37.96
C TYR B 182 -23.44 14.76 -38.40
N SER B 183 -22.52 14.74 -37.44
CA SER B 183 -21.10 14.49 -37.72
C SER B 183 -20.65 13.10 -37.26
N GLN B 184 -21.24 12.62 -36.15
CA GLN B 184 -20.76 11.40 -35.47
C GLN B 184 -19.28 11.52 -35.07
N ILE B 185 -18.86 12.74 -34.76
CA ILE B 185 -17.54 13.00 -34.22
C ILE B 185 -17.71 13.85 -32.96
N VAL B 186 -17.37 13.28 -31.81
CA VAL B 186 -17.51 13.98 -30.52
C VAL B 186 -16.27 13.84 -29.62
N GLY B 187 -16.05 14.84 -28.80
CA GLY B 187 -14.90 14.83 -27.92
C GLY B 187 -15.17 13.84 -26.83
N LYS B 188 -14.16 13.04 -26.50
CA LYS B 188 -14.25 12.07 -25.43
C LYS B 188 -13.57 12.55 -24.17
N THR B 189 -12.33 13.03 -24.25
CA THR B 189 -11.61 13.54 -23.08
C THR B 189 -11.07 14.95 -23.25
N GLY B 190 -10.73 15.57 -22.14
CA GLY B 190 -10.17 16.89 -22.11
C GLY B 190 -10.87 17.99 -22.90
N ILE B 191 -10.06 18.85 -23.52
CA ILE B 191 -10.53 20.02 -24.25
C ILE B 191 -11.46 19.67 -25.40
N GLU B 192 -11.17 18.58 -26.11
CA GLU B 192 -12.05 18.12 -27.17
C GLU B 192 -13.44 17.90 -26.65
N LYS B 193 -13.52 17.44 -25.41
CA LYS B 193 -14.80 17.20 -24.78
C LYS B 193 -15.34 18.50 -24.18
N GLU B 194 -14.53 19.20 -23.41
CA GLU B 194 -15.01 20.40 -22.72
C GLU B 194 -15.56 21.42 -23.72
N TYR B 195 -14.89 21.58 -24.84
CA TYR B 195 -15.31 22.60 -25.79
C TYR B 195 -15.92 21.95 -27.04
N ASN B 196 -16.64 20.84 -26.86
CA ASN B 196 -17.20 20.10 -27.97
C ASN B 196 -18.18 20.91 -28.79
N LYS B 197 -19.16 21.52 -28.13
CA LYS B 197 -20.15 22.35 -28.82
C LYS B 197 -19.52 23.39 -29.71
N LEU B 198 -18.55 24.11 -29.16
CA LEU B 198 -17.80 25.11 -29.93
C LEU B 198 -17.12 24.47 -31.14
N LEU B 199 -16.26 23.48 -30.88
CA LEU B 199 -15.40 22.88 -31.90
C LEU B 199 -16.20 22.24 -33.03
N GLN B 200 -17.33 21.67 -32.68
CA GLN B 200 -18.18 20.99 -33.64
C GLN B 200 -18.92 21.98 -34.52
N GLY B 201 -19.33 23.09 -33.94
CA GLY B 201 -20.08 24.12 -34.68
C GLY B 201 -21.53 23.74 -34.91
N LYS B 202 -22.21 24.53 -35.73
CA LYS B 202 -23.62 24.34 -36.04
C LYS B 202 -23.80 23.82 -37.45
N VAL B 203 -24.74 22.89 -37.65
CA VAL B 203 -25.09 22.44 -38.99
C VAL B 203 -25.87 23.51 -39.72
N GLY B 204 -25.80 23.47 -41.04
CA GLY B 204 -26.64 24.28 -41.91
C GLY B 204 -27.38 23.32 -42.79
N TYR B 205 -28.14 23.81 -43.76
CA TYR B 205 -28.89 22.93 -44.64
C TYR B 205 -29.06 23.50 -46.03
N LYS B 206 -29.43 22.63 -46.96
CA LYS B 206 -29.66 23.04 -48.34
C LYS B 206 -30.86 22.31 -48.88
N ILE B 207 -31.84 23.07 -49.37
CA ILE B 207 -33.05 22.49 -49.91
C ILE B 207 -33.04 22.57 -51.42
N MET B 208 -33.37 21.46 -52.09
CA MET B 208 -33.28 21.38 -53.56
C MET B 208 -34.53 20.82 -54.21
N ARG B 209 -34.90 21.39 -55.35
CA ARG B 209 -35.97 20.87 -56.22
C ARG B 209 -35.56 19.52 -56.85
N VAL B 210 -36.49 18.57 -56.91
CA VAL B 210 -36.21 17.26 -57.53
C VAL B 210 -37.31 16.83 -58.50
N ASN B 211 -36.95 15.95 -59.44
CA ASN B 211 -37.91 15.40 -60.39
C ASN B 211 -38.32 14.00 -59.96
N ALA B 212 -39.18 13.37 -60.77
CA ALA B 212 -39.63 12.01 -60.53
C ALA B 212 -38.46 11.01 -60.48
N LEU B 213 -37.49 11.18 -61.39
CA LEU B 213 -36.28 10.33 -61.43
C LEU B 213 -35.45 10.46 -60.15
N ASN B 214 -35.89 11.34 -59.25
CA ASN B 214 -35.31 11.53 -57.92
C ASN B 214 -33.94 12.25 -57.96
N GLN B 215 -33.73 13.10 -58.96
CA GLN B 215 -32.45 13.76 -59.14
C GLN B 215 -32.56 15.19 -58.66
N GLU B 216 -31.40 15.79 -58.37
CA GLU B 216 -31.37 17.17 -57.89
C GLU B 216 -31.43 18.15 -59.06
N LEU B 217 -32.21 19.22 -58.86
CA LEU B 217 -32.30 20.30 -59.82
C LEU B 217 -31.77 21.57 -59.12
N ALA B 218 -32.50 22.68 -59.27
CA ALA B 218 -32.07 23.93 -58.67
C ALA B 218 -32.04 23.86 -57.14
N THR B 219 -31.05 24.55 -56.57
CA THR B 219 -31.01 24.84 -55.16
C THR B 219 -32.08 25.90 -54.88
N LEU B 220 -32.99 25.62 -53.95
CA LEU B 220 -34.05 26.57 -53.62
C LEU B 220 -33.70 27.44 -52.42
N GLU B 221 -32.96 26.87 -51.48
CA GLU B 221 -32.51 27.60 -50.30
C GLU B 221 -31.15 27.09 -49.88
N VAL B 222 -30.32 27.99 -49.36
CA VAL B 222 -29.08 27.62 -48.72
C VAL B 222 -29.02 28.35 -47.39
N VAL B 223 -28.68 27.61 -46.35
CA VAL B 223 -28.41 28.17 -45.04
C VAL B 223 -27.04 27.66 -44.67
N LEU B 224 -26.11 28.55 -44.39
CA LEU B 224 -24.74 28.15 -44.09
C LEU B 224 -24.53 27.63 -42.67
N PRO B 225 -23.56 26.74 -42.51
CA PRO B 225 -23.14 26.29 -41.20
C PRO B 225 -22.23 27.33 -40.57
N SER B 226 -22.00 27.23 -39.27
CA SER B 226 -21.01 28.08 -38.62
C SER B 226 -19.63 27.82 -39.22
N THR B 227 -18.72 28.76 -39.07
CA THR B 227 -17.42 28.66 -39.72
C THR B 227 -16.25 28.81 -38.74
N ASN B 228 -16.16 29.95 -38.06
CA ASN B 228 -15.13 30.15 -37.03
C ASN B 228 -15.42 29.25 -35.81
N ASN B 229 -15.01 28.00 -35.94
CA ASN B 229 -15.17 26.99 -34.90
C ASN B 229 -13.83 26.72 -34.20
N HIS B 230 -12.78 27.44 -34.60
CA HIS B 230 -11.44 27.24 -34.05
C HIS B 230 -11.35 27.68 -32.58
N LEU B 231 -10.35 27.16 -31.88
CA LEU B 231 -10.15 27.46 -30.47
C LEU B 231 -8.68 27.67 -30.13
N GLN B 232 -8.39 28.80 -29.47
CA GLN B 232 -7.03 29.14 -29.08
C GLN B 232 -6.78 28.94 -27.58
N LEU B 233 -5.74 28.17 -27.27
CA LEU B 233 -5.36 27.82 -25.89
C LEU B 233 -4.12 28.55 -25.46
N SER B 234 -3.96 28.70 -24.14
CA SER B 234 -2.84 29.45 -23.57
C SER B 234 -1.53 28.68 -23.50
N LEU B 235 -1.55 27.37 -23.74
CA LEU B 235 -0.31 26.58 -23.74
C LEU B 235 0.73 27.17 -24.66
N ASP B 236 2.00 26.97 -24.33
CA ASP B 236 3.10 27.27 -25.26
C ASP B 236 3.78 25.97 -25.63
N LYS B 237 3.75 25.65 -26.93
CA LYS B 237 4.28 24.38 -27.44
C LYS B 237 5.74 24.11 -27.03
N ARG B 238 6.56 25.17 -26.96
CA ARG B 238 7.95 25.01 -26.59
C ARG B 238 8.08 24.63 -25.13
N LEU B 239 7.38 25.36 -24.27
CA LEU B 239 7.39 25.11 -22.83
C LEU B 239 6.96 23.68 -22.45
N GLN B 240 5.98 23.16 -23.16
CA GLN B 240 5.52 21.77 -22.96
C GLN B 240 6.54 20.74 -23.42
N LYS B 241 7.25 21.04 -24.50
CA LYS B 241 8.29 20.11 -24.96
C LYS B 241 9.40 20.02 -23.93
N GLU B 242 9.70 21.16 -23.28
CA GLU B 242 10.65 21.20 -22.17
C GLU B 242 10.14 20.30 -21.05
N ALA B 243 8.88 20.52 -20.70
CA ALA B 243 8.21 19.75 -19.66
C ALA B 243 8.31 18.25 -19.93
N ASP B 244 8.03 17.83 -21.18
CA ASP B 244 8.16 16.41 -21.55
C ASP B 244 9.58 15.92 -21.27
N LYS B 245 10.56 16.68 -21.75
CA LYS B 245 11.98 16.32 -21.59
C LYS B 245 12.32 16.06 -20.12
N LEU B 246 11.87 16.96 -19.25
CA LEU B 246 12.20 16.88 -17.84
C LEU B 246 11.66 15.61 -17.16
N PHE B 247 10.47 15.16 -17.57
CA PHE B 247 9.81 13.98 -17.00
C PHE B 247 10.02 12.75 -17.88
N GLU B 248 11.21 12.62 -18.47
CA GLU B 248 11.40 11.66 -19.54
C GLU B 248 11.33 10.21 -19.06
N ASN B 249 11.88 9.94 -17.87
CA ASN B 249 11.80 8.61 -17.25
C ASN B 249 11.04 8.65 -15.94
N LYS B 250 10.12 9.61 -15.82
CA LYS B 250 9.42 9.86 -14.56
C LYS B 250 7.91 9.83 -14.75
N ARG B 251 7.18 9.47 -13.69
CA ARG B 251 5.75 9.73 -13.64
C ARG B 251 5.48 10.91 -12.71
N GLY B 252 4.38 11.61 -12.96
CA GLY B 252 3.99 12.76 -12.14
C GLY B 252 3.27 13.80 -12.95
N ALA B 253 3.48 15.07 -12.62
CA ALA B 253 2.77 16.16 -13.27
C ALA B 253 3.43 17.51 -13.02
N ILE B 254 3.25 18.44 -13.97
CA ILE B 254 3.88 19.75 -13.89
C ILE B 254 3.01 20.87 -14.48
N LEU B 255 3.04 22.05 -13.85
CA LEU B 255 2.15 23.14 -14.18
C LEU B 255 2.86 24.47 -14.14
N VAL B 256 2.64 25.30 -15.15
CA VAL B 256 3.07 26.70 -15.13
C VAL B 256 1.83 27.56 -15.33
N MET B 257 1.72 28.67 -14.58
CA MET B 257 0.50 29.48 -14.67
C MET B 257 0.71 30.98 -14.44
N ASP B 258 0.19 31.77 -15.37
CA ASP B 258 0.10 33.22 -15.23
C ASP B 258 -0.81 33.53 -14.04
N ALA B 259 -0.21 33.97 -12.94
CA ALA B 259 -0.93 34.13 -11.67
C ALA B 259 -1.83 35.39 -11.58
N GLU B 260 -1.85 36.18 -12.65
CA GLU B 260 -2.68 37.39 -12.72
C GLU B 260 -4.03 37.18 -13.41
N ASN B 261 -4.13 36.16 -14.25
CA ASN B 261 -5.40 35.84 -14.95
C ASN B 261 -5.78 34.35 -15.00
N GLY B 262 -4.82 33.47 -14.69
CA GLY B 262 -5.08 32.02 -14.61
C GLY B 262 -4.77 31.20 -15.84
N GLU B 263 -4.06 31.79 -16.80
CA GLU B 263 -3.68 31.07 -18.00
C GLU B 263 -2.63 29.98 -17.70
N LEU B 264 -2.87 28.77 -18.19
CA LEU B 264 -1.94 27.66 -18.07
C LEU B 264 -1.01 27.58 -19.29
N LEU B 265 0.29 27.75 -19.04
CA LEU B 265 1.27 27.67 -20.11
C LEU B 265 1.80 26.25 -20.25
N VAL B 266 1.85 25.52 -19.13
CA VAL B 266 2.20 24.10 -19.11
C VAL B 266 1.21 23.31 -18.29
N ALA B 267 0.98 22.05 -18.68
CA ALA B 267 0.18 21.07 -17.95
C ALA B 267 0.57 19.67 -18.46
N GLY B 268 1.58 19.09 -17.82
CA GLY B 268 2.05 17.77 -18.21
C GLY B 268 1.57 16.70 -17.25
N SER B 269 1.19 15.54 -17.77
CA SER B 269 0.86 14.39 -16.93
C SER B 269 1.56 13.16 -17.48
N TYR B 270 2.34 12.48 -16.65
CA TYR B 270 3.29 11.50 -17.15
C TYR B 270 3.12 10.13 -16.52
N PRO B 271 2.98 9.09 -17.36
CA PRO B 271 3.11 9.17 -18.82
C PRO B 271 1.94 9.84 -19.56
N GLU B 272 2.28 10.61 -20.59
CA GLU B 272 1.31 11.03 -21.61
C GLU B 272 1.10 9.82 -22.55
N TYR B 273 0.14 9.93 -23.46
CA TYR B 273 -0.10 8.87 -24.47
C TYR B 273 -0.38 9.50 -25.83
N ASN B 274 -0.25 8.71 -26.90
CA ASN B 274 -0.36 9.22 -28.27
C ASN B 274 -1.81 9.27 -28.75
N LEU B 275 -2.33 10.49 -28.81
CA LEU B 275 -3.72 10.74 -29.14
C LEU B 275 -4.16 10.12 -30.46
N ASN B 276 -3.23 9.93 -31.39
CA ASN B 276 -3.59 9.44 -32.70
C ASN B 276 -4.04 7.99 -32.70
N ASP B 277 -3.64 7.24 -31.68
CA ASP B 277 -3.99 5.81 -31.62
C ASP B 277 -5.47 5.57 -31.34
N PHE B 278 -6.17 6.61 -30.87
CA PHE B 278 -7.61 6.52 -30.62
C PHE B 278 -8.47 6.87 -31.82
N VAL B 279 -7.92 7.63 -32.75
CA VAL B 279 -8.77 8.28 -33.76
C VAL B 279 -9.41 7.19 -34.65
N GLY B 280 -10.73 7.22 -34.77
CA GLY B 280 -11.44 6.21 -35.56
C GLY B 280 -11.22 4.83 -34.98
N GLY B 281 -11.42 4.73 -33.66
CA GLY B 281 -11.34 3.46 -32.94
C GLY B 281 -9.96 3.05 -32.47
N ILE B 282 -9.86 2.71 -31.18
CA ILE B 282 -8.63 2.14 -30.62
C ILE B 282 -8.61 0.62 -30.85
N SER B 283 -7.45 0.08 -31.17
CA SER B 283 -7.31 -1.38 -31.37
C SER B 283 -7.22 -2.12 -30.04
N GLN B 284 -7.73 -3.34 -30.00
CA GLN B 284 -7.70 -4.14 -28.78
C GLN B 284 -6.26 -4.36 -28.32
N ASP B 285 -5.34 -4.41 -29.27
CA ASP B 285 -3.89 -4.49 -28.98
C ASP B 285 -3.34 -3.26 -28.23
N LYS B 286 -3.71 -2.07 -28.66
CA LYS B 286 -3.15 -0.85 -28.05
C LYS B 286 -3.86 -0.49 -26.75
N TRP B 287 -5.14 -0.86 -26.63
CA TRP B 287 -5.90 -0.64 -25.41
C TRP B 287 -5.34 -1.46 -24.26
N GLN B 288 -4.96 -2.70 -24.54
CA GLN B 288 -4.31 -3.55 -23.55
C GLN B 288 -2.97 -2.94 -23.10
N LYS B 289 -2.20 -2.43 -24.07
CA LYS B 289 -0.89 -1.85 -23.76
C LYS B 289 -1.02 -0.67 -22.79
N LEU B 290 -2.08 0.11 -22.92
CA LEU B 290 -2.28 1.30 -22.09
C LEU B 290 -2.89 0.93 -20.73
N GLN B 291 -3.90 0.08 -20.75
CA GLN B 291 -4.64 -0.23 -19.53
C GLN B 291 -3.81 -1.11 -18.60
N ASP B 292 -3.02 -2.04 -19.18
CA ASP B 292 -2.16 -2.96 -18.40
C ASP B 292 -0.76 -2.42 -18.13
N ASP B 293 -0.42 -1.27 -18.71
CA ASP B 293 0.73 -0.52 -18.24
C ASP B 293 0.43 -0.14 -16.81
N ILE B 294 1.26 -0.60 -15.89
CA ILE B 294 1.00 -0.35 -14.49
C ILE B 294 1.17 1.13 -14.13
N TYR B 295 1.93 1.87 -14.92
CA TYR B 295 2.12 3.31 -14.67
C TYR B 295 0.92 4.15 -15.06
N ASN B 296 -0.10 3.50 -15.62
CA ASN B 296 -1.43 4.10 -15.77
C ASN B 296 -1.41 5.37 -16.65
N PRO B 297 -1.29 5.18 -17.97
CA PRO B 297 -1.10 6.29 -18.91
C PRO B 297 -2.36 7.14 -19.10
N LEU B 298 -3.51 6.52 -18.89
CA LEU B 298 -4.77 7.19 -19.07
C LEU B 298 -5.07 8.17 -17.97
N LEU B 299 -4.26 8.19 -16.93
CA LEU B 299 -4.52 9.04 -15.79
C LEU B 299 -4.02 10.46 -16.03
N ASN B 300 -4.95 11.40 -15.89
CA ASN B 300 -4.67 12.83 -15.84
C ASN B 300 -4.25 13.12 -14.41
N ARG B 301 -2.98 13.43 -14.22
CA ARG B 301 -2.45 13.57 -12.88
C ARG B 301 -2.50 14.99 -12.27
N PHE B 302 -2.79 15.99 -13.10
CA PHE B 302 -2.87 17.38 -12.58
C PHE B 302 -4.29 17.78 -12.17
N ALA B 303 -5.28 17.07 -12.70
CA ALA B 303 -6.70 17.35 -12.43
C ALA B 303 -7.54 16.16 -11.91
N ASN B 304 -7.10 14.93 -12.19
CA ASN B 304 -7.88 13.74 -11.85
C ASN B 304 -7.05 12.70 -11.11
N ALA B 305 -6.27 13.19 -10.15
CA ALA B 305 -5.47 12.36 -9.29
C ALA B 305 -5.27 13.10 -7.98
N LEU B 306 -5.30 12.36 -6.88
CA LEU B 306 -5.16 12.93 -5.55
C LEU B 306 -3.89 12.41 -4.86
N TYR B 307 -3.16 13.32 -4.22
CA TYR B 307 -1.97 12.96 -3.47
C TYR B 307 -1.95 13.74 -2.16
N PRO B 308 -1.26 13.21 -1.11
CA PRO B 308 -1.06 14.02 0.09
C PRO B 308 -0.14 15.20 -0.22
N PRO B 309 -0.56 16.44 0.09
CA PRO B 309 0.26 17.60 -0.29
C PRO B 309 1.61 17.64 0.43
N GLY B 310 1.68 17.10 1.65
CA GLY B 310 2.87 17.16 2.47
C GLY B 310 3.13 18.58 2.96
N SER B 311 4.41 18.90 3.15
CA SER B 311 4.80 20.16 3.75
C SER B 311 4.33 21.43 3.01
N VAL B 312 3.93 21.31 1.74
CA VAL B 312 3.55 22.49 0.91
C VAL B 312 2.41 23.32 1.52
N VAL B 313 1.61 22.65 2.36
CA VAL B 313 0.50 23.30 3.05
C VAL B 313 0.94 24.27 4.15
N LYS B 314 2.21 24.21 4.54
CA LYS B 314 2.68 24.80 5.79
C LYS B 314 2.42 26.29 5.91
N MET B 315 2.52 27.03 4.82
CA MET B 315 2.22 28.47 4.87
C MET B 315 0.70 28.73 4.97
N GLY B 316 -0.12 27.79 4.51
CA GLY B 316 -1.56 27.84 4.75
C GLY B 316 -1.90 27.58 6.22
N VAL B 317 -1.19 26.61 6.79
CA VAL B 317 -1.34 26.25 8.20
C VAL B 317 -0.87 27.40 9.11
N GLY B 318 0.34 27.88 8.84
CA GLY B 318 0.88 29.04 9.51
C GLY B 318 -0.07 30.23 9.46
N LEU B 319 -0.65 30.48 8.30
CA LEU B 319 -1.59 31.60 8.17
C LEU B 319 -2.79 31.45 9.12
N SER B 320 -3.20 30.22 9.36
CA SER B 320 -4.27 29.96 10.31
C SER B 320 -3.82 30.25 11.76
N PHE B 321 -2.61 29.84 12.11
CA PHE B 321 -2.07 30.13 13.45
C PHE B 321 -2.13 31.63 13.73
N LEU B 322 -1.52 32.40 12.84
CA LEU B 322 -1.41 33.85 13.00
C LEU B 322 -2.77 34.50 13.08
N GLU B 323 -3.76 33.89 12.45
CA GLU B 323 -5.09 34.45 12.40
C GLU B 323 -5.88 34.15 13.67
N ASN B 324 -5.72 32.94 14.19
CA ASN B 324 -6.62 32.40 15.23
C ASN B 324 -6.02 32.37 16.63
N LEU B 325 -4.70 32.31 16.72
CA LEU B 325 -4.02 32.24 17.99
C LEU B 325 -3.55 33.61 18.44
N HIS B 326 -2.90 33.66 19.59
CA HIS B 326 -2.25 34.88 20.11
C HIS B 326 -0.74 34.77 19.94
N ILE B 327 -0.27 34.87 18.69
CA ILE B 327 1.15 34.71 18.34
C ILE B 327 1.55 35.59 17.15
N THR B 328 2.83 35.57 16.77
CA THR B 328 3.33 36.30 15.60
C THR B 328 4.31 35.49 14.76
N GLU B 329 4.64 36.05 13.60
CA GLU B 329 5.63 35.49 12.67
C GLU B 329 6.93 35.14 13.39
N ASN B 330 7.25 35.93 14.41
CA ASN B 330 8.55 35.85 15.09
C ASN B 330 8.52 35.03 16.38
N THR B 331 7.33 34.57 16.76
CA THR B 331 7.21 33.70 17.92
C THR B 331 8.15 32.52 17.75
N THR B 332 9.16 32.46 18.61
CA THR B 332 10.19 31.43 18.52
C THR B 332 9.94 30.39 19.61
N ILE B 333 10.07 29.11 19.25
CA ILE B 333 9.90 28.01 20.20
C ILE B 333 10.94 26.92 19.95
N PRO B 334 11.20 26.09 20.99
CA PRO B 334 12.13 24.96 20.84
C PRO B 334 11.62 23.84 19.92
N THR B 335 12.50 23.36 19.04
CA THR B 335 12.12 22.36 18.04
C THR B 335 13.02 21.12 18.15
N PRO B 336 12.65 20.20 19.04
CA PRO B 336 13.39 18.96 19.26
C PRO B 336 13.12 17.92 18.17
N PRO B 337 13.85 16.78 18.23
CA PRO B 337 13.67 15.67 17.27
C PRO B 337 12.25 15.15 17.17
N PHE B 338 11.51 15.24 18.27
CA PHE B 338 10.12 14.82 18.31
C PHE B 338 9.43 15.45 19.51
N ILE B 339 8.12 15.21 19.64
CA ILE B 339 7.40 15.57 20.86
C ILE B 339 6.53 14.41 21.34
N GLU B 340 6.12 14.50 22.60
CA GLU B 340 5.30 13.50 23.25
C GLU B 340 3.92 14.08 23.52
N VAL B 341 2.90 13.25 23.43
CA VAL B 341 1.53 13.70 23.63
C VAL B 341 0.86 12.88 24.73
N GLY B 342 0.77 11.59 24.51
CA GLY B 342 0.23 10.69 25.52
C GLY B 342 0.87 9.36 25.30
N LYS B 343 0.14 8.48 24.62
CA LYS B 343 0.64 7.16 24.31
C LYS B 343 1.61 7.17 23.13
N HIS B 344 1.68 8.27 22.37
CA HIS B 344 2.52 8.29 21.15
C HIS B 344 3.36 9.55 20.97
N LYS B 345 4.38 9.43 20.11
CA LYS B 345 5.34 10.50 19.81
C LYS B 345 5.27 10.92 18.34
N PHE B 346 5.20 12.22 18.12
CA PHE B 346 5.11 12.77 16.77
C PHE B 346 6.46 13.29 16.26
N ARG B 347 7.00 12.55 15.30
CA ARG B 347 8.39 12.66 14.92
C ARG B 347 8.63 13.68 13.80
N ASP B 348 9.75 14.41 13.91
CA ASP B 348 10.21 15.39 12.90
C ASP B 348 11.02 14.63 11.84
N TRP B 349 11.09 15.18 10.63
CA TRP B 349 11.67 14.44 9.50
C TRP B 349 13.14 14.05 9.67
N LYS B 350 13.93 14.84 10.42
CA LYS B 350 15.30 14.43 10.71
C LYS B 350 15.53 14.22 12.21
N LYS B 351 16.10 13.07 12.54
CA LYS B 351 16.20 12.66 13.94
C LYS B 351 16.96 13.66 14.81
N THR B 352 17.94 14.37 14.24
CA THR B 352 18.72 15.36 14.99
C THR B 352 17.89 16.46 15.66
N GLY B 353 16.83 16.91 15.00
CA GLY B 353 16.02 18.00 15.53
C GLY B 353 16.58 19.32 15.05
N HIS B 354 15.80 20.40 15.26
CA HIS B 354 16.04 21.67 14.57
C HIS B 354 16.09 22.91 15.51
N GLY B 355 16.53 22.72 16.75
CA GLY B 355 16.79 23.81 17.69
C GLY B 355 15.66 24.82 17.89
N ASN B 356 16.03 26.10 17.97
CA ASN B 356 15.09 27.21 18.20
C ASN B 356 14.62 27.70 16.84
N SER B 357 13.32 27.98 16.68
CA SER B 357 12.79 28.37 15.36
C SER B 357 11.44 29.07 15.38
N ASN B 358 11.29 30.06 14.51
CA ASN B 358 10.05 30.84 14.37
C ASN B 358 9.28 30.35 13.13
N LEU B 359 8.26 31.09 12.72
CA LEU B 359 7.51 30.77 11.49
C LEU B 359 8.41 30.80 10.24
N TYR B 360 9.11 31.93 10.02
CA TYR B 360 10.03 32.08 8.89
C TYR B 360 10.95 30.86 8.76
N LYS B 361 11.51 30.43 9.88
CA LYS B 361 12.51 29.36 9.88
C LYS B 361 11.88 27.98 9.72
N ALA B 362 10.67 27.80 10.26
CA ALA B 362 9.95 26.53 10.16
C ALA B 362 9.53 26.25 8.72
N ILE B 363 9.15 27.31 8.02
CA ILE B 363 8.87 27.25 6.58
C ILE B 363 10.17 26.94 5.85
N ARG B 364 11.18 27.78 6.12
CA ARG B 364 12.47 27.69 5.46
C ARG B 364 13.01 26.27 5.48
N GLU B 365 13.02 25.65 6.65
CA GLU B 365 13.68 24.36 6.85
C GLU B 365 12.72 23.17 6.84
N SER B 366 11.48 23.40 6.41
CA SER B 366 10.45 22.34 6.36
C SER B 366 10.39 21.62 7.70
N VAL B 367 10.33 22.40 8.78
CA VAL B 367 10.32 21.85 10.14
C VAL B 367 8.91 21.39 10.55
N ASP B 368 8.83 20.23 11.20
CA ASP B 368 7.54 19.60 11.50
C ASP B 368 7.00 20.01 12.87
N VAL B 369 7.89 20.09 13.85
CA VAL B 369 7.47 20.27 15.25
C VAL B 369 6.84 21.64 15.53
N TYR B 370 7.29 22.70 14.88
CA TYR B 370 6.67 24.02 15.07
C TYR B 370 5.15 23.91 14.87
N PHE B 371 4.77 23.15 13.86
CA PHE B 371 3.37 22.98 13.47
C PHE B 371 2.69 21.94 14.36
N TYR B 372 3.41 20.90 14.76
CA TYR B 372 2.90 19.99 15.78
C TYR B 372 2.49 20.75 17.07
N LYS B 373 3.37 21.63 17.54
CA LYS B 373 3.17 22.32 18.82
C LYS B 373 1.97 23.26 18.81
N PHE B 374 1.91 24.17 17.84
CA PHE B 374 0.79 25.11 17.74
C PHE B 374 -0.50 24.40 17.32
N GLY B 375 -0.34 23.24 16.70
CA GLY B 375 -1.47 22.38 16.31
C GLY B 375 -2.24 21.86 17.51
N LEU B 376 -1.51 21.67 18.61
CA LEU B 376 -2.11 21.31 19.90
C LEU B 376 -3.09 22.38 20.39
N GLU B 377 -2.78 23.64 20.09
CA GLU B 377 -3.55 24.78 20.59
C GLU B 377 -4.67 25.26 19.62
N ILE B 378 -4.72 24.72 18.40
CA ILE B 378 -5.71 25.16 17.39
C ILE B 378 -6.82 24.12 17.18
N SER B 379 -8.05 24.59 17.07
CA SER B 379 -9.19 23.72 16.78
C SER B 379 -9.20 23.35 15.30
N ILE B 380 -9.53 22.09 14.99
CA ILE B 380 -9.59 21.67 13.60
C ILE B 380 -10.65 22.45 12.82
N GLU B 381 -11.66 22.95 13.51
CA GLU B 381 -12.66 23.78 12.84
C GLU B 381 -12.04 25.01 12.16
N LYS B 382 -11.16 25.69 12.89
CA LYS B 382 -10.55 26.91 12.40
C LYS B 382 -9.37 26.69 11.40
N LEU B 383 -8.52 25.71 11.69
CA LEU B 383 -7.47 25.29 10.77
C LEU B 383 -8.08 24.96 9.41
N SER B 384 -9.07 24.07 9.41
CA SER B 384 -9.66 23.58 8.16
C SER B 384 -10.31 24.72 7.39
N LYS B 385 -10.88 25.69 8.10
CA LYS B 385 -11.45 26.87 7.45
C LYS B 385 -10.38 27.62 6.65
N THR B 386 -9.24 27.88 7.28
CA THR B 386 -8.17 28.60 6.61
C THR B 386 -7.66 27.79 5.41
N LEU B 387 -7.38 26.50 5.59
CA LEU B 387 -6.90 25.65 4.48
C LEU B 387 -7.89 25.62 3.30
N ARG B 388 -9.18 25.53 3.61
CA ARG B 388 -10.22 25.52 2.58
C ARG B 388 -10.41 26.89 1.93
N GLU B 389 -10.11 27.94 2.68
CA GLU B 389 -10.14 29.28 2.13
C GLU B 389 -9.02 29.54 1.13
N VAL B 390 -7.85 28.94 1.36
CA VAL B 390 -6.73 29.06 0.42
C VAL B 390 -6.78 28.04 -0.73
N GLY B 391 -7.90 27.33 -0.88
CA GLY B 391 -8.24 26.60 -2.11
C GLY B 391 -8.03 25.10 -2.15
N PHE B 392 -8.02 24.45 -0.98
CA PHE B 392 -7.81 22.97 -0.89
C PHE B 392 -9.09 22.14 -0.82
N GLY B 393 -10.19 22.81 -0.48
CA GLY B 393 -11.49 22.17 -0.33
C GLY B 393 -12.19 21.86 -1.64
N GLU B 394 -12.09 22.78 -2.59
CA GLU B 394 -12.93 22.75 -3.78
C GLU B 394 -12.11 22.66 -5.05
N LYS B 395 -12.81 22.62 -6.17
CA LYS B 395 -12.18 22.66 -7.47
C LYS B 395 -11.57 24.05 -7.72
N THR B 396 -10.41 24.08 -8.38
CA THR B 396 -9.87 25.34 -8.92
C THR B 396 -10.77 25.96 -10.00
N GLY B 397 -11.53 25.13 -10.71
CA GLY B 397 -12.46 25.60 -11.76
C GLY B 397 -11.90 25.52 -13.16
N VAL B 398 -11.04 24.54 -13.38
CA VAL B 398 -10.34 24.43 -14.62
C VAL B 398 -11.34 24.01 -15.71
N ASP B 399 -11.09 24.44 -16.94
CA ASP B 399 -11.95 24.08 -18.07
C ASP B 399 -11.54 22.73 -18.69
N LEU B 400 -11.60 21.68 -17.86
CA LEU B 400 -11.57 20.29 -18.29
C LEU B 400 -12.75 19.60 -17.62
N PRO B 401 -13.09 18.38 -18.03
CA PRO B 401 -14.18 17.68 -17.35
C PRO B 401 -13.76 17.04 -16.02
N ASN B 402 -14.69 16.98 -15.08
CA ASN B 402 -14.53 16.26 -13.81
C ASN B 402 -13.28 16.59 -13.07
N GLU B 403 -13.13 17.85 -12.64
CA GLU B 403 -11.99 18.18 -11.77
C GLU B 403 -12.26 17.61 -10.39
N PHE B 404 -11.24 16.98 -9.81
CA PHE B 404 -11.36 16.41 -8.47
C PHE B 404 -11.24 17.47 -7.39
N VAL B 405 -12.19 17.45 -6.45
CA VAL B 405 -12.02 18.17 -5.19
C VAL B 405 -11.25 17.26 -4.29
N GLY B 406 -10.54 17.88 -3.36
CA GLY B 406 -9.74 17.11 -2.46
C GLY B 406 -10.54 16.63 -1.27
N ILE B 407 -9.81 16.51 -0.17
CA ILE B 407 -10.38 16.29 1.12
C ILE B 407 -9.56 17.13 2.07
N VAL B 408 -10.17 18.14 2.64
CA VAL B 408 -9.58 18.80 3.80
C VAL B 408 -10.25 18.19 5.04
N PRO B 409 -9.56 17.22 5.68
CA PRO B 409 -10.23 16.46 6.71
C PRO B 409 -10.58 17.33 7.90
N ASP B 410 -11.80 17.19 8.39
CA ASP B 410 -12.20 17.87 9.62
C ASP B 410 -13.04 16.93 10.53
N ASN B 411 -13.65 17.49 11.56
CA ASN B 411 -14.36 16.66 12.51
C ASN B 411 -15.66 16.13 11.90
N LEU B 412 -16.44 16.94 11.16
CA LEU B 412 -17.69 16.43 10.55
C LEU B 412 -17.41 15.39 9.50
N TRP B 413 -16.24 15.47 8.89
CA TRP B 413 -15.91 14.57 7.80
C TRP B 413 -15.55 13.19 8.32
N LYS B 414 -14.73 13.16 9.37
CA LYS B 414 -14.32 11.90 10.00
C LYS B 414 -15.54 11.18 10.56
N LEU B 415 -16.47 11.97 11.08
CA LEU B 415 -17.66 11.44 11.70
C LEU B 415 -18.56 10.78 10.69
N LYS B 416 -18.74 11.40 9.54
CA LYS B 416 -19.73 10.93 8.56
C LYS B 416 -19.41 9.59 7.90
N ARG B 417 -18.12 9.27 7.85
CA ARG B 417 -17.59 8.18 7.04
C ARG B 417 -16.92 7.11 7.88
N PHE B 418 -16.21 7.51 8.94
CA PHE B 418 -15.54 6.56 9.86
C PHE B 418 -16.34 6.41 11.20
N ASN B 419 -17.23 7.37 11.47
CA ASN B 419 -18.05 7.39 12.69
C ASN B 419 -17.26 7.50 13.97
N GLN B 420 -16.03 8.00 13.90
CA GLN B 420 -15.18 8.06 15.08
C GLN B 420 -14.74 9.50 15.32
N ASP B 421 -14.27 9.77 16.53
CA ASP B 421 -14.01 11.14 17.01
C ASP B 421 -12.79 11.77 16.36
N TRP B 422 -12.62 13.08 16.57
CA TRP B 422 -11.43 13.79 16.08
C TRP B 422 -10.35 13.92 17.15
N ARG B 423 -9.48 12.92 17.20
CA ARG B 423 -8.35 12.89 18.13
C ARG B 423 -7.37 14.01 17.78
N VAL B 424 -6.70 14.56 18.79
CA VAL B 424 -5.66 15.60 18.57
C VAL B 424 -4.59 15.17 17.54
N GLY B 425 -4.29 13.89 17.50
CA GLY B 425 -3.37 13.30 16.50
C GLY B 425 -3.72 13.62 15.07
N ASP B 426 -5.02 13.71 14.80
CA ASP B 426 -5.56 14.03 13.48
C ASP B 426 -5.26 15.48 13.09
N THR B 427 -5.49 16.40 14.04
CA THR B 427 -5.12 17.81 13.85
C THR B 427 -3.64 17.94 13.52
N LEU B 428 -2.82 17.13 14.19
CA LEU B 428 -1.37 17.24 14.08
C LEU B 428 -0.84 16.71 12.77
N ILE B 429 -1.29 15.52 12.36
CA ILE B 429 -0.85 14.97 11.09
C ILE B 429 -1.38 15.79 9.90
N THR B 430 -2.55 16.39 10.08
CA THR B 430 -3.13 17.27 9.06
C THR B 430 -2.35 18.59 8.95
N ALA B 431 -1.84 19.09 10.08
CA ALA B 431 -1.08 20.35 10.08
C ALA B 431 0.25 20.25 9.34
N ILE B 432 0.66 19.03 8.96
CA ILE B 432 1.81 18.82 8.09
C ILE B 432 1.43 18.18 6.74
N GLY B 433 0.15 18.30 6.39
CA GLY B 433 -0.35 17.88 5.07
C GLY B 433 -0.33 16.39 4.78
N GLN B 434 -0.73 15.58 5.75
CA GLN B 434 -0.75 14.13 5.57
C GLN B 434 -1.94 13.48 6.26
N GLY B 435 -1.99 12.16 6.29
CA GLY B 435 -3.13 11.43 6.82
C GLY B 435 -4.29 11.49 5.84
N SER B 436 -5.44 11.94 6.30
CA SER B 436 -6.61 12.01 5.44
C SER B 436 -6.66 13.26 4.52
N PHE B 437 -5.53 13.97 4.36
CA PHE B 437 -5.47 15.21 3.57
C PHE B 437 -4.99 14.88 2.14
N LEU B 438 -5.81 15.24 1.14
CA LEU B 438 -5.51 15.02 -0.27
C LEU B 438 -5.78 16.22 -1.19
N ALA B 439 -4.90 16.45 -2.15
CA ALA B 439 -5.05 17.57 -3.09
C ALA B 439 -4.62 17.19 -4.47
N THR B 440 -5.02 18.03 -5.44
CA THR B 440 -4.58 17.90 -6.83
C THR B 440 -3.44 18.86 -7.08
N PRO B 441 -2.50 18.52 -7.97
CA PRO B 441 -1.50 19.49 -8.40
C PRO B 441 -2.09 20.83 -8.82
N LEU B 442 -3.30 20.83 -9.38
CA LEU B 442 -4.00 22.10 -9.66
C LEU B 442 -4.25 22.91 -8.37
N GLN B 443 -4.75 22.24 -7.33
CA GLN B 443 -5.05 22.93 -6.08
C GLN B 443 -3.80 23.59 -5.50
N VAL B 444 -2.68 22.87 -5.53
CA VAL B 444 -1.40 23.39 -5.01
C VAL B 444 -0.95 24.63 -5.80
N LEU B 445 -1.09 24.57 -7.12
CA LEU B 445 -0.76 25.67 -8.03
C LEU B 445 -1.61 26.93 -7.78
N ALA B 446 -2.92 26.77 -7.69
CA ALA B 446 -3.81 27.90 -7.44
C ALA B 446 -3.48 28.52 -6.09
N TYR B 447 -3.28 27.63 -5.13
CA TYR B 447 -2.86 27.98 -3.77
C TYR B 447 -1.56 28.80 -3.78
N THR B 448 -0.55 28.29 -4.47
CA THR B 448 0.74 28.99 -4.59
C THR B 448 0.62 30.38 -5.24
N GLY B 449 -0.26 30.53 -6.23
CA GLY B 449 -0.51 31.82 -6.88
C GLY B 449 -1.36 32.78 -6.07
N LEU B 450 -2.10 32.26 -5.11
CA LEU B 450 -2.78 33.10 -4.12
C LEU B 450 -1.79 33.71 -3.15
N ILE B 451 -0.85 32.91 -2.65
CA ILE B 451 0.20 33.40 -1.75
C ILE B 451 0.92 34.55 -2.42
N ALA B 452 1.46 34.28 -3.61
CA ALA B 452 2.31 35.23 -4.30
C ALA B 452 1.56 36.48 -4.68
N THR B 453 0.33 36.33 -5.17
CA THR B 453 -0.42 37.46 -5.71
C THR B 453 -1.28 38.19 -4.66
N GLY B 454 -1.85 37.44 -3.72
CA GLY B 454 -2.86 37.99 -2.80
C GLY B 454 -4.27 37.84 -3.36
N LYS B 455 -4.36 37.30 -4.57
CA LYS B 455 -5.64 36.94 -5.18
C LYS B 455 -5.52 35.60 -5.90
N LEU B 456 -6.68 34.96 -6.07
CA LEU B 456 -6.77 33.55 -6.49
C LEU B 456 -7.12 33.39 -7.97
N ALA B 457 -6.21 32.77 -8.69
CA ALA B 457 -6.41 32.57 -10.11
C ALA B 457 -7.26 31.33 -10.35
N THR B 458 -8.22 31.43 -11.24
CA THR B 458 -8.87 30.25 -11.80
C THR B 458 -8.04 29.78 -12.99
N PRO B 459 -7.30 28.64 -12.84
CA PRO B 459 -6.53 28.15 -13.97
C PRO B 459 -7.45 27.76 -15.09
N HIS B 460 -7.04 28.01 -16.34
CA HIS B 460 -7.86 27.66 -17.48
C HIS B 460 -6.95 27.54 -18.67
N PHE B 461 -7.45 26.93 -19.74
CA PHE B 461 -6.69 26.72 -20.96
C PHE B 461 -7.15 27.61 -22.11
N ALA B 462 -8.44 27.90 -22.18
CA ALA B 462 -8.99 28.70 -23.27
C ALA B 462 -8.73 30.20 -23.10
N ILE B 463 -7.88 30.78 -23.96
CA ILE B 463 -7.50 32.18 -23.82
C ILE B 463 -8.72 33.10 -23.79
N ASN B 464 -9.73 32.80 -24.60
CA ASN B 464 -10.95 33.60 -24.64
C ASN B 464 -11.92 33.28 -23.47
N ASN B 465 -11.41 32.62 -22.41
CA ASN B 465 -12.22 32.31 -21.22
C ASN B 465 -11.92 33.30 -20.08
N LYS B 466 -12.62 34.44 -20.14
CA LYS B 466 -12.40 35.56 -19.23
C LYS B 466 -12.70 35.18 -17.79
N GLN B 467 -11.66 34.79 -17.07
CA GLN B 467 -11.83 34.37 -15.68
C GLN B 467 -11.38 35.49 -14.75
N PRO B 468 -12.35 36.20 -14.14
CA PRO B 468 -11.97 37.19 -13.12
C PRO B 468 -11.24 36.55 -11.95
N LEU B 469 -10.31 37.28 -11.36
CA LEU B 469 -9.62 36.83 -10.16
C LEU B 469 -10.61 36.73 -9.01
N LYS B 470 -10.30 35.90 -8.02
CA LYS B 470 -11.13 35.75 -6.82
C LYS B 470 -10.41 36.25 -5.57
N ASP B 471 -11.19 36.84 -4.66
CA ASP B 471 -10.64 37.59 -3.51
C ASP B 471 -11.15 37.01 -2.18
N PRO B 472 -10.64 35.83 -1.79
CA PRO B 472 -11.16 35.11 -0.66
C PRO B 472 -10.66 35.56 0.72
N LEU B 473 -9.91 36.66 0.79
CA LEU B 473 -9.20 37.00 2.05
C LEU B 473 -9.56 38.39 2.56
N ASN B 474 -9.39 38.57 3.86
CA ASN B 474 -9.60 39.85 4.58
C ASN B 474 -8.31 40.69 4.51
N SER B 475 -8.37 41.91 5.00
CA SER B 475 -7.17 42.74 5.15
C SER B 475 -6.07 42.05 5.93
N PHE B 476 -6.40 41.63 7.16
CA PHE B 476 -5.43 40.97 8.05
C PHE B 476 -4.68 39.85 7.34
N GLN B 477 -5.43 38.98 6.66
CA GLN B 477 -4.86 37.79 6.03
C GLN B 477 -3.87 38.18 4.93
N LYS B 478 -4.27 39.12 4.09
CA LYS B 478 -3.44 39.58 2.97
C LYS B 478 -2.11 40.14 3.46
N LYS B 479 -2.15 40.95 4.51
CA LYS B 479 -0.93 41.53 5.08
C LYS B 479 0.05 40.46 5.53
N LYS B 480 -0.48 39.42 6.19
CA LYS B 480 0.38 38.34 6.66
C LYS B 480 0.98 37.52 5.52
N LEU B 481 0.40 37.62 4.32
CA LEU B 481 0.95 36.91 3.15
C LEU B 481 2.43 37.22 2.91
N GLN B 482 2.82 38.48 3.07
CA GLN B 482 4.21 38.84 2.80
C GLN B 482 5.15 38.03 3.66
N ALA B 483 4.82 37.93 4.94
CA ALA B 483 5.57 37.11 5.86
C ALA B 483 5.80 35.74 5.25
N LEU B 484 4.71 35.16 4.77
CA LEU B 484 4.75 33.83 4.17
C LEU B 484 5.62 33.78 2.93
N ARG B 485 5.53 34.83 2.11
CA ARG B 485 6.36 34.94 0.89
C ARG B 485 7.83 34.97 1.26
N VAL B 486 8.15 35.73 2.30
CA VAL B 486 9.52 35.87 2.78
C VAL B 486 10.04 34.50 3.21
N GLY B 487 9.19 33.71 3.86
CA GLY B 487 9.53 32.33 4.18
C GLY B 487 9.88 31.54 2.93
N MET B 488 8.96 31.54 1.96
CA MET B 488 9.18 30.83 0.70
C MET B 488 10.43 31.36 0.02
N TYR B 489 10.61 32.69 0.07
CA TYR B 489 11.82 33.34 -0.43
C TYR B 489 13.07 32.72 0.20
N GLU B 490 13.02 32.51 1.51
CA GLU B 490 14.13 31.94 2.26
C GLU B 490 14.40 30.46 1.94
N VAL B 491 13.38 29.72 1.54
CA VAL B 491 13.58 28.30 1.23
C VAL B 491 14.57 28.14 0.07
N CYS B 492 14.48 29.08 -0.88
CA CYS B 492 15.23 29.03 -2.12
C CYS B 492 16.49 29.89 -2.07
N ASN B 493 16.50 30.89 -1.19
CA ASN B 493 17.55 31.93 -1.19
C ASN B 493 18.47 31.98 0.04
N HIS B 494 17.92 31.62 1.21
CA HIS B 494 18.71 31.55 2.45
C HIS B 494 19.51 30.24 2.44
N LYS B 495 20.72 30.27 3.01
CA LYS B 495 21.65 29.15 2.90
C LYS B 495 21.17 27.94 3.70
N ASP B 496 20.39 28.20 4.75
CA ASP B 496 19.75 27.17 5.56
C ASP B 496 18.58 26.50 4.84
N GLY B 497 17.96 27.23 3.92
CA GLY B 497 16.80 26.76 3.18
C GLY B 497 16.99 25.35 2.64
N THR B 498 15.92 24.55 2.70
CA THR B 498 15.96 23.19 2.18
C THR B 498 16.33 23.17 0.70
N ALA B 499 15.87 24.18 -0.04
CA ALA B 499 16.05 24.22 -1.49
C ALA B 499 17.13 25.22 -1.93
N TYR B 500 18.26 25.26 -1.24
CA TYR B 500 19.35 26.16 -1.60
C TYR B 500 20.38 25.45 -2.49
N HIS B 501 20.84 24.28 -2.03
CA HIS B 501 21.93 23.56 -2.70
C HIS B 501 21.46 22.88 -3.99
N SER B 502 20.15 22.83 -4.21
CA SER B 502 19.60 22.18 -5.40
C SER B 502 19.22 23.16 -6.53
N THR B 503 18.88 24.40 -6.17
CA THR B 503 18.49 25.42 -7.15
C THR B 503 19.60 26.38 -7.54
N ARG B 504 20.82 25.88 -7.64
CA ARG B 504 21.91 26.70 -8.15
C ARG B 504 21.90 26.64 -9.67
N GLY B 505 22.25 27.75 -10.32
CA GLY B 505 22.19 27.86 -11.78
C GLY B 505 20.85 28.41 -12.27
N SER B 506 20.24 29.28 -11.47
CA SER B 506 18.95 29.91 -11.82
C SER B 506 19.12 31.38 -12.23
N LYS B 507 18.56 31.75 -13.38
CA LYS B 507 18.68 33.12 -13.89
C LYS B 507 17.75 34.11 -13.22
N ILE B 508 16.81 33.64 -12.38
CA ILE B 508 15.80 34.52 -11.79
C ILE B 508 15.75 34.31 -10.28
N THR B 509 15.19 35.29 -9.56
CA THR B 509 14.92 35.13 -8.14
C THR B 509 13.61 34.37 -7.90
N LEU B 510 13.75 33.31 -7.09
CA LEU B 510 12.70 32.34 -6.87
C LEU B 510 12.20 32.39 -5.42
N ALA B 511 10.95 31.94 -5.23
CA ALA B 511 10.35 31.72 -3.92
C ALA B 511 9.59 30.39 -3.96
N CYS B 512 9.92 29.45 -3.08
CA CYS B 512 9.43 28.07 -3.16
C CYS B 512 8.97 27.47 -1.81
N LYS B 513 8.45 26.25 -1.87
CA LYS B 513 8.27 25.39 -0.69
C LYS B 513 8.41 23.92 -1.13
N THR B 514 9.15 23.13 -0.37
CA THR B 514 9.29 21.71 -0.66
C THR B 514 8.19 20.90 0.03
N GLY B 515 8.10 19.63 -0.33
CA GLY B 515 7.16 18.70 0.30
C GLY B 515 7.50 17.25 0.00
N THR B 516 6.87 16.34 0.72
CA THR B 516 7.09 14.93 0.50
C THR B 516 5.91 14.17 1.09
N ALA B 517 5.51 13.08 0.44
CA ALA B 517 4.25 12.41 0.73
C ALA B 517 4.42 10.89 0.82
N GLN B 518 3.93 10.28 1.88
CA GLN B 518 4.11 8.83 2.09
C GLN B 518 3.02 8.03 1.42
N VAL B 519 3.31 6.75 1.18
CA VAL B 519 2.37 5.82 0.52
C VAL B 519 1.88 4.69 1.45
N GLU B 536 10.76 -2.45 -5.18
CA GLU B 536 10.79 -1.46 -4.10
C GLU B 536 10.18 -0.12 -4.56
N TYR B 537 10.26 0.12 -5.86
CA TYR B 537 9.80 1.37 -6.48
C TYR B 537 8.47 1.93 -5.95
N PHE B 538 7.44 1.08 -5.83
CA PHE B 538 6.09 1.56 -5.47
C PHE B 538 5.90 1.98 -4.02
N HIS B 539 6.83 1.58 -3.14
CA HIS B 539 6.78 1.93 -1.72
C HIS B 539 7.32 3.35 -1.47
N ARG B 540 8.04 3.88 -2.45
CA ARG B 540 8.77 5.13 -2.29
C ARG B 540 7.86 6.34 -2.17
N SER B 541 8.25 7.27 -1.32
CA SER B 541 7.49 8.49 -1.08
C SER B 541 7.45 9.39 -2.33
N HIS B 542 6.33 10.09 -2.54
CA HIS B 542 6.22 11.05 -3.66
C HIS B 542 6.90 12.38 -3.30
N ALA B 543 7.20 13.18 -4.32
CA ALA B 543 7.99 14.41 -4.14
C ALA B 543 7.26 15.64 -4.68
N TRP B 544 7.18 16.68 -3.86
CA TRP B 544 6.52 17.93 -4.24
C TRP B 544 7.50 19.06 -4.28
N ILE B 545 7.05 20.13 -4.94
CA ILE B 545 7.78 21.39 -4.93
C ILE B 545 6.94 22.39 -5.72
N THR B 546 6.63 23.52 -5.10
CA THR B 546 5.82 24.56 -5.75
C THR B 546 6.59 25.86 -5.53
N ALA B 547 6.28 26.89 -6.32
CA ALA B 547 7.08 28.13 -6.33
C ALA B 547 6.45 29.26 -7.16
N PHE B 548 6.72 30.52 -6.80
CA PHE B 548 6.35 31.67 -7.62
C PHE B 548 7.53 32.54 -8.03
N LEU B 549 7.39 33.26 -9.14
CA LEU B 549 8.48 34.03 -9.70
C LEU B 549 7.98 35.16 -10.60
N PRO B 550 8.76 36.24 -10.71
CA PRO B 550 9.97 36.52 -9.93
C PRO B 550 9.60 37.03 -8.55
N TYR B 551 10.45 36.80 -7.55
CA TYR B 551 10.09 37.17 -6.19
C TYR B 551 9.72 38.65 -6.04
N GLU B 552 10.48 39.51 -6.73
CA GLU B 552 10.38 40.96 -6.58
C GLU B 552 9.02 41.52 -7.02
N LYS B 553 8.43 40.87 -8.01
CA LYS B 553 7.07 41.18 -8.43
C LYS B 553 6.50 39.94 -9.11
N PRO B 554 5.78 39.12 -8.34
CA PRO B 554 5.31 37.83 -8.83
C PRO B 554 4.43 37.97 -10.08
N LYS B 555 4.65 37.09 -11.05
CA LYS B 555 3.77 36.97 -12.21
C LYS B 555 3.33 35.50 -12.39
N TYR B 556 4.29 34.57 -12.39
CA TYR B 556 3.98 33.16 -12.64
C TYR B 556 4.10 32.26 -11.40
N ALA B 557 3.45 31.11 -11.46
CA ALA B 557 3.59 30.07 -10.46
C ALA B 557 3.93 28.77 -11.19
N ILE B 558 4.67 27.90 -10.52
CA ILE B 558 5.04 26.60 -11.09
C ILE B 558 4.82 25.57 -10.02
N THR B 559 4.31 24.39 -10.39
CA THR B 559 4.05 23.34 -9.41
C THR B 559 4.45 21.99 -9.98
N ILE B 560 5.28 21.23 -9.28
CA ILE B 560 5.84 19.99 -9.82
C ILE B 560 5.64 18.85 -8.85
N LEU B 561 5.28 17.68 -9.39
CA LEU B 561 5.09 16.47 -8.58
C LEU B 561 5.65 15.22 -9.28
N VAL B 562 6.65 14.58 -8.70
CA VAL B 562 7.22 13.35 -9.27
C VAL B 562 6.83 12.13 -8.44
N GLU B 563 6.05 11.24 -9.02
CA GLU B 563 5.62 10.05 -8.32
C GLU B 563 6.85 9.24 -7.91
N HIS B 564 6.89 8.87 -6.64
CA HIS B 564 7.98 8.10 -6.07
C HIS B 564 9.31 8.86 -6.17
N GLY B 565 9.20 10.19 -6.21
CA GLY B 565 10.35 11.10 -6.27
C GLY B 565 11.19 11.10 -5.00
N GLU B 566 10.70 10.37 -4.00
CA GLU B 566 11.51 9.92 -2.87
C GLU B 566 12.22 11.08 -2.17
N GLY B 567 11.55 12.22 -2.11
CA GLY B 567 12.15 13.42 -1.51
C GLY B 567 11.96 14.67 -2.35
N GLY B 568 11.41 15.72 -1.72
CA GLY B 568 10.99 16.94 -2.40
C GLY B 568 12.09 17.95 -2.67
N SER B 569 13.26 17.75 -2.08
CA SER B 569 14.41 18.57 -2.45
C SER B 569 14.97 18.11 -3.79
N LYS B 570 14.83 16.81 -4.08
CA LYS B 570 15.36 16.21 -5.33
C LYS B 570 14.73 16.75 -6.61
N LEU B 571 13.79 17.68 -6.48
CA LEU B 571 13.13 18.28 -7.66
C LEU B 571 13.60 19.70 -7.95
N GLY B 572 14.62 20.17 -7.24
CA GLY B 572 15.20 21.48 -7.53
C GLY B 572 15.87 21.54 -8.89
N GLY B 573 16.44 20.42 -9.32
CA GLY B 573 17.12 20.33 -10.60
C GLY B 573 16.18 20.21 -11.79
N LEU B 574 14.88 20.40 -11.53
CA LEU B 574 13.85 20.45 -12.57
C LEU B 574 13.14 21.80 -12.57
N LEU B 575 12.92 22.35 -11.38
CA LEU B 575 12.35 23.70 -11.23
C LEU B 575 13.16 24.78 -11.95
N VAL B 576 14.48 24.78 -11.73
CA VAL B 576 15.35 25.77 -12.36
C VAL B 576 15.22 25.70 -13.89
N LYS B 577 15.24 24.48 -14.41
CA LYS B 577 15.25 24.28 -15.86
C LYS B 577 14.03 24.88 -16.51
N MET B 578 12.87 24.76 -15.87
CA MET B 578 11.64 25.35 -16.36
C MET B 578 11.65 26.88 -16.20
N SER B 579 12.07 27.37 -15.03
CA SER B 579 12.11 28.83 -14.76
C SER B 579 13.08 29.57 -15.69
N ASN B 580 14.15 28.87 -16.08
CA ASN B 580 15.15 29.37 -17.05
C ASN B 580 14.61 29.40 -18.47
N LYS B 581 13.87 28.35 -18.84
CA LYS B 581 13.23 28.25 -20.14
C LYS B 581 12.26 29.41 -20.38
N LEU B 582 11.59 29.88 -19.33
CA LEU B 582 10.65 31.00 -19.42
C LEU B 582 11.36 32.34 -19.63
N TYR B 583 12.56 32.49 -19.07
CA TYR B 583 13.32 33.70 -19.31
C TYR B 583 14.01 33.58 -20.65
N GLU B 584 14.65 32.43 -20.87
CA GLU B 584 15.28 32.10 -22.15
C GLU B 584 14.41 32.44 -23.36
N LEU B 585 13.11 32.20 -23.23
CA LEU B 585 12.13 32.56 -24.26
C LEU B 585 11.39 33.87 -23.92
N GLY B 586 11.96 34.63 -22.97
CA GLY B 586 11.63 36.05 -22.79
C GLY B 586 10.25 36.40 -22.24
N TYR B 587 9.77 35.63 -21.28
CA TYR B 587 8.42 35.88 -20.72
C TYR B 587 8.42 37.03 -19.68
N LEU B 588 9.51 37.20 -18.96
CA LEU B 588 9.59 38.19 -17.88
C LEU B 588 9.90 39.60 -18.41
N LYS C 92 27.22 -42.64 51.29
CA LYS C 92 28.10 -43.11 52.42
C LYS C 92 28.85 -41.94 53.05
N MET C 93 29.25 -42.14 54.30
CA MET C 93 29.58 -41.03 55.21
C MET C 93 30.26 -41.54 56.49
N THR C 94 31.17 -40.74 57.02
CA THR C 94 31.87 -41.10 58.25
C THR C 94 31.78 -39.97 59.26
N TYR C 95 31.67 -40.36 60.53
CA TYR C 95 31.87 -39.45 61.63
C TYR C 95 33.14 -39.87 62.35
N THR C 96 34.07 -38.94 62.54
CA THR C 96 35.31 -39.21 63.27
C THR C 96 35.45 -38.21 64.37
N PRO C 97 35.82 -38.65 65.58
CA PRO C 97 35.90 -37.69 66.66
C PRO C 97 37.11 -36.78 66.55
N THR C 98 36.99 -35.61 67.17
CA THR C 98 38.01 -34.57 67.08
C THR C 98 37.79 -33.72 68.30
N PHE C 99 38.81 -32.95 68.67
CA PHE C 99 38.60 -32.04 69.77
C PHE C 99 39.42 -30.79 69.59
N MET C 100 38.97 -29.72 70.23
CA MET C 100 39.64 -28.44 70.10
C MET C 100 40.78 -28.34 71.11
N THR C 101 41.89 -27.76 70.68
CA THR C 101 43.03 -27.52 71.55
C THR C 101 43.05 -26.12 72.12
N SER C 102 42.54 -25.19 71.33
CA SER C 102 42.49 -23.79 71.68
C SER C 102 41.55 -23.08 70.73
N PHE C 103 41.18 -21.85 71.07
CA PHE C 103 40.59 -20.95 70.07
C PHE C 103 41.74 -20.45 69.19
N ILE C 104 41.44 -20.04 67.97
CA ILE C 104 42.49 -19.52 67.09
C ILE C 104 42.92 -18.15 67.60
N SER C 105 41.96 -17.25 67.76
CA SER C 105 42.22 -15.92 68.31
C SER C 105 41.62 -15.95 69.70
N LEU C 106 42.08 -15.07 70.59
CA LEU C 106 41.37 -14.87 71.86
C LEU C 106 40.41 -13.72 71.81
N GLU C 107 40.23 -13.17 70.61
CA GLU C 107 39.25 -12.14 70.36
C GLU C 107 38.13 -12.64 69.45
N ASP C 108 37.93 -13.95 69.37
CA ASP C 108 36.93 -14.54 68.46
C ASP C 108 36.57 -15.95 68.98
N THR C 109 35.30 -16.15 69.36
CA THR C 109 34.83 -17.43 69.89
C THR C 109 34.37 -18.41 68.79
N HIS C 110 34.29 -17.91 67.55
CA HIS C 110 33.77 -18.70 66.45
C HIS C 110 34.89 -19.31 65.59
N SER C 111 36.09 -19.46 66.12
CA SER C 111 37.19 -20.04 65.34
C SER C 111 38.09 -20.84 66.27
N VAL C 112 38.29 -22.12 65.94
CA VAL C 112 39.06 -22.99 66.82
C VAL C 112 40.11 -23.84 66.11
N SER C 113 41.16 -24.16 66.84
CA SER C 113 42.18 -25.10 66.37
C SER C 113 41.81 -26.50 66.83
N LEU C 114 41.83 -27.45 65.89
CA LEU C 114 41.45 -28.82 66.15
C LEU C 114 42.65 -29.75 66.09
N ASN C 115 42.60 -30.79 66.89
CA ASN C 115 43.66 -31.75 66.87
C ASN C 115 43.68 -32.47 65.53
N PRO C 116 44.86 -32.56 64.89
CA PRO C 116 45.01 -33.22 63.59
C PRO C 116 44.33 -34.56 63.50
N ILE C 117 43.83 -34.90 62.32
CA ILE C 117 43.20 -36.18 62.06
C ILE C 117 43.84 -36.82 60.83
N VAL C 118 44.21 -38.09 60.96
CA VAL C 118 44.93 -38.82 59.94
C VAL C 118 44.23 -38.75 58.56
N ASN C 119 45.06 -38.79 57.52
CA ASN C 119 44.69 -38.50 56.11
C ASN C 119 43.30 -37.93 55.81
N LEU C 120 43.19 -36.63 56.04
CA LEU C 120 42.13 -35.83 55.50
C LEU C 120 42.65 -35.21 54.23
N GLU C 121 41.75 -34.69 53.40
CA GLU C 121 42.12 -33.93 52.23
C GLU C 121 42.18 -32.46 52.58
N GLU C 122 43.16 -31.78 51.97
CA GLU C 122 43.36 -30.39 52.22
C GLU C 122 42.32 -29.60 51.43
N ASN C 123 41.80 -28.56 52.06
CA ASN C 123 40.82 -27.67 51.46
C ASN C 123 39.44 -28.28 51.25
N LYS C 124 39.26 -29.57 51.54
CA LYS C 124 37.93 -30.12 51.55
C LYS C 124 37.22 -29.57 52.77
N ILE C 125 35.97 -29.19 52.60
CA ILE C 125 35.19 -28.64 53.70
C ILE C 125 34.40 -29.74 54.41
N TYR C 126 34.71 -29.94 55.68
CA TYR C 126 34.06 -30.94 56.51
C TYR C 126 33.04 -30.30 57.42
N GLY C 127 32.07 -31.09 57.87
CA GLY C 127 31.05 -30.59 58.81
C GLY C 127 31.45 -30.95 60.23
N LEU C 128 31.04 -30.10 61.17
CA LEU C 128 31.24 -30.35 62.60
C LEU C 128 29.90 -30.54 63.32
N VAL C 129 29.82 -31.60 64.12
CA VAL C 129 28.61 -32.00 64.83
C VAL C 129 28.98 -32.20 66.29
N SER C 130 28.10 -31.75 67.21
CA SER C 130 28.29 -32.06 68.61
C SER C 130 27.15 -32.87 69.21
N HIS C 131 26.17 -32.22 69.82
CA HIS C 131 25.17 -33.01 70.54
C HIS C 131 24.04 -33.23 69.58
N ASN C 132 24.31 -34.07 68.57
CA ASN C 132 23.42 -34.30 67.45
C ASN C 132 22.94 -33.04 66.77
N GLN C 133 23.86 -32.10 66.62
CA GLN C 133 23.59 -30.77 66.09
C GLN C 133 24.76 -30.26 65.22
N ALA C 134 24.47 -29.45 64.19
CA ALA C 134 25.53 -28.81 63.42
C ALA C 134 26.05 -27.58 64.16
N ILE C 135 27.36 -27.56 64.42
CA ILE C 135 28.03 -26.41 65.06
C ILE C 135 28.88 -25.58 64.11
N GLY C 136 29.26 -26.13 62.96
CA GLY C 136 30.09 -25.37 61.99
C GLY C 136 30.81 -26.28 61.03
N ILE C 137 31.89 -25.79 60.46
CA ILE C 137 32.65 -26.57 59.48
C ILE C 137 34.12 -26.56 59.82
N ALA C 138 34.87 -27.38 59.12
CA ALA C 138 36.30 -27.55 59.39
C ALA C 138 37.08 -27.71 58.11
N VAL C 139 38.21 -27.02 58.01
CA VAL C 139 39.06 -27.16 56.83
C VAL C 139 40.52 -27.38 57.21
N LEU C 140 41.16 -28.30 56.50
CA LEU C 140 42.60 -28.50 56.66
C LEU C 140 43.32 -27.55 55.73
N GLU C 141 44.21 -26.72 56.26
CA GLU C 141 45.02 -25.79 55.46
C GLU C 141 46.42 -25.77 56.02
N LYS C 142 47.40 -25.96 55.14
CA LYS C 142 48.80 -26.04 55.52
C LYS C 142 48.99 -26.80 56.80
N GLY C 143 48.49 -28.03 56.83
CA GLY C 143 48.75 -28.91 57.95
C GLY C 143 48.03 -28.63 59.24
N ARG C 144 47.17 -27.60 59.26
CA ARG C 144 46.39 -27.24 60.47
C ARG C 144 44.90 -27.43 60.27
N LEU C 145 44.26 -28.07 61.23
CA LEU C 145 42.84 -28.36 61.08
C LEU C 145 42.04 -27.29 61.80
N ASN C 146 41.39 -26.44 61.02
CA ASN C 146 40.70 -25.28 61.57
C ASN C 146 39.19 -25.44 61.56
N GLY C 147 38.58 -25.14 62.70
CA GLY C 147 37.12 -25.17 62.80
C GLY C 147 36.55 -23.76 62.74
N PHE C 148 35.67 -23.54 61.76
CA PHE C 148 34.96 -22.27 61.66
C PHE C 148 33.51 -22.50 62.02
N LEU C 149 33.14 -22.01 63.21
CA LEU C 149 31.88 -22.35 63.83
C LEU C 149 30.72 -21.52 63.29
N ASN C 150 29.51 -21.87 63.71
CA ASN C 150 28.29 -21.16 63.28
C ASN C 150 28.49 -19.65 63.52
N ALA C 151 28.21 -18.88 62.48
CA ALA C 151 28.31 -17.42 62.56
C ALA C 151 29.67 -16.86 62.27
N HIS C 152 30.67 -17.70 62.04
CA HIS C 152 31.95 -17.23 61.45
C HIS C 152 31.74 -16.81 59.98
N LYS C 153 32.47 -15.80 59.55
CA LYS C 153 32.47 -15.35 58.15
C LYS C 153 32.58 -16.49 57.11
N ARG C 154 33.34 -17.53 57.44
CA ARG C 154 33.66 -18.61 56.51
C ARG C 154 32.75 -19.83 56.66
N CYS C 155 31.90 -19.82 57.68
CA CYS C 155 31.03 -20.95 57.94
C CYS C 155 29.78 -20.83 57.10
N ALA C 156 29.60 -21.78 56.20
CA ALA C 156 28.43 -21.83 55.33
C ALA C 156 28.14 -23.25 54.91
N TYR C 157 26.86 -23.61 54.83
CA TYR C 157 26.48 -24.93 54.38
C TYR C 157 25.01 -25.00 54.03
N SER C 158 24.58 -26.12 53.44
CA SER C 158 23.22 -26.26 52.89
C SER C 158 22.24 -26.86 53.89
N VAL C 159 21.11 -26.20 54.09
CA VAL C 159 20.07 -26.67 55.01
C VAL C 159 18.68 -26.74 54.34
N MET C 160 17.76 -27.43 54.99
CA MET C 160 16.36 -27.53 54.52
C MET C 160 15.37 -27.31 55.67
N ILE C 161 14.27 -26.64 55.36
CA ILE C 161 13.32 -26.15 56.37
C ILE C 161 11.98 -26.88 56.28
N GLY C 162 11.47 -27.31 57.43
CA GLY C 162 10.14 -27.89 57.48
C GLY C 162 9.99 -29.21 56.71
N GLN C 163 8.77 -29.69 56.58
CA GLN C 163 8.50 -30.99 55.95
C GLN C 163 8.55 -30.96 54.44
N ASN C 164 8.36 -29.79 53.84
CA ASN C 164 8.55 -29.63 52.40
C ASN C 164 10.01 -29.35 52.03
N GLN C 165 10.90 -29.42 53.02
CA GLN C 165 12.34 -29.36 52.80
C GLN C 165 12.75 -28.16 51.95
N VAL C 166 12.29 -26.98 52.36
CA VAL C 166 12.61 -25.74 51.68
C VAL C 166 14.12 -25.44 51.85
N LEU C 167 14.81 -25.16 50.75
CA LEU C 167 16.27 -25.09 50.73
C LEU C 167 16.78 -23.68 50.93
N GLY C 168 17.92 -23.56 51.61
CA GLY C 168 18.61 -22.30 51.76
C GLY C 168 20.08 -22.55 52.08
N PHE C 169 20.83 -21.47 52.33
CA PHE C 169 22.23 -21.61 52.76
C PHE C 169 22.52 -20.86 54.03
N ILE C 170 23.31 -21.47 54.89
CA ILE C 170 23.58 -20.89 56.18
C ILE C 170 24.56 -19.74 56.00
N GLY C 171 24.23 -18.62 56.60
CA GLY C 171 25.15 -17.54 56.77
C GLY C 171 24.94 -16.94 58.15
N THR C 172 25.14 -15.64 58.23
CA THR C 172 25.07 -14.91 59.48
C THR C 172 24.83 -13.46 59.14
N ASN C 173 24.71 -12.62 60.17
CA ASN C 173 24.42 -11.20 59.95
C ASN C 173 25.24 -10.33 60.93
N PHE C 174 24.95 -9.04 60.98
CA PHE C 174 25.78 -8.13 61.78
C PHE C 174 25.63 -8.33 63.29
N LYS C 175 24.57 -9.01 63.72
CA LYS C 175 24.37 -9.31 65.13
C LYS C 175 24.81 -10.73 65.48
N GLN C 176 25.62 -11.33 64.61
CA GLN C 176 26.06 -12.72 64.77
C GLN C 176 24.93 -13.70 65.14
N GLU C 177 23.80 -13.57 64.44
CA GLU C 177 22.70 -14.54 64.51
C GLU C 177 22.90 -15.51 63.37
N LEU C 178 22.54 -16.77 63.59
CA LEU C 178 22.59 -17.75 62.54
C LEU C 178 21.41 -17.54 61.60
N VAL C 179 21.68 -17.44 60.30
CA VAL C 179 20.63 -17.11 59.33
C VAL C 179 20.59 -18.13 58.21
N VAL C 180 19.40 -18.45 57.75
CA VAL C 180 19.26 -19.17 56.48
C VAL C 180 18.93 -18.16 55.39
N ASP C 181 19.76 -18.13 54.38
CA ASP C 181 19.66 -17.16 53.30
C ASP C 181 19.22 -17.82 52.02
N PHE C 182 18.75 -16.99 51.09
CA PHE C 182 18.48 -17.37 49.70
C PHE C 182 17.33 -18.36 49.46
N ILE C 183 16.27 -18.18 50.22
CA ILE C 183 15.06 -18.98 50.12
C ILE C 183 14.09 -18.40 49.09
N VAL C 184 13.46 -19.26 48.32
CA VAL C 184 12.51 -18.79 47.30
C VAL C 184 11.36 -18.03 47.94
N PRO C 185 10.94 -16.92 47.33
CA PRO C 185 9.93 -16.09 47.97
C PRO C 185 8.55 -16.75 48.07
N SER C 186 8.28 -17.73 47.22
CA SER C 186 6.98 -18.39 47.23
C SER C 186 6.87 -19.48 48.29
N ALA C 187 7.96 -19.77 49.00
CA ALA C 187 8.01 -20.90 49.94
C ALA C 187 7.28 -20.62 51.22
N GLU C 188 6.66 -21.67 51.77
CA GLU C 188 5.81 -21.56 52.94
C GLU C 188 6.61 -21.99 54.16
N ILE C 189 6.99 -20.99 54.96
CA ILE C 189 7.73 -21.23 56.19
C ILE C 189 6.94 -20.72 57.39
N ASN C 190 7.08 -21.40 58.51
CA ASN C 190 6.39 -21.00 59.74
C ASN C 190 7.36 -20.83 60.90
N ILE C 191 7.06 -19.88 61.77
CA ILE C 191 7.89 -19.70 62.95
C ILE C 191 7.89 -21.00 63.76
N GLY C 192 9.07 -21.49 64.10
CA GLY C 192 9.22 -22.74 64.83
C GLY C 192 9.59 -23.94 63.97
N ASP C 193 9.42 -23.85 62.65
CA ASP C 193 9.84 -24.91 61.75
C ASP C 193 11.28 -25.38 62.04
N GLN C 194 11.46 -26.70 62.16
CA GLN C 194 12.75 -27.31 62.20
C GLN C 194 13.61 -27.01 60.97
N VAL C 195 14.90 -26.79 61.21
CA VAL C 195 15.88 -26.59 60.16
C VAL C 195 16.94 -27.70 60.27
N LEU C 196 17.13 -28.45 59.19
CA LEU C 196 18.05 -29.60 59.17
C LEU C 196 19.06 -29.45 58.05
N THR C 197 20.22 -30.08 58.19
CA THR C 197 21.16 -30.09 57.09
C THR C 197 20.52 -30.80 55.89
N SER C 198 20.72 -30.27 54.70
CA SER C 198 20.06 -30.81 53.49
C SER C 198 20.81 -32.02 52.96
N GLY C 199 22.09 -32.09 53.24
CA GLY C 199 22.90 -33.22 52.78
C GLY C 199 23.17 -33.17 51.29
N LEU C 200 23.05 -31.98 50.69
CA LEU C 200 23.32 -31.81 49.26
C LEU C 200 24.67 -31.18 48.96
N ASP C 201 25.35 -30.71 50.01
CA ASP C 201 26.57 -29.92 49.84
C ASP C 201 27.86 -30.72 49.91
N GLY C 202 27.76 -32.00 50.31
CA GLY C 202 28.94 -32.85 50.49
C GLY C 202 29.77 -32.47 51.70
N ILE C 203 29.11 -31.81 52.66
CA ILE C 203 29.71 -31.43 53.95
C ILE C 203 29.09 -32.23 55.10
N PHE C 204 27.76 -32.17 55.16
CA PHE C 204 26.97 -32.93 56.12
C PHE C 204 26.12 -33.92 55.33
N GLY C 205 25.74 -35.01 55.99
CA GLY C 205 24.63 -35.81 55.54
C GLY C 205 23.33 -35.12 55.87
N ALA C 206 22.24 -35.61 55.29
CA ALA C 206 20.94 -35.03 55.50
C ALA C 206 20.42 -35.30 56.92
N GLY C 207 19.64 -34.36 57.41
CA GLY C 207 18.83 -34.57 58.60
C GLY C 207 19.44 -34.25 59.95
N VAL C 208 20.64 -33.67 59.97
CA VAL C 208 21.25 -33.25 61.22
C VAL C 208 20.61 -31.96 61.66
N PHE C 209 20.35 -31.81 62.95
CA PHE C 209 19.60 -30.65 63.46
C PHE C 209 20.45 -29.38 63.44
N VAL C 210 19.84 -28.29 63.04
CA VAL C 210 20.52 -27.00 63.02
C VAL C 210 19.87 -26.02 63.98
N GLY C 211 18.56 -25.82 63.81
CA GLY C 211 17.80 -24.83 64.63
C GLY C 211 16.35 -24.71 64.21
N GLU C 212 15.71 -23.63 64.61
CA GLU C 212 14.30 -23.39 64.34
C GLU C 212 14.10 -21.96 63.86
N VAL C 213 13.14 -21.77 62.95
CA VAL C 213 12.91 -20.45 62.40
C VAL C 213 12.30 -19.52 63.45
N SER C 214 12.93 -18.38 63.70
CA SER C 214 12.39 -17.44 64.67
C SER C 214 11.75 -16.21 64.01
N SER C 215 12.31 -15.76 62.90
CA SER C 215 11.73 -14.64 62.15
C SER C 215 12.13 -14.77 60.68
N ILE C 216 11.51 -13.95 59.84
CA ILE C 216 11.63 -14.07 58.39
C ILE C 216 11.70 -12.70 57.73
N GLU C 217 12.79 -12.42 57.02
CA GLU C 217 13.00 -11.14 56.31
C GLU C 217 12.64 -11.33 54.84
N ASP C 218 11.94 -10.36 54.27
CA ASP C 218 11.72 -10.33 52.82
C ASP C 218 12.80 -9.50 52.16
N HIS C 219 13.51 -10.08 51.19
CA HIS C 219 14.43 -9.31 50.35
C HIS C 219 13.98 -9.34 48.89
N TYR C 220 12.69 -9.58 48.67
CA TYR C 220 12.04 -9.48 47.35
C TYR C 220 12.34 -10.61 46.36
N THR C 221 13.61 -10.79 46.01
CA THR C 221 13.97 -11.89 45.08
C THR C 221 14.19 -13.20 45.84
N TYR C 222 14.30 -13.08 47.16
CA TYR C 222 14.47 -14.20 48.05
C TYR C 222 14.11 -13.74 49.47
N LYS C 223 14.03 -14.71 50.38
CA LYS C 223 13.77 -14.46 51.79
C LYS C 223 14.85 -15.06 52.62
N SER C 224 14.95 -14.60 53.86
CA SER C 224 15.88 -15.13 54.84
C SER C 224 15.12 -15.57 56.07
N ALA C 225 15.73 -16.47 56.83
CA ALA C 225 15.16 -16.93 58.08
C ALA C 225 16.20 -16.85 59.15
N VAL C 226 15.90 -16.14 60.22
CA VAL C 226 16.78 -16.07 61.35
C VAL C 226 16.44 -17.21 62.27
N LEU C 227 17.45 -17.90 62.77
CA LEU C 227 17.21 -19.11 63.58
C LEU C 227 17.30 -18.83 65.05
N LYS C 228 16.63 -19.67 65.84
CA LYS C 228 16.81 -19.72 67.27
C LYS C 228 17.11 -21.18 67.64
N ASN C 229 17.52 -21.45 68.88
CA ASN C 229 17.90 -22.79 69.29
C ASN C 229 19.00 -23.40 68.43
N ALA C 230 19.81 -22.56 67.78
CA ALA C 230 20.96 -23.06 67.05
C ALA C 230 22.18 -22.89 67.93
N PHE C 231 23.21 -23.66 67.65
CA PHE C 231 24.46 -23.51 68.38
C PHE C 231 25.11 -22.18 68.05
N LEU C 232 25.39 -21.39 69.08
CA LEU C 232 26.29 -20.22 68.93
C LEU C 232 27.46 -20.23 69.94
N SER C 233 27.19 -19.80 71.18
CA SER C 233 28.18 -19.36 72.12
C SER C 233 28.25 -20.41 73.22
N GLY C 234 27.73 -21.62 73.01
CA GLY C 234 27.49 -22.54 74.13
C GLY C 234 28.58 -23.58 74.37
N ALA C 235 29.23 -23.52 75.53
CA ALA C 235 30.45 -24.27 75.76
C ALA C 235 30.26 -25.78 75.88
N LYS C 236 29.05 -26.24 76.15
CA LYS C 236 28.83 -27.66 76.31
C LYS C 236 29.09 -28.42 75.02
N LEU C 237 28.76 -27.80 73.89
CA LEU C 237 28.85 -28.45 72.57
C LEU C 237 30.20 -28.28 71.88
N LEU C 238 31.18 -27.69 72.54
CA LEU C 238 32.51 -27.62 71.96
C LEU C 238 33.34 -28.81 72.41
N ARG C 239 32.80 -29.59 73.36
CA ARG C 239 33.35 -30.91 73.65
C ARG C 239 32.45 -31.98 73.06
N HIS C 240 33.01 -33.17 72.87
CA HIS C 240 32.32 -34.31 72.24
C HIS C 240 32.00 -34.06 70.77
N VAL C 241 33.00 -33.62 70.01
CA VAL C 241 32.80 -33.14 68.64
C VAL C 241 33.24 -34.17 67.62
N PHE C 242 32.41 -34.36 66.60
CA PHE C 242 32.67 -35.30 65.51
C PHE C 242 32.80 -34.57 64.16
N LEU C 243 33.74 -35.01 63.35
CA LEU C 243 33.95 -34.46 62.01
C LEU C 243 33.15 -35.24 60.99
N SER C 244 32.45 -34.52 60.12
CA SER C 244 31.60 -35.17 59.12
C SER C 244 32.27 -35.28 57.77
N ASP C 245 32.64 -36.50 57.37
CA ASP C 245 33.34 -36.78 56.12
C ASP C 245 32.40 -37.50 55.14
N VAL C 246 31.86 -36.77 54.16
CA VAL C 246 30.95 -37.34 53.15
C VAL C 246 31.78 -37.74 51.93
N LYS C 247 31.71 -39.00 51.56
CA LYS C 247 32.64 -39.56 50.59
C LYS C 247 32.44 -38.84 49.25
N ASN C 248 33.53 -38.27 48.72
CA ASN C 248 33.43 -37.34 47.59
C ASN C 248 33.45 -38.11 46.29
N LYS D 92 7.50 3.93 -68.04
CA LYS D 92 7.20 3.79 -69.50
C LYS D 92 5.71 3.88 -69.78
N MET D 93 5.38 4.24 -71.02
CA MET D 93 4.02 4.54 -71.40
C MET D 93 3.79 4.43 -72.91
N THR D 94 2.60 3.97 -73.29
CA THR D 94 2.28 3.75 -74.69
C THR D 94 0.99 4.44 -75.05
N TYR D 95 0.96 4.99 -76.24
CA TYR D 95 -0.24 5.46 -76.87
C TYR D 95 -0.51 4.58 -78.06
N THR D 96 -1.71 4.01 -78.12
CA THR D 96 -2.09 3.12 -79.23
C THR D 96 -3.37 3.64 -79.82
N PRO D 97 -3.44 3.75 -81.14
CA PRO D 97 -4.65 4.29 -81.72
C PRO D 97 -5.81 3.32 -81.67
N THR D 98 -7.02 3.88 -81.67
CA THR D 98 -8.25 3.13 -81.51
C THR D 98 -9.30 4.01 -82.12
N PHE D 99 -10.41 3.40 -82.47
CA PHE D 99 -11.51 4.20 -82.96
C PHE D 99 -12.83 3.60 -82.56
N MET D 100 -13.85 4.43 -82.52
CA MET D 100 -15.16 3.97 -82.09
C MET D 100 -15.93 3.36 -83.26
N THR D 101 -16.63 2.26 -82.98
CA THR D 101 -17.48 1.62 -83.98
C THR D 101 -18.92 2.07 -83.88
N SER D 102 -19.33 2.41 -82.65
CA SER D 102 -20.67 2.80 -82.36
C SER D 102 -20.71 3.36 -80.93
N PHE D 103 -21.81 4.01 -80.58
CA PHE D 103 -22.13 4.27 -79.19
C PHE D 103 -22.65 2.97 -78.62
N ILE D 104 -22.55 2.79 -77.31
CA ILE D 104 -23.10 1.60 -76.68
C ILE D 104 -24.61 1.63 -76.73
N SER D 105 -25.20 2.72 -76.23
CA SER D 105 -26.65 2.93 -76.30
C SER D 105 -26.84 4.06 -77.25
N LEU D 106 -28.03 4.24 -77.81
CA LEU D 106 -28.36 5.46 -78.56
C LEU D 106 -29.15 6.42 -77.70
N GLU D 107 -29.21 6.14 -76.41
CA GLU D 107 -29.79 7.03 -75.43
C GLU D 107 -28.73 7.58 -74.46
N ASP D 108 -27.48 7.64 -74.90
CA ASP D 108 -26.34 8.04 -74.06
C ASP D 108 -25.15 8.38 -74.97
N THR D 109 -24.64 9.62 -74.93
CA THR D 109 -23.47 10.03 -75.77
C THR D 109 -22.11 9.75 -75.11
N HIS D 110 -22.13 9.39 -73.84
CA HIS D 110 -20.91 9.27 -73.04
C HIS D 110 -20.41 7.82 -72.91
N SER D 111 -20.85 6.93 -73.79
CA SER D 111 -20.41 5.54 -73.74
C SER D 111 -20.23 4.99 -75.13
N VAL D 112 -19.04 4.48 -75.43
CA VAL D 112 -18.76 3.99 -76.79
C VAL D 112 -18.11 2.62 -76.87
N SER D 113 -18.40 1.92 -77.95
CA SER D 113 -17.69 0.69 -78.29
C SER D 113 -16.49 0.99 -79.16
N LEU D 114 -15.35 0.45 -78.76
CA LEU D 114 -14.09 0.68 -79.44
C LEU D 114 -13.59 -0.55 -80.14
N ASN D 115 -12.87 -0.34 -81.22
CA ASN D 115 -12.33 -1.45 -81.98
C ASN D 115 -11.32 -2.20 -81.14
N PRO D 116 -11.45 -3.53 -81.05
CA PRO D 116 -10.53 -4.37 -80.26
C PRO D 116 -9.06 -4.07 -80.53
N ILE D 117 -8.24 -4.20 -79.50
CA ILE D 117 -6.81 -3.96 -79.59
C ILE D 117 -6.09 -5.16 -79.00
N VAL D 118 -5.10 -5.63 -79.74
CA VAL D 118 -4.37 -6.83 -79.42
C VAL D 118 -3.80 -6.80 -77.99
N ASN D 119 -3.74 -8.00 -77.39
CA ASN D 119 -3.44 -8.22 -75.95
C ASN D 119 -3.36 -6.98 -75.02
N LEU D 120 -4.54 -6.53 -74.61
CA LEU D 120 -4.68 -5.67 -73.46
C LEU D 120 -4.98 -6.55 -72.25
N GLU D 121 -4.83 -5.99 -71.06
CA GLU D 121 -5.21 -6.67 -69.83
C GLU D 121 -6.66 -6.37 -69.48
N GLU D 122 -7.34 -7.37 -68.96
CA GLU D 122 -8.76 -7.28 -68.70
C GLU D 122 -8.95 -6.52 -67.40
N ASN D 123 -9.95 -5.64 -67.39
CA ASN D 123 -10.27 -4.84 -66.20
C ASN D 123 -9.23 -3.79 -65.81
N LYS D 124 -8.12 -3.73 -66.53
CA LYS D 124 -7.20 -2.63 -66.34
C LYS D 124 -7.88 -1.40 -66.93
N ILE D 125 -7.77 -0.28 -66.22
CA ILE D 125 -8.36 0.96 -66.68
C ILE D 125 -7.36 1.78 -67.48
N TYR D 126 -7.68 2.01 -68.75
CA TYR D 126 -6.84 2.78 -69.66
C TYR D 126 -7.39 4.18 -69.81
N GLY D 127 -6.54 5.12 -70.18
CA GLY D 127 -6.96 6.49 -70.45
C GLY D 127 -7.24 6.66 -71.93
N LEU D 128 -8.18 7.54 -72.25
CA LEU D 128 -8.46 7.95 -73.63
C LEU D 128 -8.09 9.42 -73.88
N VAL D 129 -7.38 9.62 -75.00
CA VAL D 129 -6.88 10.93 -75.38
C VAL D 129 -7.28 11.19 -76.81
N SER D 130 -7.68 12.43 -77.13
CA SER D 130 -7.86 12.80 -78.52
C SER D 130 -6.95 13.94 -78.95
N HIS D 131 -7.39 15.18 -78.83
CA HIS D 131 -6.59 16.25 -79.37
C HIS D 131 -5.70 16.76 -78.27
N ASN D 132 -4.77 15.89 -77.88
CA ASN D 132 -3.85 16.11 -76.76
C ASN D 132 -4.57 16.50 -75.48
N GLN D 133 -5.73 15.86 -75.27
CA GLN D 133 -6.63 16.13 -74.16
C GLN D 133 -7.27 14.82 -73.65
N ALA D 134 -7.59 14.78 -72.35
CA ALA D 134 -8.24 13.63 -71.78
C ALA D 134 -9.76 13.70 -72.07
N ILE D 135 -10.28 12.66 -72.74
CA ILE D 135 -11.70 12.55 -73.06
C ILE D 135 -12.44 11.50 -72.21
N GLY D 136 -11.73 10.58 -71.57
CA GLY D 136 -12.36 9.57 -70.74
C GLY D 136 -11.48 8.36 -70.49
N ILE D 137 -12.08 7.23 -70.16
CA ILE D 137 -11.31 6.01 -69.92
C ILE D 137 -11.86 4.85 -70.72
N ALA D 138 -11.11 3.75 -70.73
CA ALA D 138 -11.51 2.57 -71.48
C ALA D 138 -11.18 1.31 -70.71
N VAL D 139 -12.09 0.36 -70.71
CA VAL D 139 -11.86 -0.91 -70.02
C VAL D 139 -12.24 -2.09 -70.90
N LEU D 140 -11.39 -3.11 -70.89
CA LEU D 140 -11.70 -4.38 -71.54
C LEU D 140 -12.52 -5.23 -70.59
N GLU D 141 -13.71 -5.64 -71.03
CA GLU D 141 -14.55 -6.56 -70.26
C GLU D 141 -15.15 -7.55 -71.21
N LYS D 142 -15.03 -8.84 -70.86
CA LYS D 142 -15.62 -9.93 -71.66
C LYS D 142 -15.34 -9.69 -73.13
N GLY D 143 -14.08 -9.46 -73.47
CA GLY D 143 -13.68 -9.37 -74.86
C GLY D 143 -14.04 -8.11 -75.61
N ARG D 144 -14.71 -7.16 -74.96
CA ARG D 144 -15.09 -5.89 -75.59
C ARG D 144 -14.40 -4.68 -74.99
N LEU D 145 -13.90 -3.80 -75.84
CA LEU D 145 -13.23 -2.60 -75.37
C LEU D 145 -14.22 -1.45 -75.26
N ASN D 146 -14.55 -1.09 -74.02
CA ASN D 146 -15.58 -0.09 -73.78
C ASN D 146 -15.00 1.23 -73.30
N GLY D 147 -15.44 2.30 -73.96
CA GLY D 147 -15.00 3.64 -73.60
C GLY D 147 -16.06 4.36 -72.79
N PHE D 148 -15.69 4.78 -71.59
CA PHE D 148 -16.56 5.60 -70.75
C PHE D 148 -16.01 7.00 -70.71
N LEU D 149 -16.68 7.90 -71.41
CA LEU D 149 -16.18 9.25 -71.67
C LEU D 149 -16.41 10.18 -70.50
N ASN D 150 -15.86 11.40 -70.60
CA ASN D 150 -15.97 12.41 -69.53
C ASN D 150 -17.45 12.60 -69.22
N ALA D 151 -17.77 12.52 -67.95
CA ALA D 151 -19.15 12.69 -67.45
C ALA D 151 -19.97 11.45 -67.42
N HIS D 152 -19.44 10.32 -67.89
CA HIS D 152 -20.08 9.01 -67.62
C HIS D 152 -19.93 8.65 -66.12
N LYS D 153 -20.90 7.97 -65.57
CA LYS D 153 -20.84 7.55 -64.16
C LYS D 153 -19.59 6.73 -63.82
N ARG D 154 -19.03 6.03 -64.80
CA ARG D 154 -17.88 5.15 -64.59
C ARG D 154 -16.54 5.79 -64.93
N CYS D 155 -16.58 6.98 -65.49
CA CYS D 155 -15.36 7.69 -65.87
C CYS D 155 -14.84 8.45 -64.68
N ALA D 156 -13.65 8.07 -64.23
CA ALA D 156 -12.99 8.74 -63.12
C ALA D 156 -11.48 8.60 -63.23
N TYR D 157 -10.74 9.63 -62.84
CA TYR D 157 -9.30 9.57 -62.86
C TYR D 157 -8.68 10.71 -62.08
N SER D 158 -7.36 10.63 -61.84
CA SER D 158 -6.65 11.59 -60.95
C SER D 158 -6.10 12.80 -61.70
N VAL D 159 -6.39 13.99 -61.21
CA VAL D 159 -5.91 15.23 -61.84
C VAL D 159 -5.26 16.16 -60.82
N MET D 160 -4.52 17.14 -61.32
CA MET D 160 -3.90 18.17 -60.48
C MET D 160 -4.12 19.57 -61.03
N ILE D 161 -4.34 20.52 -60.13
CA ILE D 161 -4.83 21.84 -60.48
C ILE D 161 -3.80 22.93 -60.22
N GLY D 162 -3.62 23.80 -61.22
CA GLY D 162 -2.87 25.03 -61.08
C GLY D 162 -1.39 24.72 -60.89
N GLN D 163 -0.68 25.78 -60.48
CA GLN D 163 0.78 25.78 -60.38
C GLN D 163 1.28 24.92 -59.22
N ASN D 164 0.48 24.88 -58.14
CA ASN D 164 0.82 24.09 -56.96
C ASN D 164 0.33 22.65 -57.04
N GLN D 165 -0.20 22.26 -58.20
CA GLN D 165 -0.59 20.87 -58.47
C GLN D 165 -1.47 20.29 -57.37
N VAL D 166 -2.53 21.01 -57.05
CA VAL D 166 -3.50 20.57 -56.07
C VAL D 166 -4.31 19.37 -56.61
N LEU D 167 -4.46 18.33 -55.82
CA LEU D 167 -5.01 17.05 -56.29
C LEU D 167 -6.51 16.92 -56.11
N GLY D 168 -7.15 16.23 -57.04
CA GLY D 168 -8.54 15.84 -56.90
C GLY D 168 -8.84 14.64 -57.76
N PHE D 169 -10.10 14.27 -57.85
CA PHE D 169 -10.52 13.18 -58.75
C PHE D 169 -11.68 13.59 -59.64
N ILE D 170 -11.63 13.14 -60.87
CA ILE D 170 -12.63 13.51 -61.84
C ILE D 170 -13.91 12.76 -61.55
N GLY D 171 -15.01 13.49 -61.50
CA GLY D 171 -16.33 12.93 -61.45
C GLY D 171 -17.22 13.80 -62.34
N THR D 172 -18.49 13.84 -61.96
CA THR D 172 -19.50 14.57 -62.71
C THR D 172 -20.66 14.85 -61.78
N ASN D 173 -21.72 15.48 -62.27
CA ASN D 173 -22.86 15.85 -61.43
C ASN D 173 -24.17 15.69 -62.21
N PHE D 174 -25.27 16.16 -61.64
CA PHE D 174 -26.59 15.92 -62.25
C PHE D 174 -26.81 16.71 -63.55
N LYS D 175 -25.98 17.72 -63.81
CA LYS D 175 -26.05 18.47 -65.05
C LYS D 175 -25.00 18.00 -66.07
N GLN D 176 -24.47 16.80 -65.87
CA GLN D 176 -23.40 16.27 -66.71
C GLN D 176 -22.26 17.30 -67.00
N GLU D 177 -21.83 18.02 -65.96
CA GLU D 177 -20.66 18.88 -66.01
C GLU D 177 -19.48 18.06 -65.53
N LEU D 178 -18.30 18.29 -66.11
CA LEU D 178 -17.10 17.62 -65.64
C LEU D 178 -16.63 18.30 -64.37
N VAL D 179 -16.42 17.52 -63.32
CA VAL D 179 -16.12 18.09 -62.01
C VAL D 179 -14.86 17.49 -61.45
N VAL D 180 -14.05 18.31 -60.78
CA VAL D 180 -12.98 17.79 -59.93
C VAL D 180 -13.48 17.77 -58.48
N ASP D 181 -13.45 16.59 -57.90
CA ASP D 181 -13.98 16.36 -56.56
C ASP D 181 -12.87 16.07 -55.57
N PHE D 182 -13.22 16.22 -54.30
CA PHE D 182 -12.40 15.81 -53.14
C PHE D 182 -11.08 16.56 -52.96
N ILE D 183 -11.16 17.86 -53.16
CA ILE D 183 -10.03 18.76 -53.00
C ILE D 183 -9.94 19.25 -51.56
N VAL D 184 -8.74 19.30 -51.02
CA VAL D 184 -8.55 19.77 -49.64
C VAL D 184 -9.02 21.21 -49.49
N PRO D 185 -9.72 21.51 -48.39
CA PRO D 185 -10.36 22.82 -48.28
C PRO D 185 -9.37 23.96 -48.12
N SER D 186 -8.17 23.67 -47.62
CA SER D 186 -7.21 24.74 -47.39
C SER D 186 -6.41 25.11 -48.63
N ALA D 187 -6.63 24.40 -49.74
CA ALA D 187 -5.88 24.63 -50.98
C ALA D 187 -6.30 25.89 -51.70
N GLU D 188 -5.33 26.54 -52.34
CA GLU D 188 -5.58 27.78 -53.04
C GLU D 188 -5.79 27.52 -54.52
N ILE D 189 -7.06 27.62 -54.93
CA ILE D 189 -7.44 27.50 -56.33
C ILE D 189 -8.10 28.79 -56.82
N ASN D 190 -7.92 29.09 -58.09
CA ASN D 190 -8.49 30.28 -58.72
C ASN D 190 -9.22 29.92 -60.01
N ILE D 191 -10.23 30.70 -60.35
CA ILE D 191 -10.96 30.47 -61.58
C ILE D 191 -9.98 30.61 -62.75
N GLY D 192 -9.98 29.62 -63.65
CA GLY D 192 -9.06 29.60 -64.78
C GLY D 192 -7.87 28.68 -64.61
N ASP D 193 -7.63 28.22 -63.38
CA ASP D 193 -6.49 27.36 -63.12
C ASP D 193 -6.53 26.13 -64.03
N GLN D 194 -5.40 25.82 -64.65
CA GLN D 194 -5.30 24.73 -65.58
C GLN D 194 -5.43 23.40 -64.82
N VAL D 195 -6.09 22.40 -65.42
CA VAL D 195 -6.28 21.10 -64.81
C VAL D 195 -5.63 20.03 -65.70
N LEU D 196 -4.67 19.32 -65.13
CA LEU D 196 -3.90 18.31 -65.88
C LEU D 196 -4.00 16.98 -65.18
N THR D 197 -3.84 15.89 -65.94
CA THR D 197 -3.79 14.58 -65.32
C THR D 197 -2.58 14.53 -64.38
N SER D 198 -2.77 13.93 -63.22
CA SER D 198 -1.72 13.87 -62.19
C SER D 198 -0.72 12.78 -62.49
N GLY D 199 -1.17 11.77 -63.22
CA GLY D 199 -0.28 10.68 -63.56
C GLY D 199 0.02 9.77 -62.37
N LEU D 200 -0.81 9.82 -61.32
CA LEU D 200 -0.61 8.98 -60.15
C LEU D 200 -1.53 7.75 -60.09
N ASP D 201 -2.49 7.68 -61.02
CA ASP D 201 -3.53 6.68 -61.01
C ASP D 201 -3.21 5.45 -61.85
N GLY D 202 -2.13 5.50 -62.64
CA GLY D 202 -1.78 4.40 -63.53
C GLY D 202 -2.71 4.27 -64.73
N ILE D 203 -3.37 5.38 -65.05
CA ILE D 203 -4.29 5.47 -66.19
C ILE D 203 -3.72 6.37 -67.30
N PHE D 204 -3.36 7.59 -66.87
CA PHE D 204 -2.74 8.58 -67.70
C PHE D 204 -1.35 8.82 -67.13
N GLY D 205 -0.44 9.28 -67.97
CA GLY D 205 0.78 9.90 -67.51
C GLY D 205 0.44 11.33 -67.07
N ALA D 206 1.38 11.98 -66.38
CA ALA D 206 1.19 13.31 -65.88
C ALA D 206 1.18 14.35 -67.01
N GLY D 207 0.38 15.40 -66.81
CA GLY D 207 0.46 16.60 -67.64
C GLY D 207 -0.42 16.64 -68.88
N VAL D 208 -1.29 15.65 -69.06
CA VAL D 208 -2.23 15.68 -70.16
C VAL D 208 -3.32 16.67 -69.82
N PHE D 209 -3.76 17.45 -70.81
CA PHE D 209 -4.68 18.55 -70.55
C PHE D 209 -6.10 18.03 -70.30
N VAL D 210 -6.77 18.60 -69.31
CA VAL D 210 -8.15 18.23 -69.02
C VAL D 210 -9.07 19.39 -69.22
N GLY D 211 -8.78 20.50 -68.54
CA GLY D 211 -9.64 21.70 -68.58
C GLY D 211 -9.19 22.82 -67.67
N GLU D 212 -10.12 23.70 -67.32
CA GLU D 212 -9.84 24.85 -66.46
C GLU D 212 -10.96 25.01 -65.44
N VAL D 213 -10.63 25.50 -64.26
CA VAL D 213 -11.64 25.73 -63.25
C VAL D 213 -12.59 26.87 -63.65
N SER D 214 -13.89 26.61 -63.68
CA SER D 214 -14.85 27.69 -63.95
C SER D 214 -15.59 28.17 -62.69
N SER D 215 -15.86 27.27 -61.75
CA SER D 215 -16.48 27.64 -60.47
C SER D 215 -16.02 26.65 -59.40
N ILE D 216 -16.30 26.97 -58.14
CA ILE D 216 -15.83 26.17 -57.01
C ILE D 216 -16.93 26.04 -55.95
N GLU D 217 -17.31 24.81 -55.61
CA GLU D 217 -18.30 24.55 -54.56
C GLU D 217 -17.59 24.19 -53.29
N ASP D 218 -18.06 24.75 -52.19
CA ASP D 218 -17.54 24.40 -50.87
C ASP D 218 -18.43 23.31 -50.28
N HIS D 219 -17.82 22.19 -49.91
CA HIS D 219 -18.53 21.15 -49.18
C HIS D 219 -17.93 21.03 -47.77
N TYR D 220 -17.12 22.02 -47.38
CA TYR D 220 -16.60 22.14 -46.00
C TYR D 220 -15.49 21.17 -45.62
N THR D 221 -15.75 19.87 -45.73
CA THR D 221 -14.69 18.86 -45.48
C THR D 221 -13.81 18.66 -46.73
N TYR D 222 -14.29 19.16 -47.86
CA TYR D 222 -13.58 19.19 -49.12
C TYR D 222 -14.24 20.22 -50.06
N LYS D 223 -13.61 20.53 -51.18
CA LYS D 223 -14.16 21.40 -52.22
C LYS D 223 -14.23 20.67 -53.54
N SER D 224 -15.06 21.18 -54.43
CA SER D 224 -15.15 20.68 -55.80
C SER D 224 -14.89 21.82 -56.77
N ALA D 225 -14.49 21.48 -57.98
CA ALA D 225 -14.27 22.47 -59.03
C ALA D 225 -14.97 22.01 -60.27
N VAL D 226 -15.85 22.85 -60.79
CA VAL D 226 -16.51 22.56 -62.05
C VAL D 226 -15.64 23.11 -63.17
N LEU D 227 -15.46 22.33 -64.23
CA LEU D 227 -14.50 22.68 -65.29
C LEU D 227 -15.16 23.33 -66.48
N LYS D 228 -14.36 24.07 -67.22
CA LYS D 228 -14.72 24.55 -68.55
C LYS D 228 -13.56 24.19 -69.49
N ASN D 229 -13.71 24.41 -70.79
CA ASN D 229 -12.69 24.00 -71.76
C ASN D 229 -12.35 22.52 -71.70
N ALA D 230 -13.23 21.68 -71.18
CA ALA D 230 -12.96 20.25 -71.10
C ALA D 230 -13.74 19.55 -72.19
N PHE D 231 -13.33 18.35 -72.57
CA PHE D 231 -14.14 17.58 -73.52
C PHE D 231 -15.45 17.13 -72.89
N LEU D 232 -16.57 17.46 -73.53
CA LEU D 232 -17.86 16.78 -73.23
C LEU D 232 -18.54 16.09 -74.41
N SER D 233 -19.34 16.83 -75.18
CA SER D 233 -20.21 16.24 -76.19
C SER D 233 -19.69 16.60 -77.57
N GLY D 234 -18.40 16.88 -77.69
CA GLY D 234 -17.87 17.55 -78.91
C GLY D 234 -17.26 16.60 -79.93
N ALA D 235 -17.88 16.49 -81.11
CA ALA D 235 -17.69 15.31 -81.96
C ALA D 235 -16.34 15.26 -82.66
N LYS D 236 -15.63 16.39 -82.76
CA LYS D 236 -14.36 16.39 -83.45
C LYS D 236 -13.34 15.51 -82.73
N LEU D 237 -13.41 15.44 -81.40
CA LEU D 237 -12.49 14.66 -80.57
C LEU D 237 -12.83 13.17 -80.38
N LEU D 238 -13.86 12.67 -81.05
CA LEU D 238 -14.13 11.24 -81.00
C LEU D 238 -13.48 10.54 -82.20
N ARG D 239 -12.89 11.32 -83.08
CA ARG D 239 -11.99 10.79 -84.08
C ARG D 239 -10.55 11.10 -83.68
N HIS D 240 -9.61 10.32 -84.21
CA HIS D 240 -8.18 10.46 -83.89
C HIS D 240 -7.86 10.13 -82.43
N VAL D 241 -8.36 8.99 -81.94
CA VAL D 241 -8.33 8.67 -80.51
C VAL D 241 -7.23 7.65 -80.19
N PHE D 242 -6.51 7.90 -79.10
CA PHE D 242 -5.43 7.05 -78.65
C PHE D 242 -5.71 6.50 -77.26
N LEU D 243 -5.36 5.23 -77.06
CA LEU D 243 -5.47 4.59 -75.75
C LEU D 243 -4.19 4.75 -74.93
N SER D 244 -4.34 5.10 -73.67
CA SER D 244 -3.17 5.35 -72.81
C SER D 244 -2.83 4.18 -71.91
N ASP D 245 -1.70 3.52 -72.20
CA ASP D 245 -1.26 2.31 -71.48
C ASP D 245 0.01 2.62 -70.66
N VAL D 246 -0.18 2.80 -69.36
CA VAL D 246 0.90 3.06 -68.41
C VAL D 246 1.27 1.75 -67.75
N LYS D 247 2.54 1.36 -67.74
CA LYS D 247 2.96 0.18 -66.98
C LYS D 247 4.00 0.53 -65.93
N LYS E 92 44.04 -34.17 80.22
CA LYS E 92 44.86 -34.10 81.49
C LYS E 92 45.25 -32.67 81.82
N MET E 93 45.56 -32.44 83.10
CA MET E 93 45.96 -31.14 83.59
C MET E 93 46.77 -31.23 84.88
N THR E 94 47.70 -30.31 85.06
CA THR E 94 48.58 -30.29 86.22
C THR E 94 48.56 -28.92 86.89
N TYR E 95 48.65 -28.92 88.21
CA TYR E 95 48.93 -27.71 88.95
C TYR E 95 50.33 -27.84 89.55
N THR E 96 51.17 -26.83 89.30
CA THR E 96 52.51 -26.78 89.87
C THR E 96 52.67 -25.51 90.69
N PRO E 97 53.16 -25.64 91.92
CA PRO E 97 53.19 -24.45 92.76
C PRO E 97 54.36 -23.52 92.40
N THR E 98 54.17 -22.25 92.73
CA THR E 98 55.19 -21.23 92.62
C THR E 98 54.73 -20.10 93.53
N PHE E 99 55.49 -19.03 93.61
CA PHE E 99 55.07 -17.87 94.38
C PHE E 99 55.64 -16.63 93.72
N MET E 100 55.02 -15.49 94.05
CA MET E 100 55.38 -14.21 93.49
C MET E 100 56.57 -13.63 94.28
N THR E 101 57.58 -13.13 93.58
CA THR E 101 58.78 -12.64 94.24
C THR E 101 58.77 -11.13 94.26
N SER E 102 58.27 -10.52 93.19
CA SER E 102 58.32 -9.07 93.07
C SER E 102 57.41 -8.59 91.97
N PHE E 103 57.06 -7.31 92.00
CA PHE E 103 56.25 -6.73 90.93
C PHE E 103 57.17 -6.27 89.83
N ILE E 104 56.74 -6.39 88.59
CA ILE E 104 57.63 -6.11 87.47
C ILE E 104 57.65 -4.60 87.25
N SER E 105 56.47 -3.99 87.19
CA SER E 105 56.32 -2.58 86.87
C SER E 105 56.26 -1.74 88.13
N LEU E 106 56.70 -0.50 88.03
CA LEU E 106 56.61 0.45 89.13
C LEU E 106 55.39 1.32 88.93
N GLU E 107 54.64 1.07 87.87
CA GLU E 107 53.46 1.88 87.57
C GLU E 107 52.15 1.17 87.96
N ASP E 108 52.22 -0.14 88.18
CA ASP E 108 51.04 -0.91 88.57
C ASP E 108 51.33 -2.24 89.28
N THR E 109 50.27 -2.80 89.87
CA THR E 109 50.34 -4.09 90.57
C THR E 109 49.87 -5.27 89.70
N HIS E 110 49.85 -5.10 88.38
CA HIS E 110 49.20 -6.06 87.50
C HIS E 110 50.14 -7.12 86.89
N SER E 111 51.40 -7.07 87.27
CA SER E 111 52.47 -7.79 86.59
C SER E 111 53.49 -8.25 87.64
N VAL E 112 53.74 -9.54 87.70
CA VAL E 112 54.63 -10.08 88.71
C VAL E 112 55.68 -11.07 88.18
N SER E 113 56.80 -11.14 88.88
CA SER E 113 57.78 -12.18 88.68
C SER E 113 57.45 -13.39 89.55
N LEU E 114 57.50 -14.55 88.93
CA LEU E 114 57.26 -15.82 89.62
C LEU E 114 58.52 -16.64 89.76
N ASN E 115 58.58 -17.42 90.82
CA ASN E 115 59.69 -18.30 91.02
C ASN E 115 59.74 -19.34 89.89
N PRO E 116 60.92 -19.50 89.26
CA PRO E 116 61.09 -20.43 88.14
C PRO E 116 60.54 -21.83 88.41
N ILE E 117 60.04 -22.48 87.36
CA ILE E 117 59.53 -23.84 87.46
C ILE E 117 60.19 -24.70 86.38
N VAL E 118 60.73 -25.83 86.79
CA VAL E 118 61.54 -26.65 85.91
C VAL E 118 60.74 -27.12 84.69
N ASN E 119 61.43 -27.35 83.58
CA ASN E 119 60.80 -27.87 82.34
C ASN E 119 59.46 -27.31 81.95
N LEU E 120 59.27 -26.00 81.80
CA LEU E 120 58.10 -25.47 81.15
C LEU E 120 58.44 -25.22 79.71
N GLU E 121 57.42 -25.07 78.88
CA GLU E 121 57.59 -24.68 77.47
C GLU E 121 57.52 -23.17 77.34
N GLU E 122 58.36 -22.64 76.48
CA GLU E 122 58.50 -21.19 76.38
C GLU E 122 57.38 -20.66 75.53
N ASN E 123 56.82 -19.52 75.92
CA ASN E 123 55.73 -18.87 75.20
C ASN E 123 54.39 -19.58 75.27
N LYS E 124 54.33 -20.73 75.90
CA LYS E 124 53.04 -21.33 76.18
C LYS E 124 52.40 -20.48 77.25
N ILE E 125 51.10 -20.24 77.10
CA ILE E 125 50.34 -19.47 78.08
C ILE E 125 49.71 -20.39 79.12
N TYR E 126 50.12 -20.24 80.37
CA TYR E 126 49.63 -21.04 81.48
C TYR E 126 48.62 -20.21 82.28
N GLY E 127 47.77 -20.89 83.01
CA GLY E 127 46.81 -20.22 83.90
C GLY E 127 47.37 -20.12 85.30
N LEU E 128 46.97 -19.08 86.02
CA LEU E 128 47.30 -18.91 87.43
C LEU E 128 46.07 -18.99 88.33
N VAL E 129 46.22 -19.78 89.40
CA VAL E 129 45.17 -20.03 90.35
C VAL E 129 45.72 -19.80 91.75
N SER E 130 44.92 -19.19 92.63
CA SER E 130 45.34 -19.07 94.03
C SER E 130 44.34 -19.74 94.96
N HIS E 131 43.33 -19.02 95.45
CA HIS E 131 42.45 -19.62 96.43
C HIS E 131 41.30 -20.25 95.70
N ASN E 132 41.61 -21.29 94.94
CA ASN E 132 40.67 -21.93 94.03
C ASN E 132 39.93 -20.97 93.10
N GLN E 133 40.67 -19.98 92.62
CA GLN E 133 40.15 -18.92 91.76
C GLN E 133 41.19 -18.56 90.65
N ALA E 134 40.71 -18.11 89.50
CA ALA E 134 41.58 -17.63 88.45
C ALA E 134 42.01 -16.18 88.74
N ILE E 135 43.33 -15.99 88.83
CA ILE E 135 43.92 -14.67 89.11
C ILE E 135 44.61 -14.04 87.90
N GLY E 136 44.95 -14.86 86.90
CA GLY E 136 45.57 -14.37 85.67
C GLY E 136 46.29 -15.45 84.91
N ILE E 137 47.31 -15.07 84.12
CA ILE E 137 48.05 -16.04 83.35
C ILE E 137 49.53 -15.87 83.57
N ALA E 138 50.30 -16.86 83.09
CA ALA E 138 51.74 -16.82 83.21
C ALA E 138 52.42 -17.29 81.96
N VAL E 139 53.49 -16.61 81.57
CA VAL E 139 54.28 -17.05 80.41
C VAL E 139 55.76 -17.11 80.75
N LEU E 140 56.43 -18.16 80.28
CA LEU E 140 57.89 -18.21 80.35
C LEU E 140 58.44 -17.50 79.12
N GLU E 141 59.27 -16.49 79.32
CA GLU E 141 59.92 -15.76 78.22
C GLU E 141 61.35 -15.48 78.61
N LYS E 142 62.28 -15.86 77.74
CA LYS E 142 63.71 -15.60 77.97
C LYS E 142 64.08 -15.91 79.41
N GLY E 143 63.75 -17.11 79.84
CA GLY E 143 64.19 -17.60 81.13
C GLY E 143 63.47 -17.06 82.35
N ARG E 144 62.49 -16.17 82.15
CA ARG E 144 61.74 -15.56 83.26
C ARG E 144 60.28 -15.97 83.28
N LEU E 145 59.79 -16.37 84.43
CA LEU E 145 58.39 -16.76 84.54
C LEU E 145 57.56 -15.56 84.97
N ASN E 146 56.79 -15.02 84.02
CA ASN E 146 56.08 -13.78 84.24
C ASN E 146 54.59 -14.00 84.40
N GLY E 147 54.04 -13.39 85.44
CA GLY E 147 52.61 -13.46 85.72
C GLY E 147 51.93 -12.18 85.30
N PHE E 148 50.96 -12.30 84.40
CA PHE E 148 50.14 -11.16 84.02
C PHE E 148 48.75 -11.38 84.60
N LEU E 149 48.44 -10.61 85.64
CA LEU E 149 47.25 -10.84 86.44
C LEU E 149 45.99 -10.28 85.79
N ASN E 150 44.84 -10.57 86.40
CA ASN E 150 43.54 -10.19 85.85
C ASN E 150 43.46 -8.84 85.13
N ALA E 151 44.01 -7.74 85.67
CA ALA E 151 43.76 -6.40 85.08
C ALA E 151 44.69 -6.04 83.93
N HIS E 152 45.70 -6.87 83.71
CA HIS E 152 46.80 -6.55 82.83
C HIS E 152 46.39 -6.58 81.36
N LYS E 153 46.98 -5.68 80.58
CA LYS E 153 46.68 -5.59 79.16
C LYS E 153 46.90 -6.92 78.41
N ARG E 154 47.79 -7.79 78.89
CA ARG E 154 48.10 -9.05 78.21
C ARG E 154 47.34 -10.26 78.77
N CYS E 155 46.59 -10.05 79.84
CA CYS E 155 45.87 -11.16 80.47
C CYS E 155 44.54 -11.34 79.78
N ALA E 156 44.37 -12.50 79.15
CA ALA E 156 43.11 -12.90 78.54
C ALA E 156 42.95 -14.41 78.57
N TYR E 157 41.73 -14.89 78.74
CA TYR E 157 41.48 -16.33 78.69
C TYR E 157 39.99 -16.60 78.58
N SER E 158 39.64 -17.87 78.29
CA SER E 158 38.26 -18.24 78.00
C SER E 158 37.45 -18.64 79.22
N VAL E 159 36.27 -18.01 79.34
CA VAL E 159 35.39 -18.26 80.46
C VAL E 159 33.98 -18.58 79.94
N MET E 160 33.19 -19.16 80.82
CA MET E 160 31.78 -19.49 80.51
C MET E 160 30.84 -18.99 81.60
N ILE E 161 29.70 -18.50 81.17
CA ILE E 161 28.76 -17.81 82.05
C ILE E 161 27.48 -18.60 82.27
N GLY E 162 27.09 -18.69 83.53
CA GLY E 162 25.79 -19.23 83.89
C GLY E 162 25.61 -20.68 83.53
N GLN E 163 24.36 -21.12 83.62
CA GLN E 163 23.99 -22.52 83.47
C GLN E 163 24.13 -23.01 82.01
N ASN E 164 23.92 -22.10 81.06
CA ASN E 164 24.06 -22.40 79.64
C ASN E 164 25.50 -22.29 79.13
N GLN E 165 26.44 -22.01 80.04
CA GLN E 165 27.85 -21.94 79.75
C GLN E 165 28.15 -21.07 78.52
N VAL E 166 27.62 -19.85 78.56
CA VAL E 166 27.82 -18.88 77.49
C VAL E 166 29.28 -18.45 77.48
N LEU E 167 29.87 -18.44 76.29
CA LEU E 167 31.30 -18.15 76.13
C LEU E 167 31.62 -16.68 75.93
N GLY E 168 32.77 -16.31 76.48
CA GLY E 168 33.33 -14.98 76.29
C GLY E 168 34.82 -15.08 76.57
N PHE E 169 35.49 -13.93 76.57
CA PHE E 169 36.90 -13.87 76.94
C PHE E 169 37.14 -12.79 77.97
N ILE E 170 38.07 -13.06 78.87
CA ILE E 170 38.38 -12.10 79.91
C ILE E 170 39.18 -10.95 79.34
N GLY E 171 38.76 -9.73 79.63
CA GLY E 171 39.51 -8.56 79.28
C GLY E 171 39.30 -7.51 80.33
N THR E 172 39.31 -6.26 79.89
CA THR E 172 39.15 -5.11 80.76
C THR E 172 38.60 -3.96 79.93
N ASN E 173 38.34 -2.81 80.55
CA ASN E 173 37.71 -1.71 79.83
C ASN E 173 38.33 -0.36 80.21
N PHE E 174 37.70 0.73 79.80
CA PHE E 174 38.21 2.08 80.04
C PHE E 174 38.29 2.49 81.51
N LYS E 175 37.51 1.83 82.37
CA LYS E 175 37.52 2.11 83.80
C LYS E 175 38.33 1.06 84.56
N GLN E 176 39.21 0.34 83.86
CA GLN E 176 39.93 -0.80 84.45
C GLN E 176 39.08 -1.73 85.36
N GLU E 177 37.90 -2.10 84.86
CA GLU E 177 37.04 -3.12 85.49
C GLU E 177 37.36 -4.45 84.83
N LEU E 178 37.27 -5.55 85.56
CA LEU E 178 37.46 -6.87 84.97
C LEU E 178 36.17 -7.22 84.22
N VAL E 179 36.30 -7.57 82.94
CA VAL E 179 35.16 -7.71 82.07
C VAL E 179 35.20 -9.06 81.35
N VAL E 180 34.02 -9.63 81.09
CA VAL E 180 33.89 -10.68 80.08
C VAL E 180 33.41 -10.03 78.79
N ASP E 181 34.22 -10.21 77.75
CA ASP E 181 34.05 -9.53 76.49
C ASP E 181 33.68 -10.56 75.43
N PHE E 182 33.26 -10.08 74.26
CA PHE E 182 33.05 -10.93 73.07
C PHE E 182 31.83 -11.87 73.18
N ILE E 183 30.78 -11.46 73.87
CA ILE E 183 29.60 -12.28 74.01
C ILE E 183 28.59 -11.95 72.93
N VAL E 184 27.99 -12.99 72.35
CA VAL E 184 26.96 -12.79 71.34
C VAL E 184 25.78 -12.04 71.95
N PRO E 185 25.22 -11.09 71.21
CA PRO E 185 24.15 -10.28 71.78
C PRO E 185 22.85 -11.04 72.06
N SER E 186 22.65 -12.14 71.37
CA SER E 186 21.43 -12.92 71.50
C SER E 186 21.47 -13.88 72.67
N ALA E 187 22.59 -13.95 73.40
CA ALA E 187 22.73 -14.85 74.55
C ALA E 187 21.96 -14.35 75.78
N GLU E 188 21.42 -15.29 76.55
CA GLU E 188 20.69 -14.94 77.77
C GLU E 188 21.61 -15.14 78.96
N ILE E 189 22.12 -14.04 79.48
CA ILE E 189 22.91 -14.03 80.71
C ILE E 189 22.29 -13.03 81.67
N ASN E 190 22.40 -13.30 82.96
CA ASN E 190 21.77 -12.48 83.99
C ASN E 190 22.73 -12.03 85.08
N ILE E 191 22.41 -10.89 85.68
CA ILE E 191 23.20 -10.39 86.81
C ILE E 191 23.22 -11.45 87.89
N GLY E 192 24.40 -11.77 88.39
CA GLY E 192 24.56 -12.82 89.42
C GLY E 192 25.06 -14.15 88.89
N ASP E 193 25.01 -14.32 87.57
CA ASP E 193 25.48 -15.57 86.98
C ASP E 193 26.93 -15.84 87.37
N GLN E 194 27.21 -17.08 87.77
CA GLN E 194 28.55 -17.56 87.97
C GLN E 194 29.39 -17.47 86.69
N VAL E 195 30.66 -17.10 86.85
CA VAL E 195 31.59 -17.09 85.74
C VAL E 195 32.74 -18.05 86.05
N LEU E 196 32.91 -19.07 85.20
CA LEU E 196 33.94 -20.09 85.39
C LEU E 196 34.84 -20.18 84.19
N THR E 197 36.06 -20.66 84.38
CA THR E 197 36.92 -20.92 83.24
C THR E 197 36.25 -21.98 82.36
N SER E 198 36.31 -21.79 81.05
CA SER E 198 35.64 -22.69 80.12
C SER E 198 36.41 -23.99 79.92
N GLY E 199 37.71 -23.90 80.07
CA GLY E 199 38.56 -25.05 79.89
C GLY E 199 38.70 -25.48 78.46
N LEU E 200 38.41 -24.58 77.52
CA LEU E 200 38.59 -24.91 76.12
C LEU E 200 39.83 -24.27 75.49
N ASP E 201 40.48 -23.36 76.24
CA ASP E 201 41.54 -22.52 75.68
C ASP E 201 42.96 -23.10 75.79
N GLY E 202 43.08 -24.21 76.51
CA GLY E 202 44.37 -24.85 76.72
C GLY E 202 45.20 -24.10 77.73
N ILE E 203 44.54 -23.28 78.55
CA ILE E 203 45.20 -22.48 79.60
C ILE E 203 44.77 -22.98 80.98
N PHE E 204 43.45 -23.02 81.18
CA PHE E 204 42.84 -23.53 82.39
C PHE E 204 42.06 -24.79 82.05
N GLY E 205 41.87 -25.64 83.04
CA GLY E 205 40.82 -26.66 83.00
C GLY E 205 39.48 -25.99 83.27
N ALA E 206 38.40 -26.72 82.99
CA ALA E 206 37.06 -26.17 83.16
C ALA E 206 36.67 -26.04 84.62
N GLY E 207 35.87 -25.02 84.90
CA GLY E 207 35.13 -24.94 86.16
C GLY E 207 35.83 -24.21 87.29
N VAL E 208 36.95 -23.56 86.99
CA VAL E 208 37.64 -22.79 88.01
C VAL E 208 36.92 -21.48 88.15
N PHE E 209 36.79 -21.00 89.39
CA PHE E 209 35.98 -19.82 89.67
C PHE E 209 36.65 -18.54 89.21
N VAL E 210 35.88 -17.65 88.59
CA VAL E 210 36.38 -16.36 88.17
C VAL E 210 35.68 -15.23 88.89
N GLY E 211 34.34 -15.21 88.80
CA GLY E 211 33.53 -14.15 89.41
C GLY E 211 32.04 -14.28 89.16
N GLU E 212 31.33 -13.17 89.30
CA GLU E 212 29.90 -13.12 89.04
C GLU E 212 29.58 -11.88 88.21
N VAL E 213 28.57 -11.98 87.38
CA VAL E 213 28.17 -10.86 86.57
C VAL E 213 27.53 -9.79 87.45
N SER E 214 28.02 -8.56 87.39
CA SER E 214 27.39 -7.46 88.11
C SER E 214 26.57 -6.51 87.22
N SER E 215 26.99 -6.32 85.98
CA SER E 215 26.18 -5.56 85.01
C SER E 215 26.50 -6.08 83.61
N ILE E 216 25.71 -5.64 82.63
CA ILE E 216 25.84 -6.08 81.25
C ILE E 216 25.61 -4.91 80.30
N GLU E 217 26.60 -4.61 79.46
CA GLU E 217 26.46 -3.55 78.45
C GLU E 217 26.15 -4.19 77.11
N ASP E 218 25.15 -3.66 76.43
CA ASP E 218 24.80 -4.12 75.10
C ASP E 218 25.45 -3.17 74.12
N HIS E 219 26.26 -3.71 73.21
CA HIS E 219 26.94 -2.90 72.20
C HIS E 219 26.48 -3.27 70.80
N TYR E 220 25.30 -3.88 70.69
CA TYR E 220 24.70 -4.20 69.37
C TYR E 220 25.35 -5.43 68.67
N THR E 221 26.64 -5.33 68.38
CA THR E 221 27.42 -6.35 67.70
C THR E 221 27.86 -7.44 68.68
N TYR E 222 27.89 -7.06 69.96
CA TYR E 222 28.33 -7.96 71.02
C TYR E 222 27.85 -7.36 72.33
N LYS E 223 27.95 -8.12 73.41
CA LYS E 223 27.77 -7.57 74.74
C LYS E 223 28.95 -7.90 75.61
N SER E 224 29.09 -7.15 76.68
CA SER E 224 30.13 -7.40 77.68
C SER E 224 29.47 -7.54 79.04
N ALA E 225 30.17 -8.22 79.94
CA ALA E 225 29.68 -8.40 81.30
C ALA E 225 30.77 -7.97 82.27
N VAL E 226 30.42 -7.02 83.12
CA VAL E 226 31.34 -6.53 84.13
C VAL E 226 31.21 -7.42 85.34
N LEU E 227 32.33 -7.81 85.93
CA LEU E 227 32.32 -8.81 87.00
C LEU E 227 32.41 -8.19 88.38
N LYS E 228 31.95 -8.94 89.37
CA LYS E 228 32.17 -8.62 90.78
C LYS E 228 32.70 -9.91 91.43
N ASN E 229 33.23 -9.77 92.64
CA ASN E 229 33.80 -10.91 93.37
C ASN E 229 34.90 -11.64 92.60
N ALA E 230 35.58 -10.93 91.72
CA ALA E 230 36.70 -11.51 90.99
C ALA E 230 37.96 -11.04 91.64
N PHE E 231 39.05 -11.78 91.39
CA PHE E 231 40.33 -11.35 91.94
C PHE E 231 40.79 -10.09 91.24
N LEU E 232 41.07 -9.06 92.02
CA LEU E 232 41.51 -7.78 91.49
C LEU E 232 42.97 -7.71 91.92
N SER E 233 43.78 -7.15 91.04
CA SER E 233 45.25 -7.38 91.08
C SER E 233 45.99 -6.45 92.04
N GLY E 234 45.86 -6.73 93.33
CA GLY E 234 46.20 -5.78 94.37
C GLY E 234 47.59 -5.82 94.99
N ALA E 235 47.69 -5.24 96.18
CA ALA E 235 48.96 -4.88 96.78
C ALA E 235 49.80 -6.05 97.27
N LYS E 236 49.19 -7.21 97.51
CA LYS E 236 49.91 -8.30 98.19
C LYS E 236 50.62 -9.24 97.22
N LEU E 237 51.84 -9.62 97.56
CA LEU E 237 52.60 -10.66 96.81
C LEU E 237 52.31 -12.07 97.32
N LEU E 238 51.49 -12.82 96.57
CA LEU E 238 50.92 -14.06 97.08
C LEU E 238 51.92 -15.22 97.19
N ARG E 239 51.75 -16.06 98.20
CA ARG E 239 52.76 -17.07 98.50
C ARG E 239 52.39 -18.46 97.95
N HIS E 240 51.09 -18.69 97.80
CA HIS E 240 50.58 -19.99 97.38
C HIS E 240 49.77 -19.89 96.12
N VAL E 241 50.51 -19.64 95.04
CA VAL E 241 49.96 -19.64 93.66
C VAL E 241 50.32 -20.93 92.93
N PHE E 242 49.41 -21.44 92.11
CA PHE E 242 49.63 -22.69 91.34
C PHE E 242 49.50 -22.40 89.85
N LEU E 243 50.42 -22.94 89.07
CA LEU E 243 50.44 -22.75 87.64
C LEU E 243 49.66 -23.87 86.93
N SER E 244 48.81 -23.50 85.99
CA SER E 244 47.92 -24.47 85.34
C SER E 244 48.43 -24.94 83.99
N ASP E 245 48.85 -26.20 83.92
CA ASP E 245 49.49 -26.80 82.75
C ASP E 245 48.56 -27.83 82.12
N VAL E 246 47.92 -27.43 81.00
CA VAL E 246 47.00 -28.29 80.26
C VAL E 246 47.73 -28.95 79.10
N LYS E 247 47.66 -30.28 79.00
CA LYS E 247 48.35 -31.03 77.95
C LYS E 247 47.36 -31.84 77.12
N LYS F 92 -14.55 3.02 -94.39
CA LYS F 92 -15.30 2.88 -95.67
C LYS F 92 -16.82 2.95 -95.46
N MET F 93 -17.52 3.22 -96.56
CA MET F 93 -18.95 3.39 -96.58
C MET F 93 -19.54 3.18 -97.97
N THR F 94 -20.76 2.64 -98.03
CA THR F 94 -21.40 2.37 -99.31
C THR F 94 -22.78 2.98 -99.35
N TYR F 95 -23.16 3.50 -100.51
CA TYR F 95 -24.53 3.84 -100.79
C TYR F 95 -25.06 2.88 -101.84
N THR F 96 -26.21 2.25 -101.55
CA THR F 96 -26.87 1.38 -102.53
C THR F 96 -28.30 1.87 -102.71
N PRO F 97 -28.76 1.95 -103.96
CA PRO F 97 -30.11 2.47 -104.16
C PRO F 97 -31.19 1.44 -103.82
N THR F 98 -32.37 1.95 -103.50
CA THR F 98 -33.59 1.18 -103.30
C THR F 98 -34.74 2.14 -103.47
N PHE F 99 -35.97 1.68 -103.35
CA PHE F 99 -37.12 2.57 -103.37
C PHE F 99 -38.21 1.95 -102.52
N MET F 100 -39.16 2.78 -102.09
CA MET F 100 -40.26 2.34 -101.23
C MET F 100 -41.38 1.71 -102.07
N THR F 101 -41.90 0.57 -101.65
CA THR F 101 -42.94 -0.13 -102.39
C THR F 101 -44.30 0.09 -101.78
N SER F 102 -44.39 0.17 -100.46
CA SER F 102 -45.68 0.26 -99.79
C SER F 102 -45.49 0.62 -98.35
N PHE F 103 -46.55 1.10 -97.70
CA PHE F 103 -46.46 1.42 -96.27
C PHE F 103 -46.78 0.17 -95.48
N ILE F 104 -46.11 0.00 -94.35
CA ILE F 104 -46.30 -1.20 -93.56
C ILE F 104 -47.58 -1.02 -92.76
N SER F 105 -47.72 0.12 -92.09
CA SER F 105 -48.79 0.29 -91.11
C SER F 105 -49.99 0.97 -91.75
N LEU F 106 -51.17 0.65 -91.25
CA LEU F 106 -52.40 1.29 -91.70
C LEU F 106 -52.76 2.42 -90.75
N GLU F 107 -51.94 2.61 -89.72
CA GLU F 107 -52.21 3.64 -88.73
C GLU F 107 -51.34 4.89 -88.93
N ASP F 108 -50.28 4.76 -89.73
CA ASP F 108 -49.37 5.89 -89.99
C ASP F 108 -48.49 5.74 -91.23
N THR F 109 -47.85 6.85 -91.61
CA THR F 109 -46.94 6.90 -92.77
C THR F 109 -45.46 6.76 -92.40
N HIS F 110 -45.18 6.26 -91.21
CA HIS F 110 -43.83 6.32 -90.66
C HIS F 110 -42.96 5.07 -90.90
N SER F 111 -43.50 4.13 -91.65
CA SER F 111 -42.98 2.77 -91.71
C SER F 111 -43.22 2.25 -93.13
N VAL F 112 -42.16 1.84 -93.82
CA VAL F 112 -42.29 1.44 -95.21
C VAL F 112 -41.53 0.15 -95.56
N SER F 113 -42.04 -0.54 -96.58
CA SER F 113 -41.33 -1.63 -97.22
C SER F 113 -40.41 -1.11 -98.32
N LEU F 114 -39.18 -1.59 -98.33
CA LEU F 114 -38.20 -1.23 -99.33
C LEU F 114 -37.86 -2.37 -100.26
N ASN F 115 -37.44 -2.02 -101.46
CA ASN F 115 -37.01 -3.01 -102.41
C ASN F 115 -35.77 -3.71 -101.91
N PRO F 116 -35.78 -5.07 -101.87
CA PRO F 116 -34.67 -5.85 -101.32
C PRO F 116 -33.32 -5.44 -101.89
N ILE F 117 -32.29 -5.56 -101.06
CA ILE F 117 -30.91 -5.29 -101.48
C ILE F 117 -30.04 -6.48 -101.14
N VAL F 118 -29.28 -6.93 -102.13
CA VAL F 118 -28.59 -8.20 -102.03
C VAL F 118 -27.62 -8.23 -100.83
N ASN F 119 -27.41 -9.43 -100.30
CA ASN F 119 -26.69 -9.70 -99.02
C ASN F 119 -26.33 -8.49 -98.12
N LEU F 120 -27.36 -8.08 -97.38
CA LEU F 120 -27.19 -7.24 -96.22
C LEU F 120 -27.10 -8.14 -94.99
N GLU F 121 -26.69 -7.58 -93.87
CA GLU F 121 -26.73 -8.30 -92.59
C GLU F 121 -28.06 -8.07 -91.88
N GLU F 122 -28.55 -9.13 -91.25
CA GLU F 122 -29.83 -9.07 -90.60
C GLU F 122 -29.69 -8.35 -89.28
N ASN F 123 -30.67 -7.51 -88.97
CA ASN F 123 -30.70 -6.74 -87.75
C ASN F 123 -29.67 -5.62 -87.64
N LYS F 124 -28.79 -5.49 -88.62
CA LYS F 124 -27.90 -4.34 -88.64
C LYS F 124 -28.73 -3.12 -89.01
N ILE F 125 -28.49 -2.02 -88.34
CA ILE F 125 -29.21 -0.78 -88.60
C ILE F 125 -28.50 0.09 -89.63
N TYR F 126 -29.17 0.30 -90.76
CA TYR F 126 -28.63 1.09 -91.87
C TYR F 126 -29.30 2.45 -91.89
N GLY F 127 -28.65 3.42 -92.52
CA GLY F 127 -29.21 4.75 -92.68
C GLY F 127 -29.93 4.88 -94.01
N LEU F 128 -30.96 5.72 -94.04
CA LEU F 128 -31.66 6.08 -95.29
C LEU F 128 -31.48 7.55 -95.65
N VAL F 129 -31.15 7.78 -96.92
CA VAL F 129 -30.91 9.11 -97.46
C VAL F 129 -31.74 9.27 -98.71
N SER F 130 -32.33 10.45 -98.93
CA SER F 130 -33.00 10.71 -100.20
C SER F 130 -32.41 11.89 -100.95
N HIS F 131 -32.93 13.10 -100.74
CA HIS F 131 -32.43 14.20 -101.55
C HIS F 131 -31.34 14.86 -100.74
N ASN F 132 -30.23 14.12 -100.63
CA ASN F 132 -29.09 14.50 -99.81
C ASN F 132 -29.43 14.90 -98.38
N GLN F 133 -30.38 14.14 -97.81
CA GLN F 133 -30.88 14.36 -96.46
C GLN F 133 -31.14 13.01 -95.76
N ALA F 134 -31.01 12.98 -94.44
CA ALA F 134 -31.36 11.80 -93.66
C ALA F 134 -32.88 11.76 -93.43
N ILE F 135 -33.48 10.66 -93.89
CA ILE F 135 -34.94 10.45 -93.78
C ILE F 135 -35.33 9.41 -92.74
N GLY F 136 -34.39 8.53 -92.36
CA GLY F 136 -34.68 7.50 -91.38
C GLY F 136 -33.68 6.38 -91.41
N ILE F 137 -34.08 5.21 -90.93
CA ILE F 137 -33.20 4.06 -90.89
C ILE F 137 -33.89 2.86 -91.48
N ALA F 138 -33.12 1.79 -91.68
CA ALA F 138 -33.62 0.60 -92.34
C ALA F 138 -33.01 -0.63 -91.71
N VAL F 139 -33.83 -1.65 -91.52
CA VAL F 139 -33.36 -2.92 -91.01
C VAL F 139 -33.86 -4.07 -91.85
N LEU F 140 -32.98 -5.05 -92.10
CA LEU F 140 -33.42 -6.31 -92.69
C LEU F 140 -33.88 -7.25 -91.56
N GLU F 141 -35.12 -7.71 -91.62
CA GLU F 141 -35.67 -8.64 -90.63
C GLU F 141 -36.49 -9.70 -91.36
N LYS F 142 -36.21 -10.96 -91.07
CA LYS F 142 -36.90 -12.09 -91.71
C LYS F 142 -37.08 -11.83 -93.20
N GLY F 143 -36.00 -11.52 -93.89
CA GLY F 143 -36.07 -11.40 -95.34
C GLY F 143 -36.74 -10.16 -95.91
N ARG F 144 -37.20 -9.25 -95.05
CA ARG F 144 -37.88 -8.00 -95.49
C ARG F 144 -37.07 -6.76 -95.14
N LEU F 145 -36.90 -5.87 -96.10
CA LEU F 145 -36.15 -4.66 -95.86
C LEU F 145 -37.08 -3.54 -95.43
N ASN F 146 -37.03 -3.18 -94.15
CA ASN F 146 -38.01 -2.27 -93.57
C ASN F 146 -37.40 -0.93 -93.24
N GLY F 147 -38.07 0.10 -93.69
CA GLY F 147 -37.66 1.48 -93.42
C GLY F 147 -38.48 2.09 -92.30
N PHE F 148 -37.79 2.54 -91.26
CA PHE F 148 -38.43 3.27 -90.18
C PHE F 148 -37.99 4.72 -90.29
N LEU F 149 -38.92 5.56 -90.71
CA LEU F 149 -38.60 6.94 -91.09
C LEU F 149 -38.48 7.86 -89.88
N ASN F 150 -38.07 9.10 -90.12
CA ASN F 150 -37.82 10.06 -89.03
C ASN F 150 -38.80 10.05 -87.86
N ALA F 151 -40.12 9.97 -88.08
CA ALA F 151 -41.07 10.12 -86.95
C ALA F 151 -41.34 8.82 -86.17
N HIS F 152 -40.80 7.71 -86.67
CA HIS F 152 -41.13 6.40 -86.13
C HIS F 152 -40.46 6.16 -84.78
N LYS F 153 -41.15 5.44 -83.92
CA LYS F 153 -40.63 5.19 -82.56
C LYS F 153 -39.30 4.45 -82.59
N ARG F 154 -39.02 3.67 -83.63
CA ARG F 154 -37.76 2.90 -83.72
C ARG F 154 -36.63 3.61 -84.47
N CYS F 155 -36.94 4.76 -85.07
CA CYS F 155 -35.92 5.52 -85.77
C CYS F 155 -35.13 6.37 -84.82
N ALA F 156 -33.84 6.08 -84.69
CA ALA F 156 -32.92 6.91 -83.89
C ALA F 156 -31.52 6.84 -84.47
N TYR F 157 -30.79 7.94 -84.40
CA TYR F 157 -29.39 7.92 -84.85
C TYR F 157 -28.64 9.15 -84.35
N SER F 158 -27.31 9.14 -84.51
CA SER F 158 -26.46 10.18 -83.95
C SER F 158 -26.23 11.37 -84.87
N VAL F 159 -26.43 12.56 -84.33
CA VAL F 159 -26.27 13.79 -85.08
C VAL F 159 -25.38 14.75 -84.32
N MET F 160 -24.91 15.77 -85.04
CA MET F 160 -24.06 16.80 -84.44
C MET F 160 -24.51 18.18 -84.86
N ILE F 161 -24.46 19.10 -83.90
CA ILE F 161 -25.05 20.41 -84.07
C ILE F 161 -24.01 21.52 -84.15
N GLY F 162 -24.20 22.39 -85.13
CA GLY F 162 -23.37 23.57 -85.26
C GLY F 162 -21.92 23.24 -85.59
N GLN F 163 -21.09 24.27 -85.52
CA GLN F 163 -19.71 24.17 -85.98
C GLN F 163 -18.83 23.39 -85.00
N ASN F 164 -19.19 23.44 -83.72
CA ASN F 164 -18.48 22.67 -82.70
C ASN F 164 -19.02 21.25 -82.53
N GLN F 165 -19.90 20.85 -83.44
CA GLN F 165 -20.33 19.46 -83.55
C GLN F 165 -20.82 18.88 -82.21
N VAL F 166 -21.74 19.60 -81.57
CA VAL F 166 -22.35 19.12 -80.34
C VAL F 166 -23.22 17.89 -80.62
N LEU F 167 -23.05 16.83 -79.83
CA LEU F 167 -23.70 15.54 -80.07
C LEU F 167 -25.05 15.39 -79.40
N GLY F 168 -25.94 14.70 -80.09
CA GLY F 168 -27.26 14.36 -79.58
C GLY F 168 -27.77 13.14 -80.33
N PHE F 169 -29.00 12.72 -80.03
CA PHE F 169 -29.61 11.60 -80.78
C PHE F 169 -31.00 11.99 -81.28
N ILE F 170 -31.32 11.52 -82.48
CA ILE F 170 -32.59 11.86 -83.08
C ILE F 170 -33.70 11.09 -82.41
N GLY F 171 -34.75 11.80 -82.02
CA GLY F 171 -35.93 11.15 -81.48
C GLY F 171 -37.12 12.02 -81.75
N THR F 172 -38.06 12.05 -80.82
CA THR F 172 -39.27 12.86 -80.97
C THR F 172 -39.72 13.30 -79.57
N ASN F 173 -40.87 13.96 -79.50
CA ASN F 173 -41.40 14.40 -78.21
C ASN F 173 -42.92 14.17 -78.15
N PHE F 174 -43.60 14.72 -77.14
CA PHE F 174 -45.02 14.45 -76.95
C PHE F 174 -45.92 15.06 -78.03
N LYS F 175 -45.39 16.04 -78.77
CA LYS F 175 -46.13 16.66 -79.88
C LYS F 175 -45.70 16.10 -81.23
N GLN F 176 -45.08 14.93 -81.23
CA GLN F 176 -44.51 14.32 -82.44
C GLN F 176 -43.77 15.31 -83.37
N GLU F 177 -42.90 16.12 -82.76
CA GLU F 177 -41.96 16.99 -83.50
C GLU F 177 -40.65 16.21 -83.60
N LEU F 178 -39.88 16.42 -84.67
CA LEU F 178 -38.58 15.76 -84.79
C LEU F 178 -37.59 16.52 -83.89
N VAL F 179 -36.91 15.79 -83.00
CA VAL F 179 -36.16 16.40 -81.95
C VAL F 179 -34.75 15.83 -81.90
N VAL F 180 -33.78 16.66 -81.52
CA VAL F 180 -32.49 16.17 -81.06
C VAL F 180 -32.52 16.13 -79.54
N ASP F 181 -32.30 14.92 -79.01
CA ASP F 181 -32.45 14.63 -77.60
C ASP F 181 -31.05 14.35 -77.02
N PHE F 182 -30.96 14.32 -75.68
CA PHE F 182 -29.77 13.87 -74.98
C PHE F 182 -28.56 14.82 -75.07
N ILE F 183 -28.80 16.14 -75.17
CA ILE F 183 -27.71 17.10 -75.27
C ILE F 183 -27.30 17.62 -73.89
N VAL F 184 -26.01 17.75 -73.67
CA VAL F 184 -25.50 18.29 -72.42
C VAL F 184 -25.99 19.73 -72.22
N PRO F 185 -26.41 20.06 -70.99
CA PRO F 185 -27.05 21.35 -70.79
C PRO F 185 -26.08 22.54 -70.91
N SER F 186 -24.79 22.30 -70.70
CA SER F 186 -23.82 23.37 -70.73
C SER F 186 -23.37 23.72 -72.14
N ALA F 187 -23.85 22.97 -73.15
CA ALA F 187 -23.42 23.17 -74.54
C ALA F 187 -23.99 24.42 -75.17
N GLU F 188 -23.20 25.05 -76.04
CA GLU F 188 -23.59 26.28 -76.70
C GLU F 188 -24.07 25.96 -78.09
N ILE F 189 -25.38 25.92 -78.25
CA ILE F 189 -26.05 25.69 -79.52
C ILE F 189 -27.06 26.81 -79.69
N ASN F 190 -27.30 27.22 -80.93
CA ASN F 190 -28.12 28.38 -81.24
C ASN F 190 -29.19 28.07 -82.27
N ILE F 191 -30.30 28.81 -82.20
CA ILE F 191 -31.36 28.65 -83.18
C ILE F 191 -30.77 28.91 -84.57
N GLY F 192 -31.01 28.00 -85.51
CA GLY F 192 -30.48 28.13 -86.87
C GLY F 192 -29.27 27.24 -87.13
N ASP F 193 -28.66 26.72 -86.08
CA ASP F 193 -27.52 25.82 -86.25
C ASP F 193 -27.89 24.64 -87.14
N GLN F 194 -27.00 24.34 -88.09
CA GLN F 194 -27.11 23.14 -88.91
C GLN F 194 -27.06 21.88 -88.05
N VAL F 195 -27.85 20.87 -88.41
CA VAL F 195 -27.81 19.58 -87.77
C VAL F 195 -27.43 18.51 -88.82
N LEU F 196 -26.31 17.84 -88.59
CA LEU F 196 -25.77 16.87 -89.54
C LEU F 196 -25.58 15.53 -88.86
N THR F 197 -25.59 14.45 -89.63
CA THR F 197 -25.28 13.15 -89.05
C THR F 197 -23.84 13.20 -88.55
N SER F 198 -23.60 12.61 -87.37
CA SER F 198 -22.29 12.67 -86.73
C SER F 198 -21.30 11.69 -87.35
N GLY F 199 -21.83 10.62 -87.90
CA GLY F 199 -21.01 9.60 -88.49
C GLY F 199 -20.23 8.78 -87.49
N LEU F 200 -20.66 8.79 -86.23
CA LEU F 200 -20.00 7.98 -85.21
C LEU F 200 -20.75 6.72 -84.84
N ASP F 201 -21.97 6.58 -85.33
CA ASP F 201 -22.88 5.53 -84.86
C ASP F 201 -22.83 4.24 -85.66
N GLY F 202 -22.12 4.26 -86.79
CA GLY F 202 -22.05 3.11 -87.67
C GLY F 202 -23.32 2.89 -88.47
N ILE F 203 -24.10 3.97 -88.61
CA ILE F 203 -25.34 3.97 -89.40
C ILE F 203 -25.18 4.87 -90.64
N PHE F 204 -24.80 6.11 -90.38
CA PHE F 204 -24.52 7.11 -91.41
C PHE F 204 -23.05 7.45 -91.37
N GLY F 205 -22.52 7.90 -92.50
CA GLY F 205 -21.29 8.66 -92.50
C GLY F 205 -21.57 10.07 -92.03
N ALA F 206 -20.50 10.81 -91.75
CA ALA F 206 -20.63 12.15 -91.22
C ALA F 206 -21.08 13.13 -92.28
N GLY F 207 -21.82 14.14 -91.82
CA GLY F 207 -22.07 15.36 -92.59
C GLY F 207 -23.30 15.34 -93.47
N VAL F 208 -24.13 14.30 -93.37
CA VAL F 208 -25.36 14.27 -94.15
C VAL F 208 -26.35 15.19 -93.46
N PHE F 209 -27.13 15.93 -94.26
CA PHE F 209 -27.99 16.96 -93.69
C PHE F 209 -29.22 16.37 -93.00
N VAL F 210 -29.57 16.91 -91.84
CA VAL F 210 -30.75 16.46 -91.14
C VAL F 210 -31.77 17.57 -91.03
N GLY F 211 -31.36 18.72 -90.50
CA GLY F 211 -32.25 19.86 -90.28
C GLY F 211 -31.56 21.05 -89.62
N GLU F 212 -32.36 21.96 -89.08
CA GLU F 212 -31.85 23.13 -88.38
C GLU F 212 -32.57 23.28 -87.07
N VAL F 213 -31.87 23.79 -86.07
CA VAL F 213 -32.49 24.01 -84.77
C VAL F 213 -33.50 25.16 -84.86
N SER F 214 -34.75 24.90 -84.46
CA SER F 214 -35.76 25.95 -84.46
C SER F 214 -36.06 26.47 -83.04
N SER F 215 -35.98 25.59 -82.03
CA SER F 215 -36.07 26.02 -80.65
C SER F 215 -35.27 25.05 -79.79
N ILE F 216 -35.09 25.42 -78.53
CA ILE F 216 -34.27 24.66 -77.61
C ILE F 216 -34.91 24.69 -76.23
N GLU F 217 -35.23 23.51 -75.68
CA GLU F 217 -35.81 23.43 -74.33
C GLU F 217 -34.70 23.03 -73.39
N ASP F 218 -34.60 23.73 -72.27
CA ASP F 218 -33.65 23.37 -71.23
C ASP F 218 -34.42 22.58 -70.20
N HIS F 219 -33.93 21.39 -69.90
CA HIS F 219 -34.54 20.53 -68.88
C HIS F 219 -33.64 20.38 -67.67
N TYR F 220 -32.67 21.27 -67.52
CA TYR F 220 -31.72 21.26 -66.40
C TYR F 220 -30.65 20.15 -66.51
N THR F 221 -31.08 18.90 -66.55
CA THR F 221 -30.18 17.76 -66.61
C THR F 221 -29.77 17.44 -68.03
N TYR F 222 -30.51 18.01 -68.98
CA TYR F 222 -30.16 17.86 -70.42
C TYR F 222 -30.94 18.92 -71.18
N LYS F 223 -30.62 19.12 -72.46
CA LYS F 223 -31.49 19.93 -73.31
C LYS F 223 -31.88 19.19 -74.54
N SER F 224 -32.95 19.67 -75.18
CA SER F 224 -33.41 19.13 -76.46
C SER F 224 -33.47 20.25 -77.48
N ALA F 225 -33.40 19.87 -78.74
CA ALA F 225 -33.51 20.84 -79.82
C ALA F 225 -34.57 20.36 -80.79
N VAL F 226 -35.57 21.20 -81.01
CA VAL F 226 -36.61 20.89 -81.96
C VAL F 226 -36.16 21.38 -83.32
N LEU F 227 -36.34 20.55 -84.34
CA LEU F 227 -35.78 20.84 -85.66
C LEU F 227 -36.81 21.42 -86.59
N LYS F 228 -36.33 22.18 -87.57
CA LYS F 228 -37.15 22.55 -88.71
C LYS F 228 -36.40 22.18 -89.98
N ASN F 229 -37.11 22.17 -91.09
CA ASN F 229 -36.53 21.79 -92.39
C ASN F 229 -35.95 20.40 -92.38
N ALA F 230 -36.51 19.54 -91.53
CA ALA F 230 -36.12 18.13 -91.52
C ALA F 230 -37.17 17.35 -92.27
N PHE F 231 -36.81 16.16 -92.73
CA PHE F 231 -37.74 15.35 -93.49
C PHE F 231 -38.84 14.84 -92.60
N LEU F 232 -40.08 15.13 -93.02
CA LEU F 232 -41.30 14.82 -92.32
C LEU F 232 -41.81 13.57 -93.02
N SER F 233 -42.24 12.58 -92.27
CA SER F 233 -42.49 11.24 -92.84
C SER F 233 -43.88 11.07 -93.51
N GLY F 234 -43.99 11.66 -94.70
CA GLY F 234 -45.29 11.93 -95.28
C GLY F 234 -45.88 10.94 -96.27
N ALA F 235 -46.82 11.46 -97.04
CA ALA F 235 -47.71 10.61 -97.85
C ALA F 235 -47.05 9.96 -99.05
N LYS F 236 -45.90 10.45 -99.48
CA LYS F 236 -45.33 9.99 -100.75
C LYS F 236 -44.41 8.77 -100.60
N LEU F 237 -44.54 7.82 -101.54
CA LEU F 237 -43.66 6.64 -101.60
C LEU F 237 -42.43 6.92 -102.48
N LEU F 238 -41.31 7.22 -101.85
CA LEU F 238 -40.18 7.87 -102.53
C LEU F 238 -39.41 6.93 -103.46
N ARG F 239 -38.89 7.47 -104.54
CA ARG F 239 -38.38 6.69 -105.65
C ARG F 239 -36.85 6.55 -105.64
N HIS F 240 -36.19 7.60 -105.16
CA HIS F 240 -34.73 7.72 -105.24
C HIS F 240 -34.07 7.81 -103.86
N VAL F 241 -34.20 6.71 -103.14
CA VAL F 241 -33.66 6.52 -101.81
C VAL F 241 -32.40 5.64 -101.85
N PHE F 242 -31.41 5.99 -101.03
CA PHE F 242 -30.14 5.26 -100.95
C PHE F 242 -29.90 4.72 -99.54
N LEU F 243 -29.40 3.49 -99.47
CA LEU F 243 -29.15 2.84 -98.19
C LEU F 243 -27.71 3.06 -97.77
N SER F 244 -27.51 3.44 -96.51
CA SER F 244 -26.16 3.77 -96.03
C SER F 244 -25.52 2.64 -95.26
N ASP F 245 -24.50 2.02 -95.83
CA ASP F 245 -23.83 0.84 -95.26
C ASP F 245 -22.42 1.18 -94.80
N VAL F 246 -22.24 1.38 -93.50
CA VAL F 246 -20.93 1.69 -92.89
C VAL F 246 -20.42 0.41 -92.26
N LYS F 247 -19.20 -0.05 -92.54
CA LYS F 247 -18.79 -1.42 -92.13
C LYS F 247 -17.95 -1.60 -90.83
#